data_8V8H
#
_entry.id   8V8H
#
_cell.length_a   233.850
_cell.length_b   157.770
_cell.length_c   121.900
_cell.angle_alpha   90.000
_cell.angle_beta   112.660
_cell.angle_gamma   90.000
#
_symmetry.space_group_name_H-M   'C 1 2 1'
#
loop_
_entity.id
_entity.type
_entity.pdbx_description
1 polymer 'Phosphatidylinositol 4,5-bisphosphate 3-kinase catalytic subunit alpha isoform'
2 polymer 'Phosphatidylinositol 3-kinase regulatory subunit alpha'
3 non-polymer '2-({(1R)-1-[2-(4,4-dimethylpiperidin-1-yl)-3,6-dimethyl-4-oxo-4H-1-benzopyran-8-yl]ethyl}amino)benzoic acid'
4 non-polymer "(2S)-N~1~-[(4P)-2-tert-butyl-4'-methyl[4,5'-bi-1,3-thiazol]-2'-yl]pyrrolidine-1,2-dicarboxamide"
#
loop_
_entity_poly.entity_id
_entity_poly.type
_entity_poly.pdbx_seq_one_letter_code
_entity_poly.pdbx_strand_id
1 'polypeptide(L)'
;AMGSMPPRPSSGELWGIHLMPPRILVECLLPNGMIVTLECLREATLITIKHELFKEARKYPLHQLLQDESSYIFVSVTQE
AEREEFFDETRRLCDLRLFQPFLKVIEPVGNREEKILNREIGFAIGMPVCEFDMVKDPEVQDFRRNILNVCKEAVDLRDL
NSPHSRAMYVYPPNVESSPELPKHIYNKLDKGQIIVVIWVIVSPNNDKQKYTLKINHDCVPEQVIAEAIRKKTRSMLLSS
EQLKLCVLEYQGKYILKVCGCDEYFLEKYPLSQYKYIRSCIMLGRMPNLMLMAKESLYSQLPMDCFTMPSYSRRISTATP
YMNGETSTKSLWVINSALRIKILCATYVNVNIRDIDKIYVRTGIYHGGEPLCDNVNTQRVPCSNPRWNEWLNYDIYIPDL
PRAARLCLSICSVKGRKGAKEEHCPLAWGNINLFDYTDTLVSGKMALNLWPVPHGLEDLLNPIGVTGSNPNKETPCLELE
FDWFSSVVKFPDMSVIEEHANWSVSREAGFSYSHAGLSNRLARDNELRENDKEQLKAISTRDPLSEITEQEKDFLWSHRH
YCVTIPEILPKLLLSVKWNSRDEVAQMYCLVKDWPPIKPEQAMELLDCNYPDPMVRGFAVRCLEKYLTDDKLSQYLIQLV
QVLKYEQYLDNLLVRFLLKKALTNQRIGHFFFWHLKSEMHNKTVSQRFGLLLESYCRACGMYLKHLNRQVEAMEKLINLT
DILKQEKKDETQKVQMKFLVEQMRRPDFMDALQGFLSPLNPAHQLGNLRLEECRIMSSAKRPLWLNWENPDIMSELLFQN
NEIIFKNGDDLRQDMLTLQIIRIMENIWQNQGLDLRMLPYGCLSIGDCVGLIEVVRNSHTIMQIQCKGGLKGALQFNSHT
LHQWLKDKNKGEIYDAAIDLFTRSCAGYCVATFILGIGDRHNSNIMVKDDGQLFHIDFGHFLDHKKKKFGYKRERVPFVL
TQDFLIVISKGAQECTKTREFERFQEMCYKAYLAIRQHANLFINLFSMMLGSGMPELQSFDDIAYIRKTLALDKTEQEAL
EYFMKQMNDARHGGWTTKMDWIFHTIKQHALN
;
A,C
2 'polypeptide(L)'
;MNNNMSLQDAEWYWGDISREEVNEKLRDTADGTFLVRDASTKMHGDYTLTLRKGGNNKLIKIFHRDGKYGFSDPLTFSSV
VELINHYRNESLAQYNPKLDVKLLYPVSKYQQDQVVKEDNIEAVGKKLHEYNTQFQEKSREYDRLYEEYTRTSQEIQMKR
TAIEAFNETIKIFEEQCQTQERYSKEYIEKFKREGNEKEIQRIMHNYDKLKSRISEIIDSRRRLEEDLKKQAAEYREIDK
RMNSIKPDLIQLRKTRDQYLMWLTQKGVRQKKLNEWLGN
;
B,D
#
loop_
_chem_comp.id
_chem_comp.type
_chem_comp.name
_chem_comp.formula
YNZ non-polymer (2S)-N~1~-[(4P)-2-tert-butyl-4'-methyl[4,5'-bi-1,3-thiazol]-2'-yl]pyrrolidine-1,2-dicarboxamide 'C17 H23 N5 O2 S2'
YO4 non-polymer '2-({(1R)-1-[2-(4,4-dimethylpiperidin-1-yl)-3,6-dimethyl-4-oxo-4H-1-benzopyran-8-yl]ethyl}amino)benzoic acid' 'C27 H32 N2 O4'
#
# COMPACT_ATOMS: atom_id res chain seq x y z
N PRO A 6 16.72 -1.67 -47.44
CA PRO A 6 16.64 -0.27 -47.01
C PRO A 6 15.38 0.04 -46.18
N PRO A 7 15.56 0.52 -44.95
CA PRO A 7 14.40 0.86 -44.11
C PRO A 7 13.49 1.89 -44.76
N ARG A 8 12.21 1.84 -44.39
CA ARG A 8 11.25 2.74 -45.01
C ARG A 8 11.49 4.17 -44.53
N PRO A 9 11.07 5.17 -45.31
CA PRO A 9 11.44 6.55 -45.00
C PRO A 9 10.46 7.29 -44.10
N SER A 10 9.18 6.92 -44.19
CA SER A 10 8.12 7.57 -43.41
C SER A 10 7.33 6.50 -42.66
N SER A 11 6.67 6.94 -41.58
CA SER A 11 5.81 6.05 -40.81
C SER A 11 4.39 6.04 -41.35
N GLY A 12 4.21 6.35 -42.63
CA GLY A 12 2.90 6.31 -43.24
C GLY A 12 2.38 4.90 -43.39
N GLU A 13 1.11 4.81 -43.76
CA GLU A 13 0.43 3.52 -43.88
C GLU A 13 0.52 2.94 -45.28
N LEU A 14 0.60 3.79 -46.30
CA LEU A 14 0.93 3.41 -47.66
C LEU A 14 2.08 4.29 -48.13
N TRP A 15 2.72 3.89 -49.23
CA TRP A 15 3.88 4.62 -49.75
C TRP A 15 3.48 6.04 -50.14
N GLY A 16 3.96 7.03 -49.39
CA GLY A 16 3.66 8.42 -49.69
C GLY A 16 2.34 8.92 -49.16
N ILE A 17 1.63 8.12 -48.38
CA ILE A 17 0.41 8.56 -47.72
C ILE A 17 0.54 8.28 -46.23
N HIS A 18 0.35 9.33 -45.41
CA HIS A 18 0.45 9.16 -43.97
C HIS A 18 -0.70 8.32 -43.41
N LEU A 19 -1.94 8.67 -43.77
CA LEU A 19 -3.13 7.97 -43.30
C LEU A 19 -3.95 7.42 -44.47
N MET A 20 -4.36 6.16 -44.35
CA MET A 20 -5.33 5.59 -45.29
C MET A 20 -6.67 6.27 -45.13
N PRO A 21 -7.31 6.66 -46.23
CA PRO A 21 -8.71 7.08 -46.17
C PRO A 21 -9.56 6.01 -45.52
N PRO A 22 -10.61 6.41 -44.78
CA PRO A 22 -11.44 5.44 -44.04
C PRO A 22 -11.80 4.17 -44.79
N ARG A 23 -11.98 4.25 -46.10
CA ARG A 23 -12.32 3.10 -46.93
C ARG A 23 -11.38 3.03 -48.12
N ILE A 24 -10.71 1.88 -48.28
CA ILE A 24 -9.69 1.68 -49.29
C ILE A 24 -10.10 0.54 -50.22
N LEU A 25 -9.76 0.67 -51.49
CA LEU A 25 -9.92 -0.43 -52.44
C LEU A 25 -8.64 -1.25 -52.45
N VAL A 26 -8.76 -2.56 -52.24
CA VAL A 26 -7.62 -3.45 -52.09
C VAL A 26 -7.73 -4.53 -53.17
N GLU A 27 -6.70 -4.63 -54.00
CA GLU A 27 -6.66 -5.66 -55.04
C GLU A 27 -6.23 -6.98 -54.42
N CYS A 28 -7.16 -7.93 -54.31
CA CYS A 28 -6.87 -9.23 -53.73
C CYS A 28 -6.57 -10.21 -54.87
N LEU A 29 -5.39 -10.81 -54.81
CA LEU A 29 -5.00 -11.84 -55.76
C LEU A 29 -5.32 -13.18 -55.11
N LEU A 30 -6.31 -13.88 -55.65
CA LEU A 30 -6.77 -15.11 -55.04
C LEU A 30 -5.85 -16.28 -55.39
N PRO A 31 -5.93 -17.38 -54.63
CA PRO A 31 -5.05 -18.53 -54.90
C PRO A 31 -5.43 -19.35 -56.13
N ASN A 32 -6.50 -18.98 -56.83
CA ASN A 32 -6.83 -19.57 -58.12
C ASN A 32 -6.53 -18.64 -59.28
N GLY A 33 -5.78 -17.56 -59.05
CA GLY A 33 -5.39 -16.65 -60.11
C GLY A 33 -6.38 -15.57 -60.44
N MET A 34 -7.38 -15.34 -59.60
CA MET A 34 -8.43 -14.35 -59.85
C MET A 34 -8.14 -13.09 -59.04
N ILE A 35 -8.15 -11.93 -59.70
CA ILE A 35 -8.00 -10.65 -59.02
C ILE A 35 -9.39 -10.07 -58.75
N VAL A 36 -9.61 -9.65 -57.51
CA VAL A 36 -10.88 -9.11 -57.05
C VAL A 36 -10.60 -7.85 -56.23
N THR A 37 -11.02 -6.70 -56.74
CA THR A 37 -10.90 -5.47 -55.96
C THR A 37 -11.99 -5.42 -54.91
N LEU A 38 -11.59 -5.26 -53.64
CA LEU A 38 -12.49 -5.34 -52.49
C LEU A 38 -12.35 -4.08 -51.64
N GLU A 39 -13.49 -3.48 -51.28
CA GLU A 39 -13.48 -2.31 -50.40
C GLU A 39 -13.36 -2.75 -48.95
N CYS A 40 -12.28 -2.34 -48.29
CA CYS A 40 -12.01 -2.64 -46.89
C CYS A 40 -12.00 -1.35 -46.09
N LEU A 41 -12.32 -1.47 -44.81
CA LEU A 41 -12.10 -0.38 -43.87
C LEU A 41 -10.62 -0.31 -43.52
N ARG A 42 -10.10 0.92 -43.36
CA ARG A 42 -8.68 1.07 -43.11
C ARG A 42 -8.24 0.38 -41.82
N GLU A 43 -9.14 0.28 -40.84
CA GLU A 43 -8.82 -0.33 -39.56
C GLU A 43 -9.09 -1.82 -39.55
N ALA A 44 -9.63 -2.38 -40.63
CA ALA A 44 -10.13 -3.74 -40.60
C ALA A 44 -9.01 -4.75 -40.43
N THR A 45 -9.28 -5.79 -39.65
CA THR A 45 -8.30 -6.84 -39.43
C THR A 45 -8.16 -7.71 -40.68
N LEU A 46 -7.07 -8.45 -40.73
CA LEU A 46 -6.91 -9.40 -41.82
C LEU A 46 -7.95 -10.50 -41.76
N ILE A 47 -8.37 -10.89 -40.55
CA ILE A 47 -9.41 -11.91 -40.40
C ILE A 47 -10.67 -11.53 -41.18
N THR A 48 -11.23 -10.35 -40.89
CA THR A 48 -12.46 -9.93 -41.55
C THR A 48 -12.23 -9.62 -43.03
N ILE A 49 -11.06 -9.07 -43.38
CA ILE A 49 -10.77 -8.83 -44.80
C ILE A 49 -10.76 -10.14 -45.56
N LYS A 50 -10.12 -11.18 -45.01
CA LYS A 50 -10.12 -12.50 -45.62
C LYS A 50 -11.53 -13.07 -45.70
N HIS A 51 -12.33 -12.89 -44.65
CA HIS A 51 -13.69 -13.43 -44.65
C HIS A 51 -14.53 -12.77 -45.74
N GLU A 52 -14.53 -11.43 -45.79
CA GLU A 52 -15.34 -10.73 -46.78
C GLU A 52 -14.77 -10.88 -48.18
N LEU A 53 -13.49 -11.22 -48.28
CA LEU A 53 -12.91 -11.56 -49.58
C LEU A 53 -13.42 -12.90 -50.07
N PHE A 54 -13.27 -13.94 -49.25
CA PHE A 54 -13.74 -15.25 -49.66
C PHE A 54 -15.26 -15.31 -49.80
N LYS A 55 -15.99 -14.41 -49.14
CA LYS A 55 -17.41 -14.29 -49.40
C LYS A 55 -17.65 -13.66 -50.77
N GLU A 56 -17.11 -12.47 -51.01
CA GLU A 56 -17.36 -11.84 -52.30
C GLU A 56 -16.52 -12.44 -53.42
N ALA A 57 -15.61 -13.37 -53.12
CA ALA A 57 -14.85 -14.06 -54.16
C ALA A 57 -15.59 -15.25 -54.74
N ARG A 58 -16.67 -15.69 -54.09
CA ARG A 58 -17.52 -16.73 -54.67
C ARG A 58 -18.35 -16.20 -55.82
N LYS A 59 -18.35 -14.88 -56.04
CA LYS A 59 -18.97 -14.28 -57.20
C LYS A 59 -18.13 -14.43 -58.47
N TYR A 60 -16.80 -14.60 -58.32
CA TYR A 60 -15.85 -14.65 -59.43
C TYR A 60 -15.55 -16.10 -59.82
N PRO A 61 -15.19 -16.33 -61.08
CA PRO A 61 -14.98 -17.70 -61.58
C PRO A 61 -13.91 -18.45 -60.79
N LEU A 62 -13.88 -19.76 -61.04
CA LEU A 62 -12.99 -20.67 -60.34
C LEU A 62 -13.23 -20.60 -58.83
N HIS A 63 -14.50 -20.39 -58.45
CA HIS A 63 -14.88 -20.27 -57.05
C HIS A 63 -14.92 -21.60 -56.33
N GLN A 64 -15.02 -22.72 -57.04
CA GLN A 64 -15.08 -24.00 -56.35
C GLN A 64 -13.70 -24.47 -55.90
N LEU A 65 -12.65 -23.97 -56.53
CA LEU A 65 -11.29 -24.32 -56.14
C LEU A 65 -10.90 -23.71 -54.80
N LEU A 66 -11.55 -22.63 -54.39
CA LEU A 66 -11.21 -21.96 -53.13
C LEU A 66 -11.40 -22.92 -51.96
N GLN A 67 -10.32 -23.28 -51.29
CA GLN A 67 -10.40 -24.13 -50.11
C GLN A 67 -10.97 -23.33 -48.94
N ASP A 68 -10.98 -23.94 -47.75
CA ASP A 68 -11.38 -23.22 -46.56
C ASP A 68 -10.43 -22.04 -46.35
N GLU A 69 -10.99 -20.88 -46.01
CA GLU A 69 -10.16 -19.68 -45.84
C GLU A 69 -9.08 -19.85 -44.78
N SER A 70 -9.24 -20.81 -43.86
CA SER A 70 -8.20 -21.05 -42.87
C SER A 70 -6.89 -21.50 -43.53
N SER A 71 -6.98 -22.37 -44.54
CA SER A 71 -5.77 -22.94 -45.15
C SER A 71 -4.99 -21.94 -46.00
N TYR A 72 -5.31 -20.65 -45.97
CA TYR A 72 -4.58 -19.67 -46.74
C TYR A 72 -4.11 -18.54 -45.82
N ILE A 73 -3.10 -17.83 -46.29
CA ILE A 73 -2.49 -16.71 -45.56
C ILE A 73 -2.27 -15.57 -46.55
N PHE A 74 -2.36 -14.34 -46.04
CA PHE A 74 -2.09 -13.17 -46.84
C PHE A 74 -0.59 -12.90 -46.93
N VAL A 75 -0.17 -12.41 -48.10
CA VAL A 75 1.19 -12.01 -48.40
C VAL A 75 1.09 -10.67 -49.12
N SER A 76 2.09 -9.82 -48.94
CA SER A 76 2.08 -8.56 -49.67
C SER A 76 3.48 -7.96 -49.68
N VAL A 77 3.59 -6.77 -50.24
CA VAL A 77 4.85 -6.04 -50.32
C VAL A 77 4.76 -4.84 -49.38
N THR A 78 5.69 -4.75 -48.45
CA THR A 78 5.76 -3.67 -47.48
C THR A 78 6.54 -2.47 -48.05
N GLN A 79 6.50 -1.36 -47.30
CA GLN A 79 7.29 -0.17 -47.65
C GLN A 79 8.79 -0.39 -47.58
N GLU A 80 9.25 -1.46 -46.96
CA GLU A 80 10.65 -1.81 -46.98
C GLU A 80 11.04 -2.57 -48.24
N ALA A 81 10.06 -2.94 -49.07
CA ALA A 81 10.25 -3.66 -50.33
C ALA A 81 10.66 -5.09 -50.01
N GLU A 82 9.80 -5.79 -49.28
CA GLU A 82 9.96 -7.21 -49.01
C GLU A 82 8.59 -7.87 -49.06
N ARG A 83 8.59 -9.19 -49.20
CA ARG A 83 7.37 -9.98 -49.18
C ARG A 83 7.05 -10.39 -47.74
N GLU A 84 6.15 -9.67 -47.09
CA GLU A 84 5.71 -10.02 -45.75
C GLU A 84 4.54 -11.00 -45.84
N GLU A 85 4.78 -12.22 -45.36
CA GLU A 85 3.73 -13.21 -45.14
C GLU A 85 3.10 -12.94 -43.78
N PHE A 86 1.87 -12.42 -43.79
CA PHE A 86 1.20 -11.98 -42.57
C PHE A 86 0.61 -13.18 -41.85
N PHE A 87 1.40 -13.76 -40.94
CA PHE A 87 0.94 -14.90 -40.17
C PHE A 87 -0.02 -14.48 -39.06
N ASP A 88 0.28 -13.37 -38.39
CA ASP A 88 -0.65 -12.77 -37.44
C ASP A 88 -1.75 -12.08 -38.23
N GLU A 89 -2.96 -12.61 -38.16
CA GLU A 89 -4.08 -12.07 -38.90
C GLU A 89 -5.00 -11.21 -38.02
N THR A 90 -4.57 -10.91 -36.79
CA THR A 90 -5.21 -9.84 -36.03
C THR A 90 -4.81 -8.48 -36.56
N ARG A 91 -3.63 -8.39 -37.18
CA ARG A 91 -3.09 -7.13 -37.64
C ARG A 91 -4.06 -6.42 -38.59
N ARG A 92 -4.17 -5.11 -38.43
CA ARG A 92 -5.08 -4.28 -39.19
C ARG A 92 -4.41 -3.84 -40.50
N LEU A 93 -5.25 -3.50 -41.47
CA LEU A 93 -4.76 -3.14 -42.80
C LEU A 93 -3.72 -2.03 -42.74
N CYS A 94 -4.01 -0.97 -41.98
CA CYS A 94 -3.12 0.19 -41.95
C CYS A 94 -1.82 -0.13 -41.23
N ASP A 95 -1.87 -1.00 -40.22
CA ASP A 95 -0.68 -1.44 -39.52
C ASP A 95 0.20 -2.38 -40.36
N LEU A 96 -0.26 -2.78 -41.55
CA LEU A 96 0.54 -3.69 -42.36
C LEU A 96 1.79 -3.04 -42.93
N ARG A 97 1.81 -1.71 -43.03
CA ARG A 97 2.95 -0.98 -43.61
C ARG A 97 3.11 -1.34 -45.08
N LEU A 98 1.99 -1.42 -45.80
CA LEU A 98 2.00 -1.86 -47.18
C LEU A 98 2.62 -0.81 -48.10
N PHE A 99 3.24 -1.31 -49.18
CA PHE A 99 3.71 -0.43 -50.23
C PHE A 99 2.54 0.14 -51.01
N GLN A 100 1.65 -0.74 -51.47
CA GLN A 100 0.43 -0.35 -52.16
C GLN A 100 -0.68 -1.31 -51.74
N PRO A 101 -1.95 -0.88 -51.81
CA PRO A 101 -3.04 -1.68 -51.23
C PRO A 101 -3.43 -2.88 -52.09
N PHE A 102 -2.66 -3.96 -51.96
CA PHE A 102 -3.01 -5.23 -52.58
C PHE A 102 -2.62 -6.33 -51.62
N LEU A 103 -3.22 -7.49 -51.81
CA LEU A 103 -3.02 -8.64 -50.93
C LEU A 103 -3.06 -9.92 -51.76
N LYS A 104 -1.97 -10.68 -51.77
CA LYS A 104 -1.94 -11.98 -52.42
C LYS A 104 -2.30 -13.06 -51.39
N VAL A 105 -3.06 -14.04 -51.82
CA VAL A 105 -3.50 -15.15 -50.97
C VAL A 105 -2.72 -16.38 -51.40
N ILE A 106 -1.95 -16.96 -50.48
CA ILE A 106 -1.17 -18.15 -50.80
C ILE A 106 -1.40 -19.19 -49.73
N GLU A 107 -0.80 -20.35 -49.92
CA GLU A 107 -0.77 -21.39 -48.90
C GLU A 107 0.58 -21.35 -48.20
N PRO A 108 0.63 -21.63 -46.90
CA PRO A 108 1.89 -21.52 -46.16
C PRO A 108 2.95 -22.49 -46.67
N VAL A 109 4.18 -22.01 -46.70
CA VAL A 109 5.33 -22.79 -47.10
C VAL A 109 6.43 -22.64 -46.06
N GLY A 110 7.26 -23.67 -45.95
CA GLY A 110 8.41 -23.65 -45.07
C GLY A 110 8.06 -23.70 -43.59
N ASN A 111 9.08 -23.43 -42.78
CA ASN A 111 8.94 -23.46 -41.32
C ASN A 111 8.32 -22.16 -40.85
N ARG A 112 7.19 -22.27 -40.14
CA ARG A 112 6.44 -21.10 -39.70
C ARG A 112 7.16 -20.37 -38.57
N GLU A 113 7.71 -21.13 -37.62
CA GLU A 113 8.38 -20.53 -36.45
C GLU A 113 9.51 -19.60 -36.88
N GLU A 114 10.35 -20.06 -37.79
CA GLU A 114 11.49 -19.26 -38.25
C GLU A 114 11.01 -17.98 -38.93
N LYS A 115 9.99 -18.09 -39.79
CA LYS A 115 9.45 -16.93 -40.48
C LYS A 115 8.98 -15.88 -39.48
N ILE A 116 8.24 -16.34 -38.46
CA ILE A 116 7.67 -15.42 -37.46
C ILE A 116 8.78 -14.74 -36.67
N LEU A 117 9.73 -15.52 -36.14
CA LEU A 117 10.79 -14.95 -35.31
C LEU A 117 11.63 -13.94 -36.08
N ASN A 118 12.00 -14.28 -37.32
CA ASN A 118 12.77 -13.34 -38.12
C ASN A 118 11.96 -12.07 -38.40
N ARG A 119 10.66 -12.21 -38.67
CA ARG A 119 9.85 -11.02 -38.91
C ARG A 119 9.79 -10.12 -37.67
N GLU A 120 9.70 -10.73 -36.48
CA GLU A 120 9.67 -9.92 -35.25
C GLU A 120 10.99 -9.21 -35.02
N ILE A 121 12.12 -9.92 -35.22
CA ILE A 121 13.42 -9.28 -35.11
C ILE A 121 13.52 -8.10 -36.07
N GLY A 122 13.13 -8.31 -37.34
CA GLY A 122 13.18 -7.26 -38.33
C GLY A 122 12.34 -6.05 -37.95
N PHE A 123 11.14 -6.29 -37.41
CA PHE A 123 10.30 -5.17 -36.97
C PHE A 123 10.96 -4.41 -35.84
N ALA A 124 11.52 -5.14 -34.86
CA ALA A 124 12.20 -4.48 -33.75
C ALA A 124 13.32 -3.57 -34.24
N ILE A 125 14.17 -4.09 -35.14
CA ILE A 125 15.31 -3.31 -35.62
C ILE A 125 14.85 -2.06 -36.35
N GLY A 126 13.86 -2.19 -37.22
CA GLY A 126 13.57 -1.19 -38.22
C GLY A 126 14.20 -1.49 -39.56
N MET A 127 14.43 -2.76 -39.87
CA MET A 127 15.17 -3.23 -41.02
C MET A 127 14.94 -4.73 -41.17
N PRO A 128 14.47 -5.21 -42.32
CA PRO A 128 14.23 -6.66 -42.45
C PRO A 128 15.54 -7.44 -42.38
N VAL A 129 15.49 -8.58 -41.69
CA VAL A 129 16.70 -9.34 -41.41
C VAL A 129 17.30 -9.93 -42.68
N CYS A 130 16.47 -10.20 -43.69
CA CYS A 130 16.95 -10.75 -44.95
C CYS A 130 18.10 -9.94 -45.54
N GLU A 131 18.10 -8.62 -45.34
CA GLU A 131 19.15 -7.78 -45.92
C GLU A 131 20.52 -8.16 -45.41
N PHE A 132 20.61 -8.66 -44.18
CA PHE A 132 21.88 -9.14 -43.66
C PHE A 132 22.33 -10.42 -44.32
N ASP A 133 21.38 -11.32 -44.61
CA ASP A 133 21.74 -12.57 -45.29
C ASP A 133 22.36 -12.29 -46.65
N MET A 134 21.89 -11.25 -47.33
CA MET A 134 22.36 -10.91 -48.66
C MET A 134 23.77 -10.31 -48.65
N VAL A 135 24.21 -9.76 -47.52
CA VAL A 135 25.52 -9.11 -47.45
C VAL A 135 26.62 -10.14 -47.65
N LYS A 136 27.63 -9.78 -48.42
CA LYS A 136 28.67 -10.70 -48.86
C LYS A 136 30.01 -10.54 -48.15
N ASP A 137 30.23 -9.43 -47.45
CA ASP A 137 31.44 -9.22 -46.68
C ASP A 137 31.67 -10.39 -45.71
N PRO A 138 32.84 -11.05 -45.76
CA PRO A 138 33.04 -12.20 -44.86
C PRO A 138 33.03 -11.83 -43.39
N GLU A 139 33.49 -10.62 -43.05
CA GLU A 139 33.47 -10.19 -41.65
C GLU A 139 32.05 -10.13 -41.10
N VAL A 140 31.10 -9.67 -41.92
CA VAL A 140 29.71 -9.55 -41.47
C VAL A 140 29.15 -10.92 -41.11
N GLN A 141 29.30 -11.90 -42.01
CA GLN A 141 28.76 -13.22 -41.75
C GLN A 141 29.50 -13.93 -40.64
N ASP A 142 30.83 -13.76 -40.55
CA ASP A 142 31.56 -14.36 -39.44
C ASP A 142 31.09 -13.79 -38.10
N PHE A 143 30.85 -12.48 -38.03
CA PHE A 143 30.27 -11.90 -36.82
C PHE A 143 28.91 -12.52 -36.52
N ARG A 144 28.01 -12.49 -37.51
CA ARG A 144 26.66 -13.02 -37.31
C ARG A 144 26.69 -14.44 -36.79
N ARG A 145 27.56 -15.29 -37.35
CA ARG A 145 27.64 -16.67 -36.90
C ARG A 145 28.22 -16.77 -35.50
N ASN A 146 29.33 -16.06 -35.24
CA ASN A 146 30.12 -16.29 -34.03
C ASN A 146 29.48 -15.67 -32.78
N ILE A 147 28.94 -14.46 -32.90
CA ILE A 147 28.33 -13.72 -31.79
C ILE A 147 27.29 -14.58 -31.07
N LEU A 148 26.76 -15.58 -31.77
CA LEU A 148 25.84 -16.52 -31.15
C LEU A 148 26.50 -17.31 -30.03
N ASN A 149 27.83 -17.34 -29.97
CA ASN A 149 28.51 -17.93 -28.82
C ASN A 149 28.15 -17.19 -27.54
N VAL A 150 28.33 -15.87 -27.56
CA VAL A 150 27.94 -15.04 -26.42
C VAL A 150 26.45 -15.16 -26.15
N CYS A 151 25.65 -15.19 -27.23
CA CYS A 151 24.21 -15.38 -27.05
C CYS A 151 23.89 -16.66 -26.27
N LYS A 152 24.47 -17.78 -26.71
CA LYS A 152 24.22 -19.06 -26.06
C LYS A 152 24.71 -19.05 -24.62
N GLU A 153 25.90 -18.48 -24.38
CA GLU A 153 26.41 -18.41 -23.01
C GLU A 153 25.46 -17.63 -22.11
N ALA A 154 24.91 -16.53 -22.61
CA ALA A 154 24.02 -15.74 -21.77
C ALA A 154 22.72 -16.49 -21.50
N VAL A 155 22.13 -17.13 -22.52
CA VAL A 155 20.90 -17.86 -22.27
C VAL A 155 21.14 -19.06 -21.36
N ASP A 156 22.33 -19.67 -21.44
CA ASP A 156 22.68 -20.74 -20.52
C ASP A 156 22.78 -20.25 -19.09
N LEU A 157 23.40 -19.08 -18.87
CA LEU A 157 23.39 -18.50 -17.53
C LEU A 157 21.98 -18.16 -17.08
N ARG A 158 21.08 -17.84 -18.02
CA ARG A 158 19.70 -17.57 -17.67
C ARG A 158 18.97 -18.82 -17.19
N ASP A 159 19.24 -19.97 -17.82
CA ASP A 159 18.60 -21.21 -17.43
C ASP A 159 19.43 -22.04 -16.46
N LEU A 160 20.58 -21.52 -16.04
CA LEU A 160 21.44 -22.20 -15.08
C LEU A 160 20.68 -22.53 -13.80
N ASN A 161 20.06 -21.53 -13.20
CA ASN A 161 19.16 -21.73 -12.07
C ASN A 161 17.75 -21.57 -12.65
N SER A 162 17.17 -22.70 -13.06
CA SER A 162 15.98 -22.72 -13.90
C SER A 162 14.86 -21.80 -13.43
N PRO A 163 14.36 -21.89 -12.19
CA PRO A 163 13.23 -21.02 -11.81
C PRO A 163 13.65 -19.60 -11.43
N HIS A 164 14.72 -19.45 -10.65
CA HIS A 164 15.05 -18.15 -10.07
C HIS A 164 15.81 -17.26 -11.05
N SER A 165 16.82 -17.80 -11.73
CA SER A 165 17.66 -16.99 -12.61
C SER A 165 16.86 -16.31 -13.71
N ARG A 166 15.80 -16.95 -14.20
CA ARG A 166 14.95 -16.32 -15.21
C ARG A 166 14.29 -15.05 -14.63
N ALA A 167 13.76 -15.16 -13.42
CA ALA A 167 13.21 -13.99 -12.73
C ALA A 167 14.26 -12.91 -12.54
N MET A 168 15.49 -13.31 -12.19
CA MET A 168 16.57 -12.34 -12.05
C MET A 168 16.86 -11.64 -13.38
N TYR A 169 16.77 -12.37 -14.48
CA TYR A 169 16.98 -11.76 -15.80
C TYR A 169 15.91 -10.73 -16.10
N VAL A 170 14.65 -11.05 -15.83
CA VAL A 170 13.59 -10.14 -16.24
C VAL A 170 13.46 -8.94 -15.29
N TYR A 171 13.55 -9.19 -13.98
CA TYR A 171 13.33 -8.16 -12.97
C TYR A 171 14.55 -8.04 -12.06
N PRO A 172 15.67 -7.52 -12.58
CA PRO A 172 16.90 -7.47 -11.77
C PRO A 172 16.76 -6.47 -10.61
N PRO A 173 17.45 -6.72 -9.51
CA PRO A 173 17.34 -5.82 -8.34
C PRO A 173 17.84 -4.41 -8.64
N ASN A 174 16.97 -3.43 -8.48
CA ASN A 174 17.32 -2.03 -8.66
C ASN A 174 17.94 -1.51 -7.36
N VAL A 175 19.28 -1.58 -7.26
CA VAL A 175 20.00 -1.23 -6.05
C VAL A 175 21.09 -0.22 -6.36
N GLU A 176 21.56 0.44 -5.29
CA GLU A 176 22.71 1.32 -5.36
C GLU A 176 23.99 0.50 -5.38
N SER A 177 25.10 1.16 -5.70
CA SER A 177 26.38 0.46 -5.74
C SER A 177 26.80 -0.01 -4.35
N SER A 178 26.93 0.92 -3.41
CA SER A 178 27.40 0.44 -2.12
C SER A 178 26.26 0.35 -1.12
N PRO A 179 26.28 -0.65 -0.23
CA PRO A 179 25.29 -0.69 0.86
C PRO A 179 25.57 0.33 1.94
N GLU A 180 26.81 0.82 2.05
CA GLU A 180 27.16 1.83 3.03
C GLU A 180 26.25 3.04 2.88
N LEU A 181 25.55 3.37 3.96
CA LEU A 181 24.56 4.43 3.96
C LEU A 181 25.16 5.70 4.54
N PRO A 182 25.40 6.75 3.74
CA PRO A 182 25.97 7.98 4.29
C PRO A 182 25.25 8.44 5.53
N LYS A 183 26.01 9.06 6.45
CA LYS A 183 25.54 9.22 7.82
C LYS A 183 24.35 10.16 7.91
N HIS A 184 24.30 11.19 7.07
CA HIS A 184 23.15 12.09 7.11
C HIS A 184 21.87 11.39 6.67
N ILE A 185 22.00 10.25 5.98
CA ILE A 185 20.84 9.41 5.66
C ILE A 185 20.55 8.45 6.80
N TYR A 186 21.60 7.87 7.37
CA TYR A 186 21.45 7.00 8.54
C TYR A 186 20.68 7.70 9.65
N ASN A 187 20.94 8.99 9.84
CA ASN A 187 20.28 9.71 10.93
C ASN A 187 18.77 9.85 10.68
N LYS A 188 18.36 9.85 9.41
CA LYS A 188 16.96 10.09 9.07
C LYS A 188 16.04 8.98 9.54
N LEU A 189 16.56 7.80 9.81
CA LEU A 189 15.74 6.69 10.31
C LEU A 189 15.97 6.50 11.82
N ASP A 190 15.09 5.70 12.43
CA ASP A 190 14.99 5.57 13.89
C ASP A 190 16.06 4.58 14.37
N LYS A 191 17.11 5.11 14.99
CA LYS A 191 18.13 4.32 15.69
C LYS A 191 18.59 3.11 14.88
N GLY A 192 18.83 3.32 13.60
CA GLY A 192 19.32 2.25 12.76
C GLY A 192 18.27 1.32 12.18
N GLN A 193 17.00 1.72 12.18
CA GLN A 193 15.97 0.89 11.57
C GLN A 193 14.89 1.77 10.97
N ILE A 194 14.11 1.17 10.08
CA ILE A 194 13.15 1.86 9.23
C ILE A 194 11.77 1.24 9.38
N ILE A 195 10.74 2.07 9.19
CA ILE A 195 9.36 1.64 9.17
C ILE A 195 9.02 1.17 7.75
N VAL A 196 8.39 0.02 7.62
CA VAL A 196 8.01 -0.54 6.34
C VAL A 196 6.58 -1.04 6.42
N VAL A 197 5.88 -1.06 5.29
CA VAL A 197 4.52 -1.58 5.23
C VAL A 197 4.46 -2.65 4.14
N ILE A 198 4.18 -3.90 4.55
CA ILE A 198 4.02 -5.00 3.60
C ILE A 198 2.53 -5.29 3.43
N TRP A 199 2.09 -5.38 2.18
CA TRP A 199 0.68 -5.56 1.87
C TRP A 199 0.46 -6.96 1.30
N VAL A 200 -0.77 -7.48 1.48
CA VAL A 200 -1.17 -8.74 0.87
C VAL A 200 -2.54 -8.57 0.22
N ILE A 201 -2.63 -8.99 -1.04
CA ILE A 201 -3.89 -9.12 -1.76
C ILE A 201 -4.53 -10.46 -1.39
N VAL A 202 -5.75 -10.43 -0.87
CA VAL A 202 -6.34 -11.60 -0.25
C VAL A 202 -7.30 -12.34 -1.19
N SER A 203 -8.02 -11.64 -2.05
CA SER A 203 -8.97 -12.30 -2.95
C SER A 203 -8.84 -11.72 -4.37
N PRO A 204 -9.57 -12.28 -5.37
CA PRO A 204 -9.51 -11.68 -6.71
C PRO A 204 -9.97 -10.22 -6.87
N ASN A 205 -11.27 -9.94 -6.73
CA ASN A 205 -11.80 -8.57 -6.88
C ASN A 205 -11.24 -7.64 -5.79
N ASN A 206 -9.91 -7.52 -5.80
CA ASN A 206 -8.99 -7.10 -4.75
C ASN A 206 -9.48 -6.48 -3.44
N ASP A 207 -9.44 -7.24 -2.35
CA ASP A 207 -9.33 -6.72 -0.99
C ASP A 207 -7.87 -6.74 -0.56
N LYS A 208 -7.53 -5.89 0.42
CA LYS A 208 -6.13 -5.64 0.76
C LYS A 208 -5.95 -5.60 2.27
N GLN A 209 -4.86 -6.21 2.76
CA GLN A 209 -4.53 -6.15 4.19
C GLN A 209 -3.07 -5.76 4.42
N LYS A 210 -2.84 -4.93 5.44
CA LYS A 210 -1.53 -4.35 5.75
C LYS A 210 -0.82 -5.11 6.86
N TYR A 211 0.51 -4.94 6.89
CA TYR A 211 1.35 -5.42 7.98
C TYR A 211 2.45 -4.37 8.14
N THR A 212 2.27 -3.47 9.10
CA THR A 212 3.24 -2.42 9.36
C THR A 212 4.34 -3.00 10.24
N LEU A 213 5.54 -3.11 9.70
CA LEU A 213 6.70 -3.64 10.40
C LEU A 213 7.70 -2.55 10.70
N LYS A 214 8.46 -2.73 11.78
CA LYS A 214 9.63 -1.91 12.06
C LYS A 214 10.84 -2.83 12.00
N ILE A 215 11.73 -2.57 11.05
CA ILE A 215 12.76 -3.54 10.68
C ILE A 215 14.10 -2.85 10.59
N ASN A 216 15.18 -3.58 10.92
CA ASN A 216 16.53 -3.10 10.65
C ASN A 216 16.66 -2.69 9.19
N HIS A 217 17.26 -1.53 8.96
CA HIS A 217 17.34 -1.01 7.58
C HIS A 217 18.19 -1.90 6.69
N ASP A 218 19.09 -2.69 7.27
CA ASP A 218 20.00 -3.54 6.50
C ASP A 218 19.52 -4.99 6.38
N CYS A 219 18.26 -5.26 6.68
CA CYS A 219 17.72 -6.60 6.53
C CYS A 219 17.59 -6.98 5.05
N VAL A 220 17.70 -8.27 4.77
CA VAL A 220 17.50 -8.79 3.42
C VAL A 220 16.01 -9.02 3.22
N PRO A 221 15.52 -9.14 1.97
CA PRO A 221 14.08 -9.35 1.76
C PRO A 221 13.51 -10.57 2.49
N GLU A 222 14.23 -11.70 2.47
CA GLU A 222 13.79 -12.89 3.18
C GLU A 222 13.51 -12.58 4.65
N GLN A 223 14.36 -11.76 5.27
CA GLN A 223 14.17 -11.41 6.68
C GLN A 223 12.91 -10.57 6.87
N VAL A 224 12.63 -9.66 5.94
CA VAL A 224 11.40 -8.86 6.01
C VAL A 224 10.17 -9.75 5.89
N ILE A 225 10.21 -10.72 4.96
CA ILE A 225 9.13 -11.69 4.82
C ILE A 225 8.94 -12.46 6.12
N ALA A 226 10.05 -12.89 6.73
CA ALA A 226 9.99 -13.58 8.01
C ALA A 226 9.27 -12.76 9.06
N GLU A 227 9.63 -11.47 9.18
CA GLU A 227 8.99 -10.63 10.17
C GLU A 227 7.50 -10.45 9.89
N ALA A 228 7.12 -10.40 8.61
CA ALA A 228 5.70 -10.34 8.27
C ALA A 228 4.98 -11.64 8.66
N ILE A 229 5.60 -12.78 8.36
CA ILE A 229 5.01 -14.07 8.75
C ILE A 229 4.79 -14.09 10.26
N ARG A 230 5.80 -13.69 11.03
CA ARG A 230 5.67 -13.57 12.47
C ARG A 230 4.48 -12.70 12.86
N LYS A 231 4.38 -11.51 12.27
CA LYS A 231 3.22 -10.66 12.50
C LYS A 231 1.92 -11.44 12.33
N LYS A 232 1.81 -12.22 11.25
CA LYS A 232 0.58 -12.96 11.01
C LYS A 232 0.46 -14.13 11.98
N THR A 233 1.53 -14.88 12.18
CA THR A 233 1.48 -16.02 13.10
C THR A 233 1.70 -15.55 14.53
N ARG A 234 1.04 -14.47 14.93
CA ARG A 234 0.95 -14.08 16.32
C ARG A 234 -0.44 -14.38 16.87
N SER A 235 -1.48 -13.89 16.19
CA SER A 235 -2.83 -14.32 16.47
C SER A 235 -2.99 -15.83 16.32
N MET A 236 -2.19 -16.43 15.44
CA MET A 236 -2.21 -17.88 15.29
C MET A 236 -1.82 -18.54 16.61
N LEU A 237 -2.41 -19.70 16.88
CA LEU A 237 -2.06 -20.49 18.05
C LEU A 237 -1.02 -21.54 17.68
N LEU A 238 0.22 -21.32 18.10
CA LEU A 238 1.32 -22.21 17.78
C LEU A 238 2.36 -22.16 18.89
N SER A 239 3.06 -23.28 19.08
CA SER A 239 4.19 -23.34 20.01
C SER A 239 5.33 -22.44 19.54
N SER A 240 6.25 -22.16 20.46
CA SER A 240 7.41 -21.34 20.11
C SER A 240 8.24 -22.00 19.01
N GLU A 241 8.54 -23.30 19.17
CA GLU A 241 9.20 -24.04 18.09
C GLU A 241 8.28 -24.18 16.89
N GLN A 242 6.96 -24.07 17.11
CA GLN A 242 6.01 -24.14 16.00
C GLN A 242 6.05 -22.86 15.16
N LEU A 243 6.11 -21.69 15.82
CA LEU A 243 6.33 -20.45 15.08
C LEU A 243 7.67 -20.49 14.34
N LYS A 244 8.71 -20.96 15.04
CA LYS A 244 10.02 -21.15 14.44
C LYS A 244 9.92 -21.98 13.15
N LEU A 245 9.19 -23.10 13.22
CA LEU A 245 9.06 -23.96 12.05
C LEU A 245 8.15 -23.35 10.99
N CYS A 246 7.20 -22.50 11.40
CA CYS A 246 6.42 -21.75 10.43
C CYS A 246 7.32 -20.88 9.56
N VAL A 247 8.09 -20.00 10.20
CA VAL A 247 8.96 -19.09 9.47
C VAL A 247 10.00 -19.86 8.66
N LEU A 248 10.75 -20.75 9.32
CA LEU A 248 11.80 -21.52 8.64
C LEU A 248 11.31 -22.11 7.33
N GLU A 249 10.11 -22.70 7.32
CA GLU A 249 9.63 -23.37 6.12
C GLU A 249 9.05 -22.40 5.10
N TYR A 250 8.43 -21.30 5.53
CA TYR A 250 7.76 -20.43 4.57
C TYR A 250 8.45 -19.08 4.39
N GLN A 251 9.67 -18.92 4.90
CA GLN A 251 10.44 -17.72 4.59
C GLN A 251 10.61 -17.55 3.08
N GLY A 252 11.13 -18.57 2.40
CA GLY A 252 11.49 -18.45 1.01
C GLY A 252 10.46 -19.05 0.07
N LYS A 253 9.20 -19.05 0.51
CA LYS A 253 8.08 -19.38 -0.36
C LYS A 253 7.34 -18.14 -0.81
N TYR A 254 7.92 -16.96 -0.60
CA TYR A 254 7.29 -15.69 -0.96
C TYR A 254 8.37 -14.76 -1.49
N ILE A 255 7.95 -13.55 -1.89
CA ILE A 255 8.84 -12.56 -2.52
C ILE A 255 8.18 -11.19 -2.44
N LEU A 256 9.00 -10.15 -2.45
CA LEU A 256 8.53 -8.77 -2.27
C LEU A 256 8.55 -7.99 -3.57
N LYS A 257 7.55 -7.13 -3.75
CA LYS A 257 7.43 -6.28 -4.94
C LYS A 257 7.10 -4.85 -4.51
N VAL A 258 7.49 -3.88 -5.32
CA VAL A 258 7.12 -2.49 -5.06
C VAL A 258 5.67 -2.26 -5.47
N CYS A 259 4.86 -1.77 -4.53
CA CYS A 259 3.49 -1.40 -4.84
C CYS A 259 3.45 -0.27 -5.87
N GLY A 260 2.91 -0.56 -7.04
CA GLY A 260 2.68 0.45 -8.05
C GLY A 260 3.58 0.38 -9.26
N CYS A 261 4.58 -0.50 -9.27
CA CYS A 261 5.44 -0.69 -10.43
C CYS A 261 6.00 -2.11 -10.36
N ASP A 262 6.77 -2.47 -11.39
CA ASP A 262 7.31 -3.83 -11.48
C ASP A 262 8.80 -3.86 -11.20
N GLU A 263 9.18 -3.52 -9.97
CA GLU A 263 10.53 -3.72 -9.47
C GLU A 263 10.43 -4.67 -8.28
N TYR A 264 11.16 -5.78 -8.33
CA TYR A 264 11.07 -6.84 -7.35
C TYR A 264 12.39 -6.98 -6.57
N PHE A 265 12.27 -7.38 -5.31
CA PHE A 265 13.40 -7.56 -4.42
C PHE A 265 13.81 -9.03 -4.43
N LEU A 266 14.46 -9.46 -5.51
CA LEU A 266 14.74 -10.86 -5.69
C LEU A 266 16.07 -11.32 -5.07
N GLU A 267 17.03 -10.42 -4.87
CA GLU A 267 18.36 -10.81 -4.45
C GLU A 267 18.61 -10.51 -2.97
N LYS A 268 19.56 -11.25 -2.40
CA LYS A 268 19.98 -11.12 -1.01
C LYS A 268 20.80 -9.84 -0.84
N TYR A 269 20.10 -8.71 -0.80
CA TYR A 269 20.72 -7.42 -0.58
C TYR A 269 20.16 -6.78 0.69
N PRO A 270 20.88 -5.82 1.28
CA PRO A 270 20.27 -5.00 2.33
C PRO A 270 19.11 -4.19 1.76
N LEU A 271 18.05 -4.06 2.56
CA LEU A 271 16.88 -3.32 2.10
C LEU A 271 17.20 -1.88 1.77
N SER A 272 18.12 -1.26 2.52
CA SER A 272 18.49 0.13 2.25
C SER A 272 19.28 0.25 0.96
N GLN A 273 20.03 -0.79 0.57
CA GLN A 273 20.74 -0.74 -0.69
C GLN A 273 19.79 -0.73 -1.88
N TYR A 274 18.56 -1.21 -1.71
CA TYR A 274 17.56 -1.08 -2.76
C TYR A 274 17.18 0.39 -2.97
N LYS A 275 17.21 0.81 -4.23
CA LYS A 275 17.02 2.22 -4.55
C LYS A 275 15.67 2.73 -4.04
N TYR A 276 14.62 1.92 -4.13
CA TYR A 276 13.30 2.38 -3.70
C TYR A 276 13.28 2.70 -2.22
N ILE A 277 13.86 1.82 -1.39
CA ILE A 277 13.81 2.04 0.05
C ILE A 277 14.72 3.20 0.45
N ARG A 278 15.93 3.27 -0.12
CA ARG A 278 16.81 4.41 0.14
C ARG A 278 16.12 5.71 -0.22
N SER A 279 15.48 5.75 -1.39
CA SER A 279 14.66 6.90 -1.78
C SER A 279 13.62 7.23 -0.73
N CYS A 280 12.87 6.21 -0.28
CA CYS A 280 11.86 6.43 0.76
C CYS A 280 12.47 7.06 2.00
N ILE A 281 13.66 6.58 2.40
CA ILE A 281 14.34 7.14 3.58
C ILE A 281 14.65 8.61 3.35
N MET A 282 15.44 8.89 2.30
CA MET A 282 15.88 10.25 2.04
C MET A 282 14.69 11.20 1.95
N LEU A 283 13.69 10.85 1.15
CA LEU A 283 12.51 11.68 0.99
C LEU A 283 11.57 11.63 2.19
N GLY A 284 11.85 10.78 3.17
CA GLY A 284 10.98 10.64 4.32
C GLY A 284 9.66 9.96 4.06
N ARG A 285 9.45 9.40 2.87
CA ARG A 285 8.21 8.73 2.53
C ARG A 285 8.27 7.28 2.99
N MET A 286 7.10 6.70 3.25
CA MET A 286 7.06 5.35 3.79
C MET A 286 7.06 4.32 2.66
N PRO A 287 7.93 3.31 2.71
CA PRO A 287 7.94 2.27 1.67
C PRO A 287 6.72 1.37 1.79
N ASN A 288 6.05 1.15 0.66
CA ASN A 288 4.88 0.27 0.59
C ASN A 288 5.22 -0.91 -0.32
N LEU A 289 5.46 -2.08 0.28
CA LEU A 289 5.78 -3.28 -0.48
C LEU A 289 4.57 -4.21 -0.54
N MET A 290 4.71 -5.26 -1.35
CA MET A 290 3.65 -6.24 -1.56
C MET A 290 4.23 -7.64 -1.49
N LEU A 291 3.59 -8.51 -0.70
CA LEU A 291 3.95 -9.92 -0.64
C LEU A 291 3.35 -10.69 -1.81
N MET A 292 4.08 -11.72 -2.27
CA MET A 292 3.69 -12.43 -3.48
C MET A 292 4.30 -13.82 -3.46
N ALA A 293 3.50 -14.84 -3.76
CA ALA A 293 4.04 -16.20 -3.78
C ALA A 293 5.00 -16.38 -4.96
N LYS A 294 6.16 -16.96 -4.68
CA LYS A 294 7.13 -17.24 -5.74
C LYS A 294 6.49 -17.93 -6.93
N GLU A 295 5.62 -18.91 -6.66
CA GLU A 295 4.90 -19.59 -7.73
C GLU A 295 4.08 -18.60 -8.55
N SER A 296 3.44 -17.64 -7.87
CA SER A 296 2.59 -16.65 -8.55
C SER A 296 3.38 -15.70 -9.43
N LEU A 297 4.71 -15.69 -9.33
CA LEU A 297 5.56 -14.93 -10.24
C LEU A 297 6.12 -15.82 -11.34
N TYR A 298 6.80 -16.92 -10.97
CA TYR A 298 7.37 -17.82 -11.96
C TYR A 298 6.32 -18.35 -12.94
N SER A 299 5.05 -18.42 -12.52
CA SER A 299 3.98 -18.78 -13.44
C SER A 299 3.91 -17.81 -14.60
N GLN A 300 4.14 -16.52 -14.34
CA GLN A 300 4.01 -15.48 -15.34
C GLN A 300 5.28 -15.28 -16.14
N LEU A 301 6.29 -16.13 -15.95
CA LEU A 301 7.50 -16.16 -16.76
C LEU A 301 7.35 -17.14 -17.91
N PRO A 302 7.94 -16.83 -19.08
CA PRO A 302 7.56 -17.55 -20.31
C PRO A 302 8.28 -18.87 -20.52
N MET A 303 9.43 -19.09 -19.88
CA MET A 303 10.34 -20.21 -20.16
C MET A 303 10.95 -20.09 -21.55
N ASP A 304 11.38 -18.87 -21.91
CA ASP A 304 11.84 -18.63 -23.28
C ASP A 304 13.20 -19.29 -23.51
N CYS A 305 13.27 -20.09 -24.57
CA CYS A 305 14.44 -20.87 -24.94
C CYS A 305 15.24 -20.13 -26.02
N PHE A 306 16.39 -20.68 -26.38
CA PHE A 306 17.20 -20.18 -27.48
C PHE A 306 17.54 -21.30 -28.45
N THR A 307 17.17 -21.11 -29.72
CA THR A 307 17.47 -22.07 -30.77
C THR A 307 18.27 -21.37 -31.88
N MET A 308 19.29 -22.07 -32.39
CA MET A 308 20.20 -21.49 -33.36
C MET A 308 19.48 -21.15 -34.67
N PRO A 309 19.89 -20.09 -35.35
CA PRO A 309 19.29 -19.73 -36.64
C PRO A 309 19.84 -20.61 -37.77
N SER A 310 19.41 -20.29 -38.99
CA SER A 310 19.82 -21.04 -40.18
C SER A 310 21.17 -20.59 -40.74
N TYR A 311 21.65 -19.39 -40.38
CA TYR A 311 22.95 -18.95 -40.86
C TYR A 311 24.11 -19.46 -40.00
N SER A 312 23.83 -20.28 -38.99
CA SER A 312 24.87 -20.90 -38.16
C SER A 312 25.36 -22.18 -38.83
N ARG A 313 26.01 -21.99 -39.97
CA ARG A 313 26.53 -23.11 -40.75
C ARG A 313 27.88 -23.56 -40.20
N GLU A 325 46.67 -25.59 -47.93
CA GLU A 325 47.84 -24.85 -47.44
C GLU A 325 47.94 -23.50 -48.13
N THR A 326 48.05 -22.43 -47.34
CA THR A 326 48.25 -21.08 -47.86
C THR A 326 49.50 -20.49 -47.21
N SER A 327 50.43 -20.00 -48.05
CA SER A 327 51.70 -19.45 -47.60
C SER A 327 51.50 -18.16 -46.79
N THR A 328 52.01 -18.14 -45.56
CA THR A 328 51.81 -17.03 -44.64
C THR A 328 53.09 -16.74 -43.88
N LYS A 329 53.59 -15.51 -44.01
CA LYS A 329 54.69 -15.01 -43.19
C LYS A 329 54.18 -13.95 -42.22
N SER A 330 54.94 -13.74 -41.14
CA SER A 330 54.57 -12.72 -40.16
C SER A 330 55.01 -11.33 -40.63
N LEU A 331 54.41 -10.31 -40.01
CA LEU A 331 54.76 -8.92 -40.29
C LEU A 331 56.15 -8.56 -39.77
N TRP A 332 56.64 -9.28 -38.75
CA TRP A 332 57.97 -9.09 -38.18
C TRP A 332 59.08 -9.56 -39.10
N VAL A 333 58.75 -10.13 -40.26
CA VAL A 333 59.75 -10.64 -41.20
C VAL A 333 59.96 -9.70 -42.39
N ILE A 334 59.02 -8.81 -42.69
CA ILE A 334 59.09 -7.98 -43.88
C ILE A 334 60.06 -6.82 -43.65
N ASN A 335 60.93 -6.56 -44.62
CA ASN A 335 61.86 -5.43 -44.60
C ASN A 335 61.55 -4.53 -45.79
N SER A 336 60.72 -3.52 -45.55
CA SER A 336 60.40 -2.50 -46.54
C SER A 336 59.53 -1.45 -45.88
N ALA A 337 59.44 -0.30 -46.54
CA ALA A 337 58.54 0.76 -46.13
C ALA A 337 57.18 0.59 -46.79
N LEU A 338 56.14 1.07 -46.13
CA LEU A 338 54.79 0.91 -46.64
C LEU A 338 54.61 1.74 -47.91
N ARG A 339 54.07 1.11 -48.94
CA ARG A 339 53.87 1.75 -50.24
C ARG A 339 52.55 1.28 -50.84
N ILE A 340 51.82 2.21 -51.44
CA ILE A 340 50.47 1.96 -51.96
C ILE A 340 50.32 2.72 -53.27
N LYS A 341 49.60 2.14 -54.22
CA LYS A 341 49.39 2.77 -55.51
C LYS A 341 48.04 3.47 -55.56
N ILE A 342 48.00 4.63 -56.20
CA ILE A 342 46.77 5.38 -56.44
C ILE A 342 46.48 5.31 -57.94
N LEU A 343 45.49 4.50 -58.31
CA LEU A 343 45.18 4.27 -59.72
C LEU A 343 44.30 5.37 -60.31
N CYS A 344 43.02 5.38 -59.94
CA CYS A 344 42.07 6.26 -60.60
C CYS A 344 40.84 6.44 -59.73
N ALA A 345 39.97 7.36 -60.16
CA ALA A 345 38.71 7.66 -59.50
C ALA A 345 37.61 7.71 -60.55
N THR A 346 36.48 7.04 -60.27
CA THR A 346 35.42 6.91 -61.26
C THR A 346 34.93 8.26 -61.78
N TYR A 347 34.54 9.16 -60.88
CA TYR A 347 34.05 10.46 -61.34
C TYR A 347 34.13 11.45 -60.18
N VAL A 348 34.09 12.72 -60.53
CA VAL A 348 34.09 13.82 -59.55
C VAL A 348 33.18 14.91 -60.08
N ASN A 349 32.35 15.48 -59.19
CA ASN A 349 31.39 16.52 -59.56
C ASN A 349 32.08 17.88 -59.49
N VAL A 350 32.91 18.15 -60.51
CA VAL A 350 33.67 19.40 -60.58
C VAL A 350 33.08 20.29 -61.66
N ASN A 351 33.06 21.60 -61.36
CA ASN A 351 32.51 22.60 -62.27
C ASN A 351 33.53 23.07 -63.31
N ILE A 352 34.80 22.71 -63.13
CA ILE A 352 35.90 23.20 -63.96
C ILE A 352 35.94 24.73 -63.81
N ARG A 353 35.81 25.19 -62.57
CA ARG A 353 35.96 26.59 -62.20
C ARG A 353 37.36 26.89 -61.65
N ASP A 354 38.34 26.03 -61.93
CA ASP A 354 39.69 26.20 -61.42
C ASP A 354 40.70 26.35 -62.55
N LYS A 357 42.22 21.31 -60.75
CA LYS A 357 43.26 20.31 -60.56
C LYS A 357 43.16 19.64 -59.19
N ILE A 358 43.14 18.32 -59.17
CA ILE A 358 42.86 17.54 -57.97
C ILE A 358 44.07 16.67 -57.63
N TYR A 359 44.10 16.19 -56.39
CA TYR A 359 45.16 15.30 -55.94
C TYR A 359 44.64 14.45 -54.78
N VAL A 360 45.28 13.31 -54.58
CA VAL A 360 44.86 12.34 -53.56
C VAL A 360 45.82 12.44 -52.39
N ARG A 361 45.40 13.13 -51.33
CA ARG A 361 46.19 13.22 -50.11
C ARG A 361 45.95 11.99 -49.23
N THR A 362 47.03 11.31 -48.85
CA THR A 362 46.97 10.07 -48.08
C THR A 362 47.75 10.23 -46.78
N GLY A 363 47.63 9.22 -45.91
CA GLY A 363 48.31 9.21 -44.63
C GLY A 363 47.93 8.07 -43.72
N ILE A 364 48.91 7.51 -43.02
CA ILE A 364 48.70 6.37 -42.12
C ILE A 364 48.53 6.90 -40.71
N TYR A 365 47.48 6.44 -40.02
CA TYR A 365 47.11 6.99 -38.73
C TYR A 365 46.96 5.88 -37.70
N HIS A 366 47.27 6.20 -36.45
CA HIS A 366 47.02 5.33 -35.31
C HIS A 366 45.97 6.01 -34.43
N GLY A 367 44.71 5.88 -34.84
CA GLY A 367 43.63 6.58 -34.17
C GLY A 367 43.52 8.01 -34.65
N GLY A 368 43.67 8.97 -33.74
CA GLY A 368 43.55 10.36 -34.10
C GLY A 368 44.77 10.91 -34.79
N GLU A 369 45.95 10.56 -34.30
CA GLU A 369 47.20 11.09 -34.81
C GLU A 369 47.78 10.19 -35.89
N PRO A 370 48.47 10.77 -36.89
CA PRO A 370 49.09 9.96 -37.93
C PRO A 370 50.41 9.36 -37.45
N LEU A 371 50.66 8.13 -37.89
CA LEU A 371 51.90 7.45 -37.53
C LEU A 371 53.10 8.08 -38.21
N CYS A 372 53.00 8.32 -39.52
CA CYS A 372 54.11 8.88 -40.27
C CYS A 372 53.71 10.21 -40.90
N ASP A 373 54.48 10.67 -41.88
CA ASP A 373 54.21 11.92 -42.58
C ASP A 373 53.28 11.67 -43.76
N ASN A 374 52.30 12.57 -43.91
CA ASN A 374 51.27 12.44 -44.93
C ASN A 374 51.86 12.66 -46.32
N VAL A 375 51.59 11.73 -47.25
CA VAL A 375 52.09 11.81 -48.61
C VAL A 375 50.93 12.03 -49.58
N ASN A 376 51.22 12.69 -50.71
CA ASN A 376 50.23 13.10 -51.69
C ASN A 376 50.54 12.52 -53.06
N THR A 377 49.55 12.62 -53.95
CA THR A 377 49.70 12.34 -55.37
C THR A 377 49.97 13.64 -56.12
N GLN A 378 50.01 13.57 -57.44
CA GLN A 378 50.29 14.71 -58.29
C GLN A 378 49.01 15.41 -58.75
N ARG A 379 49.12 16.71 -58.99
CA ARG A 379 48.00 17.48 -59.52
C ARG A 379 47.68 17.00 -60.94
N VAL A 380 46.42 16.61 -61.16
CA VAL A 380 45.99 16.01 -62.41
C VAL A 380 44.78 16.78 -62.95
N PRO A 381 44.35 16.55 -64.20
CA PRO A 381 43.16 17.24 -64.69
C PRO A 381 41.94 16.98 -63.83
N CYS A 382 41.17 18.04 -63.58
CA CYS A 382 39.93 17.91 -62.83
C CYS A 382 38.93 17.04 -63.58
N SER A 383 38.82 17.25 -64.90
CA SER A 383 37.85 16.49 -65.69
C SER A 383 38.26 15.04 -65.80
N ASN A 384 39.55 14.78 -66.05
CA ASN A 384 40.05 13.43 -66.27
C ASN A 384 40.85 13.01 -65.04
N PRO A 385 40.30 12.15 -64.17
CA PRO A 385 40.98 11.80 -62.91
C PRO A 385 41.80 10.50 -62.93
N ARG A 386 43.11 10.61 -63.18
CA ARG A 386 44.00 9.46 -63.09
C ARG A 386 45.34 9.87 -62.52
N TRP A 387 45.88 9.03 -61.64
CA TRP A 387 47.18 9.22 -61.01
C TRP A 387 48.11 8.05 -61.28
N ASN A 388 47.65 6.83 -60.98
CA ASN A 388 48.38 5.60 -61.31
C ASN A 388 49.79 5.59 -60.74
N GLU A 389 50.00 6.18 -59.57
CA GLU A 389 51.34 6.40 -59.04
C GLU A 389 51.54 5.64 -57.73
N TRP A 390 52.70 4.98 -57.61
CA TRP A 390 53.06 4.22 -56.42
C TRP A 390 53.62 5.18 -55.37
N LEU A 391 52.79 5.51 -54.38
CA LEU A 391 53.18 6.38 -53.29
C LEU A 391 53.97 5.60 -52.25
N ASN A 392 55.07 6.17 -51.79
CA ASN A 392 55.88 5.61 -50.72
C ASN A 392 55.57 6.35 -49.42
N TYR A 393 55.53 5.62 -48.32
CA TYR A 393 55.25 6.20 -47.01
C TYR A 393 56.47 6.10 -46.12
N ASP A 394 56.80 7.20 -45.45
CA ASP A 394 57.99 7.28 -44.61
C ASP A 394 57.82 6.52 -43.30
N ILE A 395 57.76 5.19 -43.35
CA ILE A 395 57.54 4.40 -42.14
C ILE A 395 57.90 2.95 -42.39
N TYR A 396 58.33 2.25 -41.35
CA TYR A 396 58.77 0.86 -41.44
C TYR A 396 57.59 -0.08 -41.23
N ILE A 397 57.54 -1.14 -42.03
CA ILE A 397 56.39 -2.03 -42.06
C ILE A 397 56.25 -2.80 -40.75
N PRO A 398 57.30 -3.43 -40.21
CA PRO A 398 57.16 -4.06 -38.89
C PRO A 398 56.87 -3.06 -37.78
N ASP A 399 57.21 -1.78 -37.96
CA ASP A 399 56.88 -0.77 -36.95
C ASP A 399 55.43 -0.42 -36.95
N LEU A 400 54.61 -1.17 -37.68
CA LEU A 400 53.18 -0.88 -37.73
C LEU A 400 52.49 -1.48 -36.52
N PRO A 401 51.75 -0.70 -35.76
CA PRO A 401 50.95 -1.26 -34.67
C PRO A 401 49.72 -1.97 -35.22
N ARG A 402 49.04 -2.68 -34.32
CA ARG A 402 47.87 -3.44 -34.74
C ARG A 402 46.73 -2.53 -35.19
N ALA A 403 46.65 -1.31 -34.65
CA ALA A 403 45.59 -0.37 -34.97
C ALA A 403 45.94 0.58 -36.11
N ALA A 404 46.86 0.20 -36.98
CA ALA A 404 47.24 1.07 -38.08
C ALA A 404 46.17 1.04 -39.17
N ARG A 405 45.91 2.21 -39.77
CA ARG A 405 44.90 2.30 -40.80
C ARG A 405 45.18 3.53 -41.65
N LEU A 406 44.61 3.52 -42.86
CA LEU A 406 44.89 4.51 -43.90
C LEU A 406 43.70 5.44 -44.08
N CYS A 407 43.93 6.73 -43.84
CA CYS A 407 42.97 7.78 -44.16
C CYS A 407 43.45 8.50 -45.42
N LEU A 408 42.57 8.61 -46.42
CA LEU A 408 42.92 9.28 -47.66
C LEU A 408 41.73 10.12 -48.13
N SER A 409 41.98 10.98 -49.12
CA SER A 409 40.96 11.90 -49.59
C SER A 409 41.36 12.51 -50.93
N ILE A 410 40.35 12.87 -51.71
CA ILE A 410 40.54 13.58 -52.98
C ILE A 410 40.29 15.07 -52.73
N CYS A 411 41.29 15.90 -53.01
CA CYS A 411 41.25 17.33 -52.79
C CYS A 411 41.44 18.07 -54.11
N SER A 412 41.12 19.37 -54.10
CA SER A 412 41.23 20.20 -55.29
C SER A 412 42.10 21.42 -54.98
N VAL A 413 42.39 22.21 -56.03
CA VAL A 413 43.10 23.47 -55.89
C VAL A 413 42.42 24.51 -56.79
N LYS A 414 42.92 25.74 -56.68
CA LYS A 414 42.39 26.84 -57.49
C LYS A 414 42.99 26.82 -58.89
N LYS A 420 46.92 25.14 -54.57
CA LYS A 420 48.02 26.07 -54.36
C LYS A 420 47.54 27.30 -53.61
N GLU A 421 46.56 27.98 -54.20
CA GLU A 421 45.97 29.16 -53.55
C GLU A 421 44.97 28.75 -52.47
N GLU A 422 44.01 27.89 -52.83
CA GLU A 422 42.93 27.51 -51.92
C GLU A 422 42.64 26.02 -52.11
N HIS A 423 43.10 25.21 -51.16
CA HIS A 423 42.88 23.77 -51.17
C HIS A 423 41.47 23.46 -50.69
N CYS A 424 41.00 22.24 -51.02
CA CYS A 424 39.66 21.85 -50.60
C CYS A 424 39.43 20.35 -50.76
N PRO A 425 38.82 19.69 -49.77
CA PRO A 425 38.48 18.27 -49.89
C PRO A 425 37.12 18.03 -50.51
N LEU A 426 36.98 16.88 -51.16
CA LEU A 426 35.76 16.51 -51.86
C LEU A 426 35.19 15.19 -51.37
N ALA A 427 35.94 14.09 -51.45
CA ALA A 427 35.46 12.78 -51.05
C ALA A 427 36.57 12.04 -50.30
N TRP A 428 36.24 11.50 -49.13
CA TRP A 428 37.21 10.90 -48.22
C TRP A 428 36.97 9.40 -48.09
N GLY A 429 37.98 8.71 -47.53
CA GLY A 429 37.87 7.29 -47.27
C GLY A 429 38.90 6.76 -46.30
N ASN A 430 38.50 5.84 -45.43
CA ASN A 430 39.41 5.22 -44.47
C ASN A 430 39.31 3.71 -44.59
N ILE A 431 40.44 3.04 -44.33
CA ILE A 431 40.53 1.60 -44.44
C ILE A 431 41.41 1.06 -43.33
N ASN A 432 40.97 0.01 -42.66
CA ASN A 432 41.84 -0.71 -41.73
C ASN A 432 42.94 -1.39 -42.53
N LEU A 433 44.19 -1.10 -42.18
CA LEU A 433 45.33 -1.67 -42.92
C LEU A 433 45.51 -3.16 -42.70
N PHE A 434 44.83 -3.74 -41.71
CA PHE A 434 44.84 -5.18 -41.49
C PHE A 434 43.42 -5.73 -41.56
N ASP A 435 43.34 -7.05 -41.68
CA ASP A 435 42.06 -7.73 -41.67
C ASP A 435 41.57 -7.91 -40.23
N TYR A 436 40.31 -8.31 -40.10
CA TYR A 436 39.86 -8.81 -38.82
C TYR A 436 40.51 -10.16 -38.50
N THR A 437 40.95 -10.88 -39.53
CA THR A 437 41.68 -12.14 -39.37
C THR A 437 43.15 -11.96 -39.03
N ASP A 438 43.65 -10.72 -39.02
CA ASP A 438 45.03 -10.26 -38.78
C ASP A 438 45.84 -10.18 -40.07
N THR A 439 45.27 -10.53 -41.21
CA THR A 439 45.97 -10.44 -42.49
C THR A 439 46.21 -8.99 -42.88
N LEU A 440 47.27 -8.76 -43.65
CA LEU A 440 47.62 -7.43 -44.15
C LEU A 440 47.20 -7.30 -45.60
N VAL A 441 46.66 -6.13 -45.95
CA VAL A 441 46.09 -5.89 -47.26
C VAL A 441 47.16 -5.92 -48.34
N SER A 442 46.82 -6.47 -49.50
CA SER A 442 47.72 -6.53 -50.64
C SER A 442 46.92 -6.71 -51.92
N GLY A 443 47.37 -6.06 -53.01
CA GLY A 443 46.72 -6.23 -54.30
C GLY A 443 45.68 -5.18 -54.65
N LYS A 444 44.71 -5.52 -55.49
CA LYS A 444 43.78 -4.52 -55.99
C LYS A 444 42.60 -4.35 -55.05
N MET A 445 42.10 -3.12 -54.95
CA MET A 445 40.98 -2.83 -54.07
C MET A 445 40.22 -1.62 -54.59
N ALA A 446 38.90 -1.65 -54.38
CA ALA A 446 37.99 -0.57 -54.76
C ALA A 446 37.27 -0.08 -53.51
N LEU A 447 37.32 1.23 -53.27
CA LEU A 447 36.72 1.83 -52.08
C LEU A 447 35.79 2.96 -52.52
N ASN A 448 34.49 2.79 -52.29
CA ASN A 448 33.57 3.89 -52.52
C ASN A 448 33.70 4.91 -51.39
N LEU A 449 33.86 6.17 -51.76
CA LEU A 449 34.14 7.24 -50.82
C LEU A 449 32.85 7.82 -50.25
N TRP A 450 32.99 8.47 -49.09
CA TRP A 450 31.92 9.12 -48.36
C TRP A 450 31.97 10.63 -48.56
N PRO A 451 30.84 11.32 -48.38
CA PRO A 451 30.84 12.78 -48.47
C PRO A 451 31.44 13.42 -47.22
N VAL A 452 31.63 14.73 -47.30
CA VAL A 452 32.21 15.53 -46.23
C VAL A 452 31.09 16.14 -45.40
N PRO A 453 31.16 16.09 -44.07
CA PRO A 453 30.12 16.73 -43.26
C PRO A 453 29.98 18.22 -43.59
N HIS A 454 28.83 18.77 -43.21
CA HIS A 454 28.48 20.15 -43.50
C HIS A 454 29.64 21.11 -43.21
N GLY A 455 30.05 21.18 -41.95
CA GLY A 455 31.13 22.07 -41.55
C GLY A 455 32.43 21.35 -41.28
N LEU A 456 32.99 20.66 -42.27
CA LEU A 456 34.26 19.95 -42.14
C LEU A 456 35.21 20.47 -43.21
N GLU A 457 36.28 21.14 -42.79
CA GLU A 457 37.26 21.72 -43.69
C GLU A 457 38.63 21.05 -43.63
N ASP A 458 38.73 19.91 -42.93
CA ASP A 458 40.00 19.20 -42.81
C ASP A 458 40.31 18.44 -44.08
N LEU A 459 41.61 18.30 -44.37
CA LEU A 459 42.03 17.64 -45.62
C LEU A 459 41.83 16.14 -45.60
N LEU A 460 41.79 15.51 -44.44
CA LEU A 460 41.49 14.10 -44.28
C LEU A 460 40.33 13.96 -43.29
N ASN A 461 39.88 12.71 -43.08
CA ASN A 461 38.86 12.41 -42.08
C ASN A 461 39.44 11.28 -41.23
N PRO A 462 40.22 11.62 -40.21
CA PRO A 462 40.81 10.58 -39.35
C PRO A 462 39.79 9.85 -38.47
N ILE A 463 39.04 10.60 -37.65
CA ILE A 463 38.04 9.98 -36.79
C ILE A 463 36.93 9.33 -37.59
N GLY A 464 36.82 9.66 -38.87
CA GLY A 464 35.78 9.11 -39.74
C GLY A 464 35.73 7.60 -39.76
N VAL A 465 34.55 7.05 -40.01
CA VAL A 465 34.34 5.61 -39.95
C VAL A 465 35.24 4.90 -40.98
N THR A 466 35.60 3.66 -40.66
CA THR A 466 36.45 2.85 -41.51
C THR A 466 35.60 1.91 -42.36
N GLY A 467 36.01 1.68 -43.59
CA GLY A 467 35.35 0.76 -44.50
C GLY A 467 34.83 1.43 -45.76
N SER A 468 34.44 0.59 -46.71
CA SER A 468 33.91 1.07 -47.98
C SER A 468 32.46 1.52 -47.84
N ASN A 469 32.04 2.42 -48.72
CA ASN A 469 30.66 2.92 -48.71
C ASN A 469 29.70 1.86 -49.24
N PRO A 470 28.65 1.51 -48.48
CA PRO A 470 27.61 0.65 -49.05
C PRO A 470 26.93 1.25 -50.28
N ASN A 471 26.74 2.58 -50.30
CA ASN A 471 26.20 3.25 -51.48
C ASN A 471 27.27 3.23 -52.58
N LYS A 472 27.06 2.36 -53.57
CA LYS A 472 28.02 2.15 -54.65
C LYS A 472 27.93 3.20 -55.76
N GLU A 473 27.04 4.19 -55.65
CA GLU A 473 26.87 5.19 -56.70
C GLU A 473 27.71 6.43 -56.49
N THR A 474 28.16 6.70 -55.27
CA THR A 474 29.02 7.83 -55.04
C THR A 474 30.43 7.53 -55.54
N PRO A 475 31.30 8.55 -55.66
CA PRO A 475 32.69 8.33 -56.10
C PRO A 475 33.43 7.11 -55.54
N CYS A 476 33.98 6.29 -56.45
CA CYS A 476 34.61 5.02 -56.14
C CYS A 476 36.07 5.07 -56.58
N LEU A 477 36.99 5.14 -55.62
CA LEU A 477 38.41 5.15 -55.91
C LEU A 477 38.91 3.72 -56.08
N GLU A 478 39.93 3.55 -56.91
CA GLU A 478 40.50 2.24 -57.16
C GLU A 478 42.01 2.31 -56.99
N LEU A 479 42.60 1.27 -56.40
CA LEU A 479 44.01 1.32 -56.08
C LEU A 479 44.57 -0.09 -55.96
N GLU A 480 45.88 -0.17 -55.78
CA GLU A 480 46.58 -1.46 -55.70
C GLU A 480 47.67 -1.36 -54.63
N PHE A 481 47.49 -2.07 -53.52
CA PHE A 481 48.46 -2.18 -52.46
C PHE A 481 49.58 -3.13 -52.85
N ASP A 482 50.67 -3.04 -52.10
CA ASP A 482 51.87 -3.83 -52.37
C ASP A 482 51.60 -5.30 -52.11
N TRP A 483 51.85 -6.12 -53.13
CA TRP A 483 51.69 -7.56 -53.03
C TRP A 483 53.04 -8.22 -52.79
N PHE A 484 53.15 -8.95 -51.70
CA PHE A 484 54.37 -9.67 -51.34
C PHE A 484 54.26 -11.13 -51.75
N SER A 485 55.38 -11.85 -51.59
CA SER A 485 55.47 -13.24 -52.04
C SER A 485 54.31 -14.08 -51.51
N SER A 486 54.00 -13.94 -50.23
CA SER A 486 52.94 -14.75 -49.63
C SER A 486 51.87 -13.87 -48.98
N VAL A 487 51.08 -14.44 -48.08
CA VAL A 487 49.99 -13.74 -47.40
C VAL A 487 50.46 -13.31 -46.02
N VAL A 488 50.51 -12.00 -45.81
CA VAL A 488 51.04 -11.40 -44.59
C VAL A 488 50.06 -11.53 -43.44
N LYS A 489 50.58 -11.58 -42.22
CA LYS A 489 49.79 -11.55 -40.99
C LYS A 489 50.56 -10.85 -39.88
N PHE A 490 49.79 -10.25 -38.96
CA PHE A 490 50.32 -9.63 -37.75
C PHE A 490 50.68 -10.71 -36.74
N PRO A 491 51.84 -10.64 -36.09
CA PRO A 491 52.31 -11.77 -35.29
C PRO A 491 51.50 -11.96 -34.01
N ASP A 492 51.37 -13.22 -33.61
CA ASP A 492 50.71 -13.58 -32.36
C ASP A 492 51.45 -13.00 -31.15
N MET A 493 50.73 -12.93 -30.03
CA MET A 493 51.21 -12.20 -28.86
C MET A 493 52.52 -12.76 -28.33
N SER A 494 52.72 -14.08 -28.45
CA SER A 494 53.93 -14.70 -27.92
C SER A 494 55.18 -14.19 -28.63
N VAL A 495 55.10 -13.94 -29.94
CA VAL A 495 56.25 -13.40 -30.65
C VAL A 495 56.55 -11.99 -30.17
N ILE A 496 55.51 -11.21 -29.89
CA ILE A 496 55.71 -9.86 -29.40
C ILE A 496 56.35 -9.89 -28.01
N GLU A 497 56.01 -10.89 -27.19
CA GLU A 497 56.67 -11.02 -25.90
C GLU A 497 58.14 -11.43 -26.04
N GLU A 498 58.40 -12.39 -26.93
CA GLU A 498 59.76 -12.77 -27.24
C GLU A 498 60.60 -11.56 -27.63
N HIS A 499 60.06 -10.72 -28.50
CA HIS A 499 60.75 -9.47 -28.85
C HIS A 499 60.93 -8.60 -27.61
N ALA A 500 59.88 -8.50 -26.78
CA ALA A 500 59.93 -7.66 -25.59
C ALA A 500 61.11 -8.01 -24.70
N ASN A 501 61.41 -9.31 -24.53
CA ASN A 501 62.55 -9.67 -23.70
C ASN A 501 63.88 -9.28 -24.35
N TRP A 502 63.91 -8.16 -25.07
CA TRP A 502 65.13 -7.59 -25.63
C TRP A 502 65.96 -8.58 -26.43
N ARG A 528 67.11 5.21 -11.14
CA ARG A 528 65.93 4.92 -10.33
C ARG A 528 65.55 6.14 -9.50
N GLU A 529 66.04 6.17 -8.26
CA GLU A 529 65.98 7.34 -7.40
C GLU A 529 64.55 7.72 -7.03
N ASN A 530 64.27 9.02 -6.84
CA ASN A 530 63.02 9.47 -6.22
C ASN A 530 62.47 10.69 -6.99
N ASP A 531 61.87 10.45 -8.14
CA ASP A 531 61.11 11.48 -8.86
C ASP A 531 59.60 11.21 -8.76
N LYS A 532 59.19 10.61 -7.65
CA LYS A 532 57.81 10.20 -7.42
C LYS A 532 56.89 11.39 -7.12
N GLU A 533 57.47 12.50 -6.64
CA GLU A 533 56.69 13.69 -6.37
C GLU A 533 55.82 14.04 -7.56
N GLN A 534 56.37 13.91 -8.76
CA GLN A 534 55.65 14.23 -9.99
C GLN A 534 54.61 13.17 -10.33
N LEU A 535 55.00 11.89 -10.31
CA LEU A 535 54.07 10.81 -10.65
C LEU A 535 52.79 10.91 -9.84
N LYS A 536 52.90 11.27 -8.55
CA LYS A 536 51.67 11.54 -7.81
C LYS A 536 51.23 12.99 -7.94
N ALA A 537 51.15 13.47 -9.18
CA ALA A 537 50.68 14.82 -9.47
C ALA A 537 50.26 14.90 -10.93
N ILE A 538 50.97 14.17 -11.80
CA ILE A 538 50.60 14.12 -13.20
C ILE A 538 49.51 13.08 -13.43
N SER A 539 49.47 12.05 -12.59
CA SER A 539 48.40 11.08 -12.61
C SER A 539 47.11 11.62 -12.00
N THR A 540 47.15 12.81 -11.40
CA THR A 540 45.98 13.46 -10.84
C THR A 540 45.48 14.60 -11.71
N ARG A 541 46.25 14.99 -12.72
CA ARG A 541 45.85 16.01 -13.67
C ARG A 541 44.87 15.44 -14.69
N ASP A 542 43.90 16.26 -15.10
CA ASP A 542 42.82 15.81 -15.95
C ASP A 542 43.35 15.29 -17.28
N PRO A 543 42.58 14.43 -17.97
CA PRO A 543 43.07 13.84 -19.23
C PRO A 543 43.53 14.87 -20.26
N LEU A 544 42.88 16.02 -20.33
CA LEU A 544 43.20 17.05 -21.31
C LEU A 544 44.34 17.95 -20.86
N SER A 545 45.01 17.63 -19.75
CA SER A 545 46.19 18.38 -19.35
C SER A 545 47.36 18.04 -20.27
N GLU A 546 48.09 19.08 -20.67
CA GLU A 546 49.17 18.95 -21.64
C GLU A 546 50.22 17.93 -21.20
N ILE A 547 50.74 17.19 -22.17
CA ILE A 547 51.75 16.16 -21.95
C ILE A 547 53.01 16.61 -22.68
N THR A 548 53.94 17.23 -21.95
CA THR A 548 55.15 17.75 -22.57
C THR A 548 56.12 16.62 -22.89
N GLU A 549 56.97 16.85 -23.90
CA GLU A 549 57.90 15.83 -24.35
C GLU A 549 58.87 15.43 -23.24
N GLN A 550 59.32 16.40 -22.45
CA GLN A 550 60.08 16.09 -21.25
C GLN A 550 59.34 15.09 -20.38
N GLU A 551 58.08 15.38 -20.07
CA GLU A 551 57.28 14.48 -19.25
C GLU A 551 56.96 13.18 -19.98
N LYS A 552 56.82 13.24 -21.30
CA LYS A 552 56.56 12.03 -22.07
C LYS A 552 57.69 11.02 -21.93
N ASP A 553 58.93 11.46 -22.17
CA ASP A 553 60.06 10.55 -22.07
C ASP A 553 60.42 10.24 -20.63
N PHE A 554 60.13 11.18 -19.71
CA PHE A 554 60.31 10.90 -18.28
C PHE A 554 59.39 9.79 -17.82
N LEU A 555 58.18 9.72 -18.38
CA LEU A 555 57.26 8.63 -18.06
C LEU A 555 57.69 7.33 -18.73
N TRP A 556 57.96 7.36 -20.04
CA TRP A 556 58.38 6.16 -20.75
C TRP A 556 59.63 5.54 -20.14
N SER A 557 60.54 6.37 -19.62
CA SER A 557 61.76 5.84 -19.00
C SER A 557 61.44 5.12 -17.69
N HIS A 558 60.83 5.82 -16.75
CA HIS A 558 60.44 5.20 -15.48
C HIS A 558 59.09 4.52 -15.64
N ARG A 559 58.97 3.64 -16.64
CA ARG A 559 57.69 2.99 -16.92
C ARG A 559 57.51 1.74 -16.07
N HIS A 560 58.58 0.98 -15.84
CA HIS A 560 58.46 -0.23 -15.05
C HIS A 560 58.13 0.06 -13.60
N TYR A 561 58.29 1.31 -13.16
CA TYR A 561 57.85 1.70 -11.83
C TYR A 561 56.38 2.07 -11.80
N CYS A 562 55.86 2.66 -12.89
CA CYS A 562 54.48 3.12 -12.99
C CYS A 562 53.45 2.14 -12.43
N VAL A 563 53.75 0.84 -12.55
CA VAL A 563 52.88 -0.22 -12.04
C VAL A 563 52.47 0.04 -10.59
N THR A 564 53.35 0.63 -9.79
CA THR A 564 53.01 0.92 -8.40
C THR A 564 51.81 1.85 -8.30
N ILE A 565 51.77 2.88 -9.14
CA ILE A 565 50.64 3.80 -9.20
C ILE A 565 49.87 3.50 -10.48
N PRO A 566 48.92 2.55 -10.47
CA PRO A 566 48.37 2.05 -11.74
C PRO A 566 47.52 3.05 -12.49
N GLU A 567 46.81 3.94 -11.79
CA GLU A 567 45.92 4.88 -12.46
C GLU A 567 46.64 5.83 -13.41
N ILE A 568 47.97 5.81 -13.42
CA ILE A 568 48.73 6.64 -14.37
C ILE A 568 48.84 5.99 -15.73
N LEU A 569 48.33 4.77 -15.90
CA LEU A 569 48.40 4.08 -17.19
C LEU A 569 47.87 4.89 -18.37
N PRO A 570 46.74 5.64 -18.28
CA PRO A 570 46.33 6.46 -19.42
C PRO A 570 47.42 7.39 -19.91
N LYS A 571 47.87 8.30 -19.04
CA LYS A 571 48.91 9.26 -19.41
C LYS A 571 50.12 8.55 -20.02
N LEU A 572 50.59 7.50 -19.35
CA LEU A 572 51.73 6.73 -19.84
C LEU A 572 51.55 6.31 -21.29
N LEU A 573 50.36 5.79 -21.62
CA LEU A 573 50.15 5.29 -22.98
C LEU A 573 50.23 6.41 -24.01
N LEU A 574 49.87 7.63 -23.63
CA LEU A 574 49.96 8.75 -24.56
C LEU A 574 51.40 9.16 -24.83
N SER A 575 52.33 8.77 -23.97
CA SER A 575 53.73 9.12 -24.12
C SER A 575 54.55 8.04 -24.83
N VAL A 576 53.90 7.09 -25.49
CA VAL A 576 54.59 6.05 -26.24
C VAL A 576 54.66 6.45 -27.71
N LYS A 577 55.73 6.01 -28.37
CA LYS A 577 55.94 6.23 -29.80
C LYS A 577 55.44 4.97 -30.52
N TRP A 578 54.23 5.06 -31.06
CA TRP A 578 53.55 3.86 -31.54
C TRP A 578 54.12 3.33 -32.85
N ASN A 579 54.85 4.13 -33.61
CA ASN A 579 55.48 3.64 -34.83
C ASN A 579 56.81 2.96 -34.56
N SER A 580 56.89 2.19 -33.48
CA SER A 580 58.11 1.48 -33.11
C SER A 580 57.67 0.15 -32.51
N ARG A 581 57.82 -0.92 -33.28
CA ARG A 581 57.60 -2.27 -32.77
C ARG A 581 58.30 -2.47 -31.43
N ASP A 582 59.41 -1.77 -31.20
CA ASP A 582 60.15 -1.91 -29.95
C ASP A 582 59.31 -1.44 -28.76
N GLU A 583 58.95 -0.15 -28.76
CA GLU A 583 58.15 0.40 -27.67
C GLU A 583 56.79 -0.25 -27.61
N VAL A 584 56.19 -0.56 -28.77
CA VAL A 584 54.87 -1.19 -28.78
C VAL A 584 54.94 -2.56 -28.13
N ALA A 585 55.96 -3.35 -28.48
CA ALA A 585 56.11 -4.68 -27.89
C ALA A 585 56.32 -4.61 -26.39
N GLN A 586 57.14 -3.67 -25.93
CA GLN A 586 57.34 -3.50 -24.48
C GLN A 586 56.03 -3.11 -23.79
N MET A 587 55.34 -2.12 -24.36
CA MET A 587 54.10 -1.64 -23.77
C MET A 587 53.03 -2.73 -23.72
N TYR A 588 52.98 -3.60 -24.74
CA TYR A 588 52.04 -4.73 -24.72
C TYR A 588 52.21 -5.56 -23.45
N CYS A 589 53.46 -5.91 -23.14
CA CYS A 589 53.74 -6.75 -21.98
C CYS A 589 53.49 -6.01 -20.68
N LEU A 590 53.70 -4.69 -20.66
CA LEU A 590 53.29 -3.93 -19.48
C LEU A 590 51.78 -3.95 -19.32
N VAL A 591 51.03 -3.83 -20.42
CA VAL A 591 49.58 -3.79 -20.37
C VAL A 591 49.01 -5.11 -19.83
N LYS A 592 49.45 -6.23 -20.39
CA LYS A 592 48.89 -7.53 -19.98
C LYS A 592 48.96 -7.71 -18.46
N ASP A 593 50.14 -7.48 -17.87
CA ASP A 593 50.32 -7.61 -16.42
C ASP A 593 50.13 -6.27 -15.70
N TRP A 594 49.01 -5.59 -15.95
CA TRP A 594 48.80 -4.32 -15.28
C TRP A 594 47.74 -4.47 -14.20
N PRO A 595 47.89 -3.79 -13.05
CA PRO A 595 46.89 -3.90 -11.97
C PRO A 595 45.53 -3.40 -12.43
N PRO A 596 44.47 -4.14 -12.13
CA PRO A 596 43.12 -3.63 -12.41
C PRO A 596 42.92 -2.27 -11.76
N ILE A 597 42.44 -1.31 -12.55
CA ILE A 597 42.18 0.03 -12.07
C ILE A 597 40.67 0.20 -11.93
N LYS A 598 40.28 1.27 -11.23
CA LYS A 598 38.86 1.52 -11.02
C LYS A 598 38.16 1.66 -12.36
N PRO A 599 36.90 1.22 -12.46
CA PRO A 599 36.23 1.21 -13.78
C PRO A 599 36.07 2.58 -14.40
N GLU A 600 35.81 3.60 -13.58
CA GLU A 600 35.64 4.95 -14.09
C GLU A 600 36.90 5.43 -14.80
N GLN A 601 38.07 4.98 -14.35
CA GLN A 601 39.31 5.37 -15.00
C GLN A 601 39.59 4.51 -16.22
N ALA A 602 39.17 3.24 -16.20
CA ALA A 602 39.40 2.35 -17.33
C ALA A 602 38.52 2.71 -18.52
N MET A 603 37.40 3.37 -18.28
CA MET A 603 36.57 3.86 -19.39
C MET A 603 37.37 4.77 -20.30
N GLU A 604 38.25 5.59 -19.72
CA GLU A 604 39.09 6.50 -20.51
C GLU A 604 39.82 5.74 -21.61
N LEU A 605 40.32 4.55 -21.30
CA LEU A 605 41.07 3.79 -22.30
C LEU A 605 40.20 3.26 -23.42
N LEU A 606 38.91 3.59 -23.43
CA LEU A 606 38.01 3.20 -24.51
C LEU A 606 37.59 4.35 -25.40
N ASP A 607 37.96 5.59 -25.06
CA ASP A 607 37.61 6.71 -25.93
C ASP A 607 38.59 6.72 -27.11
N CYS A 608 38.57 7.81 -27.90
CA CYS A 608 39.27 7.81 -29.18
C CYS A 608 40.78 7.85 -29.05
N ASN A 609 41.31 8.42 -27.96
CA ASN A 609 42.75 8.62 -27.83
C ASN A 609 43.54 7.32 -27.71
N TYR A 610 42.87 6.19 -27.48
CA TYR A 610 43.53 4.92 -27.22
C TYR A 610 42.93 3.85 -28.14
N PRO A 611 43.47 3.70 -29.34
CA PRO A 611 42.92 2.73 -30.31
C PRO A 611 43.59 1.37 -30.31
N ASP A 612 44.67 1.17 -29.55
CA ASP A 612 45.37 -0.10 -29.56
C ASP A 612 44.49 -1.20 -28.96
N PRO A 613 44.47 -2.39 -29.56
CA PRO A 613 43.57 -3.45 -29.07
C PRO A 613 43.90 -3.93 -27.67
N MET A 614 45.18 -4.04 -27.29
CA MET A 614 45.51 -4.49 -25.94
C MET A 614 45.01 -3.53 -24.88
N VAL A 615 45.05 -2.22 -25.16
CA VAL A 615 44.55 -1.23 -24.22
C VAL A 615 43.07 -1.43 -23.98
N ARG A 616 42.31 -1.58 -25.06
CA ARG A 616 40.87 -1.77 -24.95
C ARG A 616 40.53 -3.10 -24.30
N GLY A 617 41.28 -4.15 -24.62
CA GLY A 617 41.10 -5.43 -23.95
C GLY A 617 41.30 -5.32 -22.45
N PHE A 618 42.33 -4.60 -22.03
CA PHE A 618 42.53 -4.36 -20.60
C PHE A 618 41.34 -3.62 -19.99
N ALA A 619 40.89 -2.54 -20.64
CA ALA A 619 39.74 -1.81 -20.12
C ALA A 619 38.50 -2.70 -20.03
N VAL A 620 38.28 -3.53 -21.04
CA VAL A 620 37.13 -4.41 -21.07
C VAL A 620 37.20 -5.43 -19.93
N ARG A 621 38.39 -6.00 -19.71
CA ARG A 621 38.57 -6.93 -18.60
C ARG A 621 38.32 -6.26 -17.26
N CYS A 622 38.81 -5.02 -17.12
CA CYS A 622 38.53 -4.22 -15.93
C CYS A 622 37.04 -4.09 -15.70
N LEU A 623 36.29 -3.78 -16.76
CA LEU A 623 34.85 -3.66 -16.63
C LEU A 623 34.20 -5.00 -16.29
N GLU A 624 34.66 -6.08 -16.93
CA GLU A 624 34.10 -7.42 -16.67
C GLU A 624 34.23 -7.81 -15.22
N LYS A 625 35.32 -7.41 -14.56
CA LYS A 625 35.49 -7.82 -13.17
C LYS A 625 34.98 -6.81 -12.15
N TYR A 626 35.22 -5.51 -12.37
CA TYR A 626 35.05 -4.51 -11.33
C TYR A 626 33.81 -3.64 -11.47
N LEU A 627 33.17 -3.60 -12.64
CA LEU A 627 32.03 -2.70 -12.82
C LEU A 627 30.73 -3.33 -12.31
N THR A 628 29.96 -2.56 -11.55
CA THR A 628 28.66 -3.03 -11.07
C THR A 628 27.59 -2.83 -12.13
N ASP A 629 26.58 -3.70 -12.10
CA ASP A 629 25.44 -3.56 -12.99
C ASP A 629 24.78 -2.20 -12.85
N ASP A 630 24.67 -1.70 -11.60
CA ASP A 630 24.12 -0.37 -11.35
C ASP A 630 24.78 0.70 -12.20
N LYS A 631 26.10 0.83 -12.08
CA LYS A 631 26.80 1.86 -12.85
C LYS A 631 26.89 1.51 -14.33
N LEU A 632 26.92 0.23 -14.68
CA LEU A 632 26.81 -0.15 -16.08
C LEU A 632 25.54 0.46 -16.70
N SER A 633 24.43 0.40 -15.96
CA SER A 633 23.24 1.14 -16.37
C SER A 633 23.50 2.64 -16.35
N GLN A 634 24.20 3.12 -15.31
CA GLN A 634 24.44 4.57 -15.16
C GLN A 634 25.19 5.15 -16.35
N TYR A 635 26.22 4.45 -16.83
CA TYR A 635 27.09 4.96 -17.90
C TYR A 635 26.83 4.30 -19.25
N LEU A 636 25.63 3.78 -19.48
CA LEU A 636 25.38 3.01 -20.70
C LEU A 636 25.52 3.88 -21.96
N ILE A 637 25.09 5.14 -21.88
CA ILE A 637 25.14 6.02 -23.05
C ILE A 637 26.55 6.07 -23.63
N GLN A 638 27.53 6.38 -22.77
CA GLN A 638 28.92 6.45 -23.21
C GLN A 638 29.41 5.11 -23.71
N LEU A 639 29.05 4.05 -23.01
CA LEU A 639 29.50 2.71 -23.37
C LEU A 639 29.00 2.31 -24.76
N VAL A 640 27.75 2.67 -25.09
CA VAL A 640 27.23 2.39 -26.42
C VAL A 640 27.94 3.26 -27.46
N GLN A 641 28.05 4.56 -27.19
CA GLN A 641 28.73 5.46 -28.14
C GLN A 641 30.15 5.01 -28.43
N VAL A 642 30.82 4.38 -27.47
CA VAL A 642 32.22 4.00 -27.62
C VAL A 642 32.38 2.76 -28.51
N LEU A 643 31.32 1.98 -28.72
CA LEU A 643 31.40 0.84 -29.64
C LEU A 643 31.82 1.27 -31.05
N LYS A 644 31.49 2.51 -31.42
CA LYS A 644 31.79 2.99 -32.77
C LYS A 644 33.28 3.02 -33.05
N TYR A 645 34.09 3.37 -32.04
CA TYR A 645 35.52 3.58 -32.25
C TYR A 645 36.25 2.29 -32.59
N GLU A 646 35.77 1.14 -32.11
CA GLU A 646 36.48 -0.12 -32.27
C GLU A 646 36.63 -0.47 -33.75
N GLN A 647 37.77 -1.09 -34.08
CA GLN A 647 38.14 -1.32 -35.48
C GLN A 647 37.16 -2.27 -36.16
N TYR A 648 36.87 -3.39 -35.51
CA TYR A 648 36.18 -4.50 -36.18
C TYR A 648 34.85 -4.80 -35.51
N LEU A 649 34.00 -5.51 -36.27
CA LEU A 649 32.67 -5.86 -35.78
C LEU A 649 32.76 -6.71 -34.52
N ASP A 650 33.49 -7.81 -34.59
CA ASP A 650 33.68 -8.71 -33.44
C ASP A 650 34.88 -8.24 -32.62
N ASN A 651 34.64 -7.95 -31.34
CA ASN A 651 35.69 -7.53 -30.42
C ASN A 651 35.23 -7.84 -29.01
N LEU A 652 36.09 -7.52 -28.03
CA LEU A 652 35.80 -7.89 -26.65
C LEU A 652 34.71 -7.01 -26.05
N LEU A 653 34.63 -5.75 -26.48
CA LEU A 653 33.68 -4.83 -25.87
C LEU A 653 32.25 -5.17 -26.27
N VAL A 654 32.01 -5.41 -27.56
CA VAL A 654 30.67 -5.78 -28.01
C VAL A 654 30.23 -7.08 -27.34
N ARG A 655 31.13 -8.05 -27.24
CA ARG A 655 30.78 -9.31 -26.59
C ARG A 655 30.40 -9.07 -25.13
N PHE A 656 31.18 -8.26 -24.41
CA PHE A 656 30.86 -7.95 -23.03
C PHE A 656 29.49 -7.29 -22.91
N LEU A 657 29.24 -6.24 -23.70
CA LEU A 657 27.98 -5.52 -23.59
C LEU A 657 26.78 -6.39 -23.96
N LEU A 658 26.91 -7.17 -25.04
CA LEU A 658 25.81 -8.05 -25.44
C LEU A 658 25.52 -9.10 -24.37
N LYS A 659 26.56 -9.67 -23.77
CA LYS A 659 26.36 -10.64 -22.70
C LYS A 659 25.63 -10.01 -21.52
N LYS A 660 26.06 -8.81 -21.10
CA LYS A 660 25.39 -8.16 -19.99
C LYS A 660 23.98 -7.70 -20.35
N ALA A 661 23.71 -7.44 -21.62
CA ALA A 661 22.36 -7.09 -22.03
C ALA A 661 21.44 -8.30 -22.06
N LEU A 662 21.97 -9.46 -22.42
CA LEU A 662 21.19 -10.69 -22.41
C LEU A 662 21.18 -11.34 -21.03
N THR A 663 21.90 -10.77 -20.07
CA THR A 663 21.88 -11.23 -18.69
C THR A 663 21.03 -10.34 -17.81
N ASN A 664 20.82 -9.09 -18.20
CA ASN A 664 20.04 -8.14 -17.41
C ASN A 664 19.12 -7.38 -18.36
N GLN A 665 17.80 -7.56 -18.18
CA GLN A 665 16.87 -6.88 -19.07
C GLN A 665 16.83 -5.37 -18.82
N ARG A 666 17.15 -4.91 -17.61
CA ARG A 666 17.20 -3.47 -17.40
C ARG A 666 18.37 -2.85 -18.15
N ILE A 667 19.45 -3.59 -18.34
CA ILE A 667 20.48 -3.16 -19.29
C ILE A 667 19.98 -3.36 -20.71
N GLY A 668 19.56 -4.58 -21.04
CA GLY A 668 19.19 -4.92 -22.41
C GLY A 668 18.18 -3.96 -23.04
N HIS A 669 17.22 -3.48 -22.26
CA HIS A 669 16.20 -2.56 -22.76
C HIS A 669 16.84 -1.28 -23.32
N PHE A 670 17.65 -0.60 -22.50
CA PHE A 670 18.25 0.65 -22.95
C PHE A 670 19.38 0.40 -23.93
N PHE A 671 20.09 -0.73 -23.80
CA PHE A 671 21.00 -1.17 -24.85
C PHE A 671 20.30 -1.19 -26.21
N PHE A 672 19.15 -1.86 -26.26
CA PHE A 672 18.33 -1.93 -27.46
C PHE A 672 17.97 -0.54 -27.97
N TRP A 673 17.39 0.29 -27.11
CA TRP A 673 16.88 1.59 -27.57
C TRP A 673 18.01 2.49 -28.03
N HIS A 674 19.13 2.52 -27.28
CA HIS A 674 20.27 3.33 -27.69
C HIS A 674 20.82 2.89 -29.04
N LEU A 675 20.82 1.57 -29.31
CA LEU A 675 21.30 1.13 -30.62
C LEU A 675 20.28 1.46 -31.72
N LYS A 676 18.99 1.22 -31.46
CA LYS A 676 17.97 1.44 -32.47
C LYS A 676 17.86 2.91 -32.84
N SER A 677 18.00 3.81 -31.86
CA SER A 677 17.90 5.25 -32.09
C SER A 677 19.03 5.79 -32.97
N GLU A 678 19.96 4.94 -33.41
CA GLU A 678 21.03 5.34 -34.31
C GLU A 678 21.00 4.58 -35.62
N MET A 679 19.91 3.86 -35.92
CA MET A 679 19.77 3.16 -37.18
C MET A 679 19.46 4.10 -38.34
N HIS A 680 19.09 5.35 -38.03
CA HIS A 680 18.87 6.34 -39.08
C HIS A 680 20.18 6.72 -39.75
N ASN A 681 21.29 6.66 -39.02
CA ASN A 681 22.59 7.06 -39.55
C ASN A 681 23.21 5.89 -40.30
N LYS A 682 23.55 6.11 -41.56
CA LYS A 682 24.09 5.03 -42.38
C LYS A 682 25.50 4.63 -41.95
N THR A 683 26.27 5.57 -41.40
CA THR A 683 27.64 5.28 -41.00
C THR A 683 27.71 4.22 -39.92
N VAL A 684 26.66 4.11 -39.10
CA VAL A 684 26.63 3.15 -38.02
C VAL A 684 25.59 2.05 -38.26
N SER A 685 24.57 2.32 -39.08
CA SER A 685 23.47 1.43 -39.42
C SER A 685 23.85 -0.04 -39.43
N GLN A 686 24.88 -0.45 -40.18
CA GLN A 686 25.17 -1.88 -40.31
C GLN A 686 25.66 -2.47 -39.00
N ARG A 687 26.66 -1.87 -38.39
CA ARG A 687 27.19 -2.37 -37.12
C ARG A 687 26.08 -2.47 -36.07
N PHE A 688 25.38 -1.35 -35.83
CA PHE A 688 24.35 -1.34 -34.80
C PHE A 688 23.18 -2.27 -35.13
N GLY A 689 22.85 -2.41 -36.42
CA GLY A 689 21.80 -3.34 -36.81
C GLY A 689 22.19 -4.79 -36.60
N LEU A 690 23.43 -5.15 -36.94
CA LEU A 690 23.90 -6.51 -36.70
C LEU A 690 23.90 -6.81 -35.21
N LEU A 691 24.30 -5.84 -34.40
CA LEU A 691 24.28 -6.03 -32.95
C LEU A 691 22.84 -6.18 -32.45
N LEU A 692 21.93 -5.36 -32.96
CA LEU A 692 20.52 -5.49 -32.60
C LEU A 692 19.96 -6.85 -33.01
N GLU A 693 20.35 -7.35 -34.18
CA GLU A 693 19.95 -8.69 -34.58
C GLU A 693 20.43 -9.72 -33.58
N SER A 694 21.69 -9.60 -33.15
CA SER A 694 22.23 -10.51 -32.17
C SER A 694 21.41 -10.48 -30.87
N TYR A 695 21.15 -9.28 -30.35
CA TYR A 695 20.39 -9.16 -29.12
C TYR A 695 18.97 -9.71 -29.27
N CYS A 696 18.25 -9.26 -30.29
CA CYS A 696 16.85 -9.67 -30.47
C CYS A 696 16.71 -11.17 -30.68
N ARG A 697 17.73 -11.81 -31.28
CA ARG A 697 17.69 -13.25 -31.48
C ARG A 697 17.98 -14.03 -30.19
N ALA A 698 18.32 -13.34 -29.08
CA ALA A 698 18.58 -13.99 -27.80
C ALA A 698 17.76 -13.45 -26.62
N CYS A 699 17.35 -12.18 -26.58
CA CYS A 699 16.64 -11.66 -25.40
C CYS A 699 15.39 -12.44 -25.03
N GLY A 700 14.83 -13.19 -25.97
CA GLY A 700 13.72 -14.08 -25.67
C GLY A 700 12.38 -13.38 -25.78
N MET A 701 11.57 -13.49 -24.74
CA MET A 701 10.17 -13.05 -24.81
C MET A 701 10.00 -11.56 -24.55
N TYR A 702 11.06 -10.85 -24.13
CA TYR A 702 10.95 -9.41 -24.03
C TYR A 702 10.80 -8.77 -25.40
N LEU A 703 11.32 -9.43 -26.44
CA LEU A 703 11.20 -8.98 -27.83
C LEU A 703 9.79 -8.52 -28.18
N LYS A 704 8.75 -9.26 -27.74
CA LYS A 704 7.38 -8.87 -28.06
C LYS A 704 7.02 -7.54 -27.39
N HIS A 705 7.44 -7.34 -26.15
CA HIS A 705 7.17 -6.07 -25.48
C HIS A 705 7.88 -4.92 -26.19
N LEU A 706 9.12 -5.16 -26.62
CA LEU A 706 9.85 -4.18 -27.43
C LEU A 706 9.09 -3.86 -28.71
N ASN A 707 8.57 -4.89 -29.39
CA ASN A 707 7.76 -4.65 -30.57
C ASN A 707 6.54 -3.79 -30.26
N ARG A 708 5.86 -4.06 -29.14
CA ARG A 708 4.74 -3.20 -28.76
C ARG A 708 5.18 -1.76 -28.61
N GLN A 709 6.31 -1.55 -27.94
CA GLN A 709 6.82 -0.20 -27.77
C GLN A 709 7.13 0.44 -29.12
N VAL A 710 7.82 -0.28 -30.00
CA VAL A 710 8.14 0.21 -31.35
C VAL A 710 6.87 0.60 -32.10
N GLU A 711 5.93 -0.34 -32.23
CA GLU A 711 4.62 -0.07 -32.83
C GLU A 711 4.01 1.24 -32.32
N ALA A 712 3.96 1.42 -31.00
CA ALA A 712 3.36 2.62 -30.42
C ALA A 712 4.13 3.88 -30.84
N MET A 713 5.45 3.81 -30.77
CA MET A 713 6.27 4.96 -31.15
C MET A 713 6.09 5.28 -32.64
N GLU A 714 6.00 4.25 -33.47
CA GLU A 714 5.76 4.44 -34.90
C GLU A 714 4.46 5.22 -35.12
N LYS A 715 3.38 4.80 -34.46
CA LYS A 715 2.11 5.51 -34.59
C LYS A 715 2.24 6.96 -34.14
N LEU A 716 2.99 7.18 -33.05
CA LEU A 716 3.19 8.56 -32.58
C LEU A 716 3.97 9.39 -33.59
N ILE A 717 5.06 8.83 -34.13
CA ILE A 717 5.84 9.50 -35.17
C ILE A 717 4.96 9.90 -36.33
N ASN A 718 4.11 8.98 -36.79
CA ASN A 718 3.25 9.25 -37.94
C ASN A 718 2.24 10.36 -37.64
N LEU A 719 1.58 10.27 -36.48
CA LEU A 719 0.63 11.30 -36.09
C LEU A 719 1.28 12.68 -36.04
N THR A 720 2.45 12.78 -35.43
CA THR A 720 3.15 14.06 -35.37
C THR A 720 3.63 14.51 -36.74
N ASP A 721 4.00 13.58 -37.62
CA ASP A 721 4.33 13.92 -38.99
C ASP A 721 3.16 14.62 -39.67
N ILE A 722 1.94 14.12 -39.47
CA ILE A 722 0.77 14.78 -40.03
C ILE A 722 0.60 16.16 -39.43
N LEU A 723 0.65 16.26 -38.10
CA LEU A 723 0.50 17.57 -37.45
C LEU A 723 1.54 18.57 -37.94
N LYS A 724 2.74 18.10 -38.29
CA LYS A 724 3.84 18.97 -38.70
C LYS A 724 3.81 19.29 -40.19
N GLN A 725 3.53 18.29 -41.01
CA GLN A 725 3.55 18.50 -42.45
C GLN A 725 2.20 18.98 -43.00
N GLU A 726 1.35 18.02 -43.34
CA GLU A 726 0.06 18.23 -44.01
C GLU A 726 -0.76 19.33 -43.35
N LYS A 727 -1.03 19.19 -42.04
CA LYS A 727 -1.86 20.12 -41.30
C LYS A 727 -1.05 21.25 -40.66
N LYS A 728 0.06 21.64 -41.30
CA LYS A 728 0.98 22.62 -40.74
C LYS A 728 0.28 23.90 -40.32
N ASP A 729 -0.49 24.50 -41.23
CA ASP A 729 -1.05 25.83 -41.02
C ASP A 729 -2.47 25.80 -40.48
N GLU A 730 -2.93 24.67 -39.95
CA GLU A 730 -4.24 24.62 -39.35
C GLU A 730 -4.20 25.18 -37.94
N THR A 731 -5.33 25.73 -37.50
CA THR A 731 -5.41 26.26 -36.14
C THR A 731 -5.27 25.15 -35.12
N GLN A 732 -4.97 25.53 -33.88
CA GLN A 732 -4.80 24.51 -32.85
C GLN A 732 -6.11 23.83 -32.50
N LYS A 733 -7.23 24.58 -32.50
CA LYS A 733 -8.51 23.94 -32.20
C LYS A 733 -8.82 22.83 -33.18
N VAL A 734 -8.47 23.03 -34.45
CA VAL A 734 -8.77 22.01 -35.45
C VAL A 734 -7.74 20.89 -35.40
N GLN A 735 -6.49 21.20 -35.07
CA GLN A 735 -5.50 20.13 -34.90
C GLN A 735 -5.88 19.23 -33.73
N MET A 736 -6.35 19.81 -32.63
CA MET A 736 -6.81 19.01 -31.49
C MET A 736 -8.07 18.23 -31.84
N LYS A 737 -8.97 18.84 -32.61
CA LYS A 737 -10.13 18.10 -33.10
C LYS A 737 -9.68 16.86 -33.86
N PHE A 738 -8.74 17.03 -34.79
CA PHE A 738 -8.19 15.90 -35.53
C PHE A 738 -7.52 14.89 -34.60
N LEU A 739 -6.77 15.39 -33.63
CA LEU A 739 -6.09 14.52 -32.67
C LEU A 739 -7.07 13.61 -31.97
N VAL A 740 -8.14 14.18 -31.39
CA VAL A 740 -9.15 13.37 -30.72
C VAL A 740 -9.74 12.35 -31.69
N GLU A 741 -10.19 12.83 -32.86
CA GLU A 741 -10.77 11.95 -33.88
C GLU A 741 -9.88 10.75 -34.16
N GLN A 742 -8.59 11.00 -34.34
CA GLN A 742 -7.70 9.96 -34.82
C GLN A 742 -7.25 9.03 -33.70
N MET A 743 -7.02 9.55 -32.50
CA MET A 743 -6.66 8.70 -31.38
C MET A 743 -7.80 7.74 -31.02
N ARG A 744 -9.05 8.18 -31.16
CA ARG A 744 -10.15 7.30 -30.76
C ARG A 744 -10.29 6.09 -31.69
N ARG A 745 -9.76 6.16 -32.92
CA ARG A 745 -9.83 5.05 -33.84
C ARG A 745 -9.15 3.82 -33.24
N PRO A 746 -9.65 2.61 -33.53
CA PRO A 746 -9.22 1.44 -32.76
C PRO A 746 -7.77 1.03 -33.00
N ASP A 747 -7.23 1.22 -34.21
CA ASP A 747 -5.81 0.90 -34.44
C ASP A 747 -4.91 1.62 -33.46
N PHE A 748 -5.24 2.88 -33.14
CA PHE A 748 -4.43 3.67 -32.23
C PHE A 748 -4.65 3.23 -30.79
N MET A 749 -5.90 3.17 -30.35
CA MET A 749 -6.21 2.75 -28.98
C MET A 749 -5.55 1.40 -28.66
N ASP A 750 -5.72 0.42 -29.55
CA ASP A 750 -5.09 -0.89 -29.36
C ASP A 750 -3.57 -0.77 -29.36
N ALA A 751 -3.01 0.01 -30.31
CA ALA A 751 -1.56 0.03 -30.46
C ALA A 751 -0.87 0.83 -29.37
N LEU A 752 -1.56 1.80 -28.77
CA LEU A 752 -0.93 2.71 -27.82
C LEU A 752 -1.55 2.64 -26.43
N GLN A 753 -2.15 1.50 -26.09
CA GLN A 753 -2.57 1.23 -24.72
C GLN A 753 -2.05 -0.15 -24.32
N GLY A 754 -1.64 -0.28 -23.06
CA GLY A 754 -1.11 -1.53 -22.56
C GLY A 754 0.25 -1.91 -23.11
N PHE A 755 1.31 -1.23 -22.66
CA PHE A 755 2.68 -1.60 -23.01
C PHE A 755 3.61 -0.93 -22.01
N LEU A 756 4.89 -1.25 -22.12
CA LEU A 756 5.90 -0.75 -21.19
C LEU A 756 6.47 0.57 -21.68
N SER A 757 6.50 1.56 -20.79
CA SER A 757 7.17 2.84 -21.03
C SER A 757 8.64 2.63 -21.34
N PRO A 758 9.11 2.98 -22.54
CA PRO A 758 10.55 2.94 -22.80
C PRO A 758 11.38 3.78 -21.83
N LEU A 759 10.77 4.81 -21.22
CA LEU A 759 11.49 5.62 -20.23
C LEU A 759 11.87 4.81 -19.01
N ASN A 760 11.04 3.85 -18.62
CA ASN A 760 11.34 2.99 -17.49
C ASN A 760 10.41 1.78 -17.55
N PRO A 761 10.84 0.68 -18.19
CA PRO A 761 9.92 -0.44 -18.44
C PRO A 761 9.43 -1.12 -17.18
N ALA A 762 9.80 -0.57 -16.02
CA ALA A 762 9.19 -0.96 -14.77
C ALA A 762 7.80 -0.36 -14.61
N HIS A 763 7.50 0.70 -15.37
CA HIS A 763 6.17 1.30 -15.40
C HIS A 763 5.40 0.72 -16.58
N GLN A 764 4.23 0.15 -16.30
CA GLN A 764 3.29 -0.21 -17.34
C GLN A 764 2.50 1.02 -17.75
N LEU A 765 2.21 1.14 -19.04
CA LEU A 765 1.31 2.17 -19.55
C LEU A 765 -0.04 1.52 -19.80
N GLY A 766 -1.07 2.00 -19.11
CA GLY A 766 -2.38 1.36 -19.17
C GLY A 766 -3.27 1.86 -20.28
N ASN A 767 -4.36 2.52 -19.91
CA ASN A 767 -5.27 3.12 -20.87
C ASN A 767 -5.06 4.62 -20.93
N LEU A 768 -5.23 5.18 -22.12
CA LEU A 768 -5.04 6.62 -22.29
C LEU A 768 -6.20 7.37 -21.64
N ARG A 769 -5.89 8.24 -20.69
CA ARG A 769 -6.84 9.25 -20.25
C ARG A 769 -6.89 10.32 -21.34
N LEU A 770 -7.73 10.07 -22.34
CA LEU A 770 -7.76 10.92 -23.52
C LEU A 770 -8.05 12.37 -23.17
N GLU A 771 -8.97 12.59 -22.21
CA GLU A 771 -9.35 13.94 -21.83
C GLU A 771 -8.16 14.77 -21.34
N GLU A 772 -7.06 14.12 -20.97
CA GLU A 772 -5.83 14.80 -20.59
C GLU A 772 -4.87 14.95 -21.77
N CYS A 773 -4.84 13.97 -22.68
CA CYS A 773 -3.95 14.02 -23.83
C CYS A 773 -4.20 15.29 -24.66
N ARG A 774 -3.12 15.93 -25.09
CA ARG A 774 -3.23 17.17 -25.85
C ARG A 774 -1.95 17.41 -26.64
N ILE A 775 -2.06 18.27 -27.65
CA ILE A 775 -0.91 18.78 -28.39
C ILE A 775 -0.35 20.00 -27.66
N MET A 776 0.96 20.03 -27.48
CA MET A 776 1.58 21.12 -26.75
C MET A 776 1.73 22.34 -27.66
N SER A 777 1.88 23.51 -27.02
CA SER A 777 1.99 24.76 -27.75
C SER A 777 3.22 24.80 -28.65
N SER A 778 4.31 24.17 -28.21
CA SER A 778 5.59 24.19 -28.93
C SER A 778 5.40 24.03 -30.43
N ALA A 779 6.15 24.80 -31.19
CA ALA A 779 6.03 24.80 -32.65
C ALA A 779 6.32 23.42 -33.23
N LYS A 780 7.23 22.67 -32.62
CA LYS A 780 7.62 21.37 -33.14
C LYS A 780 6.50 20.34 -33.10
N ARG A 781 5.34 20.69 -32.51
CA ARG A 781 4.15 19.86 -32.37
C ARG A 781 4.42 18.64 -31.49
N PRO A 782 4.52 18.80 -30.17
CA PRO A 782 4.64 17.66 -29.27
C PRO A 782 3.28 17.06 -28.94
N LEU A 783 3.30 15.99 -28.16
CA LEU A 783 2.11 15.24 -27.74
C LEU A 783 2.22 14.97 -26.25
N TRP A 784 1.31 15.55 -25.47
CA TRP A 784 1.18 15.26 -24.04
C TRP A 784 0.29 14.03 -23.89
N LEU A 785 0.85 12.94 -23.39
CA LEU A 785 0.12 11.68 -23.29
C LEU A 785 0.00 11.25 -21.83
N ASN A 786 -1.19 10.79 -21.47
CA ASN A 786 -1.53 10.40 -20.11
C ASN A 786 -2.10 8.99 -20.13
N TRP A 787 -1.49 8.10 -19.34
CA TRP A 787 -1.93 6.73 -19.17
C TRP A 787 -2.35 6.49 -17.72
N GLU A 788 -3.28 5.56 -17.54
CA GLU A 788 -3.52 5.00 -16.23
C GLU A 788 -2.37 4.06 -15.88
N ASN A 789 -2.11 3.91 -14.58
CA ASN A 789 -1.18 2.88 -14.14
C ASN A 789 -1.96 1.60 -13.85
N PRO A 790 -1.76 0.53 -14.61
CA PRO A 790 -2.59 -0.67 -14.43
C PRO A 790 -2.24 -1.47 -13.19
N ASP A 791 -1.15 -1.13 -12.50
CA ASP A 791 -0.68 -1.89 -11.36
C ASP A 791 -1.80 -2.15 -10.36
N ILE A 792 -1.79 -3.37 -9.80
CA ILE A 792 -2.84 -3.83 -8.89
C ILE A 792 -3.07 -2.82 -7.78
N MET A 793 -2.01 -2.14 -7.35
CA MET A 793 -2.09 -1.07 -6.36
C MET A 793 -1.32 0.15 -6.88
N SER A 794 -1.78 0.66 -8.02
CA SER A 794 -1.29 1.93 -8.53
C SER A 794 -1.54 3.07 -7.54
N GLU A 795 -2.37 2.83 -6.54
CA GLU A 795 -2.68 3.80 -5.50
C GLU A 795 -1.45 4.20 -4.69
N LEU A 796 -0.43 3.35 -4.61
CA LEU A 796 0.68 3.56 -3.71
C LEU A 796 1.94 4.12 -4.38
N LEU A 797 1.84 4.59 -5.63
CA LEU A 797 2.98 5.15 -6.32
C LEU A 797 2.49 6.11 -7.41
N PHE A 798 2.57 5.68 -8.67
CA PHE A 798 2.06 6.45 -9.80
C PHE A 798 0.57 6.29 -9.97
N GLN A 799 -0.19 7.37 -9.74
CA GLN A 799 -1.58 7.41 -10.18
C GLN A 799 -1.66 7.51 -11.70
N ASN A 800 -1.01 8.52 -12.26
CA ASN A 800 -1.00 8.78 -13.69
C ASN A 800 0.42 8.75 -14.24
N ASN A 801 0.60 8.12 -15.39
CA ASN A 801 1.83 8.23 -16.18
C ASN A 801 1.68 9.33 -17.22
N GLU A 802 2.55 10.33 -17.20
CA GLU A 802 2.48 11.42 -18.16
C GLU A 802 3.80 11.56 -18.87
N ILE A 803 3.77 11.54 -20.21
CA ILE A 803 4.97 11.60 -21.04
C ILE A 803 4.77 12.59 -22.17
N ILE A 804 5.84 13.32 -22.51
CA ILE A 804 5.88 14.18 -23.67
C ILE A 804 6.57 13.43 -24.80
N PHE A 805 5.91 13.36 -25.95
CA PHE A 805 6.50 12.83 -27.19
C PHE A 805 6.71 14.02 -28.11
N LYS A 806 7.97 14.35 -28.40
CA LYS A 806 8.31 15.47 -29.26
C LYS A 806 8.99 14.95 -30.52
N ASN A 807 8.44 15.31 -31.69
CA ASN A 807 9.05 15.02 -32.99
C ASN A 807 9.62 16.33 -33.54
N GLY A 808 10.93 16.52 -33.40
CA GLY A 808 11.55 17.74 -33.89
C GLY A 808 12.96 18.01 -33.42
N ASP A 809 13.18 18.03 -32.11
CA ASP A 809 14.44 18.48 -31.53
C ASP A 809 15.35 17.31 -31.20
N ASP A 810 16.66 17.55 -31.31
CA ASP A 810 17.68 16.56 -30.96
C ASP A 810 17.84 16.52 -29.44
N LEU A 811 17.63 15.34 -28.86
CA LEU A 811 17.62 15.19 -27.41
C LEU A 811 18.95 14.72 -26.80
N ARG A 812 19.91 14.28 -27.62
CA ARG A 812 21.17 13.75 -27.09
C ARG A 812 21.82 14.72 -26.11
N GLN A 813 21.75 16.02 -26.39
CA GLN A 813 22.20 17.03 -25.43
C GLN A 813 21.53 16.84 -24.08
N ASP A 814 20.20 16.98 -24.04
CA ASP A 814 19.43 16.81 -22.81
C ASP A 814 19.78 15.51 -22.10
N MET A 815 19.86 14.40 -22.85
CA MET A 815 20.17 13.11 -22.24
C MET A 815 21.49 13.17 -21.48
N LEU A 816 22.56 13.56 -22.18
CA LEU A 816 23.88 13.59 -21.54
C LEU A 816 23.87 14.51 -20.32
N THR A 817 23.25 15.69 -20.46
CA THR A 817 23.14 16.62 -19.34
C THR A 817 22.51 15.94 -18.13
N LEU A 818 21.29 15.41 -18.30
CA LEU A 818 20.57 14.79 -17.19
C LEU A 818 21.38 13.65 -16.58
N GLN A 819 22.07 12.86 -17.41
CA GLN A 819 22.89 11.80 -16.86
C GLN A 819 23.98 12.37 -15.97
N ILE A 820 24.54 13.50 -16.36
CA ILE A 820 25.60 14.11 -15.55
C ILE A 820 25.02 14.70 -14.27
N ILE A 821 23.87 15.36 -14.37
CA ILE A 821 23.16 15.85 -13.18
C ILE A 821 22.95 14.72 -12.19
N ARG A 822 22.48 13.57 -12.69
CA ARG A 822 22.28 12.39 -11.86
C ARG A 822 23.57 12.00 -11.15
N ILE A 823 24.67 11.90 -11.91
CA ILE A 823 25.97 11.56 -11.33
C ILE A 823 26.35 12.54 -10.23
N MET A 824 26.15 13.84 -10.48
CA MET A 824 26.50 14.87 -9.49
C MET A 824 25.70 14.70 -8.21
N GLU A 825 24.38 14.50 -8.33
CA GLU A 825 23.57 14.28 -7.14
C GLU A 825 24.06 13.08 -6.35
N ASN A 826 24.45 12.03 -7.06
CA ASN A 826 25.03 10.86 -6.40
C ASN A 826 26.28 11.23 -5.62
N ILE A 827 27.17 12.00 -6.26
CA ILE A 827 28.43 12.38 -5.62
C ILE A 827 28.17 13.20 -4.36
N TRP A 828 27.32 14.23 -4.48
CA TRP A 828 27.00 15.07 -3.33
C TRP A 828 26.37 14.30 -2.19
N GLN A 829 25.55 13.29 -2.50
CA GLN A 829 24.92 12.56 -1.41
C GLN A 829 25.88 11.57 -0.77
N ASN A 830 26.80 11.00 -1.54
CA ASN A 830 27.83 10.15 -0.93
C ASN A 830 28.75 10.95 -0.03
N GLN A 831 28.94 12.23 -0.31
CA GLN A 831 29.74 13.10 0.54
C GLN A 831 28.90 13.86 1.57
N GLY A 832 27.72 13.34 1.90
CA GLY A 832 26.90 13.92 2.95
C GLY A 832 26.45 15.33 2.70
N LEU A 833 26.12 15.64 1.45
CA LEU A 833 25.64 16.96 1.06
C LEU A 833 24.27 16.79 0.40
N ASP A 834 23.21 17.03 1.19
CA ASP A 834 21.83 16.73 0.78
C ASP A 834 21.34 17.83 -0.16
N LEU A 835 21.71 17.70 -1.43
CA LEU A 835 21.24 18.59 -2.49
C LEU A 835 20.34 17.76 -3.41
N ARG A 836 19.04 17.95 -3.30
CA ARG A 836 18.08 17.13 -4.03
C ARG A 836 17.89 17.67 -5.44
N MET A 837 18.33 16.89 -6.43
CA MET A 837 18.14 17.21 -7.83
C MET A 837 16.91 16.47 -8.37
N LEU A 838 16.57 16.77 -9.63
CA LEU A 838 15.50 16.07 -10.33
C LEU A 838 15.94 15.79 -11.76
N PRO A 839 16.75 14.73 -11.97
CA PRO A 839 17.18 14.36 -13.34
C PRO A 839 16.13 13.53 -14.07
N TYR A 840 15.01 14.20 -14.38
CA TYR A 840 13.89 13.55 -15.04
C TYR A 840 14.34 12.76 -16.26
N GLY A 841 13.58 11.71 -16.56
CA GLY A 841 13.95 10.81 -17.63
C GLY A 841 13.90 11.48 -18.98
N CYS A 842 14.75 11.00 -19.88
CA CYS A 842 14.80 11.47 -21.25
C CYS A 842 15.48 10.40 -22.09
N LEU A 843 14.89 10.06 -23.23
CA LEU A 843 15.42 9.01 -24.08
C LEU A 843 15.19 9.35 -25.54
N SER A 844 16.28 9.46 -26.30
CA SER A 844 16.20 9.60 -27.75
C SER A 844 15.92 8.23 -28.35
N ILE A 845 14.85 8.13 -29.14
CA ILE A 845 14.46 6.88 -29.78
C ILE A 845 14.69 6.93 -31.28
N GLY A 846 15.11 8.06 -31.84
CA GLY A 846 15.39 8.15 -33.25
C GLY A 846 15.87 9.53 -33.60
N ASP A 847 16.08 9.75 -34.90
CA ASP A 847 16.65 10.99 -35.41
C ASP A 847 15.76 12.15 -34.99
N CYS A 848 16.16 12.83 -33.91
CA CYS A 848 15.41 13.96 -33.34
C CYS A 848 13.99 13.56 -32.91
N VAL A 849 13.84 12.36 -32.37
CA VAL A 849 12.57 11.88 -31.81
C VAL A 849 12.85 11.13 -30.52
N GLY A 850 12.16 11.51 -29.45
CA GLY A 850 12.34 10.87 -28.17
C GLY A 850 11.18 11.11 -27.23
N LEU A 851 11.42 10.81 -25.95
CA LEU A 851 10.41 10.88 -24.90
C LEU A 851 10.92 11.69 -23.71
N ILE A 852 9.99 12.30 -22.98
CA ILE A 852 10.32 13.13 -21.81
C ILE A 852 9.36 12.82 -20.68
N GLU A 853 9.90 12.35 -19.55
CA GLU A 853 9.12 12.21 -18.32
C GLU A 853 8.50 13.54 -17.91
N VAL A 854 7.26 13.51 -17.50
CA VAL A 854 6.62 14.65 -16.87
C VAL A 854 6.84 14.56 -15.37
N VAL A 855 7.02 15.71 -14.73
CA VAL A 855 7.06 15.80 -13.28
C VAL A 855 5.69 16.25 -12.82
N ARG A 856 5.08 15.47 -11.94
CA ARG A 856 3.73 15.80 -11.49
C ARG A 856 3.75 17.00 -10.55
N ASN A 857 2.86 17.95 -10.83
CA ASN A 857 2.60 19.09 -9.95
C ASN A 857 3.80 20.03 -9.86
N SER A 858 4.42 20.30 -11.02
CA SER A 858 5.49 21.29 -11.14
C SER A 858 5.06 22.42 -12.05
N HIS A 859 5.66 23.59 -11.86
CA HIS A 859 5.32 24.76 -12.65
C HIS A 859 6.56 25.61 -12.88
N THR A 860 6.62 26.24 -14.06
CA THR A 860 7.68 27.21 -14.35
C THR A 860 7.48 28.46 -13.50
N ILE A 861 8.60 29.14 -13.21
CA ILE A 861 8.50 30.41 -12.52
C ILE A 861 7.74 31.42 -13.38
N MET A 862 7.89 31.32 -14.70
CA MET A 862 6.99 32.00 -15.62
C MET A 862 5.54 31.71 -15.24
N GLN A 863 5.21 30.43 -15.12
CA GLN A 863 3.86 30.08 -14.70
C GLN A 863 3.60 30.66 -13.32
N ILE A 864 4.21 30.12 -12.26
CA ILE A 864 3.97 30.56 -10.88
C ILE A 864 3.70 32.06 -10.79
N GLN A 865 4.45 32.85 -11.58
CA GLN A 865 4.16 34.28 -11.71
C GLN A 865 2.80 34.52 -12.35
N CYS A 866 2.50 33.83 -13.46
CA CYS A 866 1.22 34.02 -14.13
C CYS A 866 0.11 33.14 -13.52
N LYS A 867 0.32 31.82 -13.52
CA LYS A 867 -0.55 30.84 -12.86
C LYS A 867 -0.99 31.26 -11.47
N GLY A 868 -0.08 31.77 -10.65
CA GLY A 868 -0.43 32.29 -9.34
C GLY A 868 -1.53 33.33 -9.44
N GLY A 869 -1.61 33.97 -10.59
CA GLY A 869 -2.66 34.90 -10.91
C GLY A 869 -2.14 36.32 -10.99
N LEU A 870 -3.06 37.21 -11.35
CA LEU A 870 -2.79 38.63 -11.20
C LEU A 870 -3.21 39.13 -9.83
N LYS A 871 -4.24 38.50 -9.25
CA LYS A 871 -4.70 38.79 -7.89
C LYS A 871 -5.00 40.28 -7.72
N GLY A 872 -5.38 40.94 -8.81
CA GLY A 872 -5.55 42.37 -8.81
C GLY A 872 -4.35 43.15 -9.30
N ALA A 873 -3.23 42.49 -9.58
CA ALA A 873 -2.00 43.15 -9.98
C ALA A 873 -1.57 42.62 -11.35
N LEU A 874 -1.57 43.52 -12.34
CA LEU A 874 -1.11 43.17 -13.68
C LEU A 874 0.28 42.55 -13.66
N GLN A 875 1.12 42.99 -12.73
CA GLN A 875 2.48 42.47 -12.61
C GLN A 875 2.52 41.35 -11.58
N PHE A 876 3.29 40.30 -11.89
CA PHE A 876 3.56 39.25 -10.91
C PHE A 876 4.15 39.80 -9.62
N ASN A 877 5.02 40.81 -9.73
CA ASN A 877 5.71 41.52 -8.65
C ASN A 877 7.00 40.81 -8.17
N SER A 878 7.29 39.59 -8.65
CA SER A 878 8.57 38.91 -8.39
C SER A 878 8.61 38.33 -6.98
N HIS A 879 8.05 39.05 -6.00
CA HIS A 879 7.88 38.47 -4.68
C HIS A 879 6.99 37.24 -4.74
N THR A 880 5.95 37.30 -5.60
CA THR A 880 4.90 36.30 -5.65
C THR A 880 5.38 34.88 -5.42
N LEU A 881 6.47 34.47 -6.09
CA LEU A 881 7.01 33.12 -5.90
C LEU A 881 7.04 32.71 -4.44
N HIS A 882 7.57 33.58 -3.58
CA HIS A 882 7.63 33.29 -2.17
C HIS A 882 6.23 33.09 -1.59
N GLN A 883 5.26 33.91 -2.00
CA GLN A 883 3.93 33.82 -1.43
C GLN A 883 3.11 32.65 -1.99
N TRP A 884 3.45 32.21 -3.21
CA TRP A 884 2.86 31.01 -3.78
C TRP A 884 3.39 29.78 -3.08
N LEU A 885 4.69 29.79 -2.75
CA LEU A 885 5.25 28.72 -1.94
C LEU A 885 4.66 28.76 -0.54
N LYS A 886 4.42 29.96 0.00
CA LYS A 886 3.81 30.08 1.32
C LYS A 886 2.33 29.73 1.30
N ASP A 887 1.65 29.97 0.18
CA ASP A 887 0.24 29.63 0.07
C ASP A 887 -0.01 28.14 -0.07
N LYS A 888 1.00 27.38 -0.51
CA LYS A 888 0.86 25.94 -0.66
C LYS A 888 1.58 25.15 0.43
N ASN A 889 2.28 25.84 1.33
CA ASN A 889 2.97 25.22 2.45
C ASN A 889 2.78 26.14 3.64
N LYS A 890 1.96 25.70 4.59
CA LYS A 890 1.64 26.52 5.76
C LYS A 890 2.06 25.78 7.03
N GLY A 891 2.07 26.52 8.14
CA GLY A 891 2.43 25.93 9.41
C GLY A 891 3.89 25.55 9.45
N GLU A 892 4.16 24.33 9.95
CA GLU A 892 5.52 23.82 10.02
C GLU A 892 6.02 23.27 8.69
N ILE A 893 5.10 22.97 7.77
CA ILE A 893 5.48 22.55 6.42
C ILE A 893 6.33 23.61 5.75
N TYR A 894 6.07 24.89 6.05
CA TYR A 894 6.76 26.02 5.44
C TYR A 894 8.28 25.86 5.51
N ASP A 895 8.81 25.73 6.72
CA ASP A 895 10.27 25.71 6.89
C ASP A 895 10.91 24.54 6.13
N ALA A 896 10.31 23.35 6.22
CA ALA A 896 10.89 22.20 5.52
C ALA A 896 10.83 22.39 4.01
N ALA A 897 9.75 23.01 3.52
CA ALA A 897 9.66 23.27 2.09
C ALA A 897 10.70 24.30 1.64
N ILE A 898 10.94 25.31 2.46
CA ILE A 898 11.99 26.28 2.18
C ILE A 898 13.35 25.59 2.12
N ASP A 899 13.60 24.67 3.06
CA ASP A 899 14.85 23.91 3.04
C ASP A 899 14.98 23.12 1.75
N LEU A 900 13.91 22.44 1.34
CA LEU A 900 13.93 21.71 0.08
C LEU A 900 14.28 22.63 -1.09
N PHE A 901 13.61 23.78 -1.16
CA PHE A 901 13.89 24.76 -2.22
C PHE A 901 15.35 25.16 -2.25
N THR A 902 15.89 25.60 -1.13
CA THR A 902 17.27 26.09 -1.12
C THR A 902 18.25 24.98 -1.48
N ARG A 903 18.08 23.79 -0.88
CA ARG A 903 19.00 22.69 -1.16
C ARG A 903 18.98 22.31 -2.64
N SER A 904 17.80 22.32 -3.26
CA SER A 904 17.73 22.00 -4.68
C SER A 904 18.29 23.14 -5.53
N CYS A 905 17.91 24.37 -5.21
CA CYS A 905 18.36 25.55 -5.95
C CYS A 905 19.88 25.66 -5.98
N ALA A 906 20.54 25.42 -4.84
CA ALA A 906 21.98 25.54 -4.79
C ALA A 906 22.65 24.54 -5.74
N GLY A 907 22.25 23.26 -5.65
CA GLY A 907 22.80 22.26 -6.55
C GLY A 907 22.58 22.59 -8.01
N TYR A 908 21.37 23.05 -8.36
CA TYR A 908 21.11 23.32 -9.76
C TYR A 908 21.89 24.54 -10.26
N CYS A 909 22.04 25.57 -9.40
CA CYS A 909 22.90 26.70 -9.75
C CYS A 909 24.33 26.27 -10.01
N VAL A 910 24.91 25.50 -9.09
CA VAL A 910 26.30 25.04 -9.25
C VAL A 910 26.45 24.24 -10.54
N ALA A 911 25.51 23.33 -10.80
CA ALA A 911 25.60 22.50 -12.01
C ALA A 911 25.45 23.36 -13.27
N THR A 912 24.53 24.33 -13.24
CA THR A 912 24.35 25.22 -14.39
C THR A 912 25.60 26.04 -14.65
N PHE A 913 26.39 26.31 -13.60
CA PHE A 913 27.65 27.02 -13.84
C PHE A 913 28.73 26.10 -14.38
N ILE A 914 28.99 24.98 -13.69
CA ILE A 914 30.07 24.09 -14.08
C ILE A 914 29.89 23.63 -15.53
N LEU A 915 28.67 23.22 -15.89
CA LEU A 915 28.36 22.88 -17.27
C LEU A 915 27.97 24.12 -18.05
N GLY A 916 28.39 24.17 -19.31
CA GLY A 916 28.04 25.30 -20.14
C GLY A 916 26.56 25.35 -20.50
N ILE A 917 25.74 25.77 -19.55
CA ILE A 917 24.31 25.93 -19.75
C ILE A 917 23.95 27.37 -19.43
N GLY A 918 23.54 28.12 -20.44
CA GLY A 918 23.01 29.44 -20.23
C GLY A 918 21.52 29.49 -20.45
N ASP A 919 20.99 30.67 -20.81
CA ASP A 919 19.59 30.82 -21.20
C ASP A 919 18.67 30.37 -20.06
N ARG A 920 18.98 30.84 -18.85
CA ARG A 920 18.30 30.43 -17.61
C ARG A 920 17.40 31.55 -17.10
N HIS A 921 16.15 31.59 -17.58
CA HIS A 921 15.21 32.59 -17.07
C HIS A 921 13.97 31.91 -16.50
N ASN A 922 12.87 32.65 -16.29
CA ASN A 922 11.76 32.09 -15.54
C ASN A 922 10.99 31.01 -16.31
N SER A 923 11.44 30.63 -17.50
CA SER A 923 10.76 29.61 -18.29
C SER A 923 11.55 28.31 -18.37
N ASN A 924 12.71 28.24 -17.73
CA ASN A 924 13.51 27.01 -17.71
C ASN A 924 13.63 26.42 -16.31
N ILE A 925 13.34 27.19 -15.27
CA ILE A 925 13.46 26.73 -13.88
C ILE A 925 12.05 26.52 -13.33
N MET A 926 11.83 25.35 -12.74
CA MET A 926 10.51 24.92 -12.28
C MET A 926 10.54 24.58 -10.80
N VAL A 927 9.39 24.73 -10.16
CA VAL A 927 9.20 24.45 -8.74
C VAL A 927 8.02 23.50 -8.58
N LYS A 928 8.19 22.50 -7.72
CA LYS A 928 7.10 21.64 -7.28
C LYS A 928 6.39 22.28 -6.08
N ASP A 929 5.18 21.78 -5.78
CA ASP A 929 4.43 22.30 -4.64
C ASP A 929 5.18 22.10 -3.32
N ASP A 930 5.88 20.97 -3.17
CA ASP A 930 6.69 20.77 -1.97
C ASP A 930 7.89 21.71 -1.94
N GLY A 931 8.25 22.29 -3.09
CA GLY A 931 9.24 23.33 -3.15
C GLY A 931 10.55 22.94 -3.80
N GLN A 932 10.62 21.79 -4.45
CA GLN A 932 11.86 21.38 -5.10
C GLN A 932 12.07 22.14 -6.40
N LEU A 933 13.24 22.73 -6.56
CA LEU A 933 13.62 23.42 -7.78
C LEU A 933 14.29 22.45 -8.74
N PHE A 934 14.10 22.69 -10.04
CA PHE A 934 14.82 21.90 -11.03
C PHE A 934 14.76 22.59 -12.38
N HIS A 935 15.79 22.38 -13.19
CA HIS A 935 15.93 23.04 -14.48
C HIS A 935 15.56 22.11 -15.62
N ILE A 936 15.17 22.73 -16.75
CA ILE A 936 14.79 22.02 -17.97
C ILE A 936 15.44 22.72 -19.15
N ASP A 937 15.26 22.11 -20.33
CA ASP A 937 15.76 22.65 -21.61
C ASP A 937 17.29 22.73 -21.61
N PHE A 938 17.92 21.56 -21.57
CA PHE A 938 19.37 21.47 -21.60
C PHE A 938 19.84 21.27 -23.04
N GLY A 939 19.61 22.30 -23.84
CA GLY A 939 19.81 22.21 -25.28
C GLY A 939 21.20 22.49 -25.79
N HIS A 940 22.00 23.22 -25.02
CA HIS A 940 23.27 23.74 -25.49
C HIS A 940 24.38 23.40 -24.51
N PHE A 941 25.50 22.91 -25.05
CA PHE A 941 26.63 22.47 -24.28
C PHE A 941 27.71 23.56 -24.26
N LEU A 942 28.39 23.67 -23.12
CA LEU A 942 29.65 24.41 -23.05
C LEU A 942 29.48 25.88 -23.41
N ASP A 943 28.30 26.42 -23.09
CA ASP A 943 27.99 27.85 -23.15
C ASP A 943 28.00 28.38 -24.59
N HIS A 944 27.36 27.64 -25.49
CA HIS A 944 27.27 28.02 -26.90
C HIS A 944 28.65 28.35 -27.45
N LYS A 945 29.65 27.59 -27.03
CA LYS A 945 31.03 27.88 -27.42
C LYS A 945 31.19 27.73 -28.93
N LYS A 946 30.69 26.63 -29.49
CA LYS A 946 30.62 26.50 -30.94
C LYS A 946 29.76 27.62 -31.54
N LYS A 947 28.64 27.93 -30.90
CA LYS A 947 27.67 28.88 -31.45
C LYS A 947 28.27 30.27 -31.58
N LYS A 948 27.79 31.00 -32.59
CA LYS A 948 28.15 32.40 -32.84
C LYS A 948 29.63 32.57 -33.18
N PHE A 949 30.36 33.29 -32.34
CA PHE A 949 31.71 33.72 -32.70
C PHE A 949 32.75 33.53 -31.61
N GLY A 950 32.38 33.59 -30.33
CA GLY A 950 33.29 33.26 -29.24
C GLY A 950 33.85 34.43 -28.45
N TYR A 951 33.26 35.62 -28.55
CA TYR A 951 33.75 36.80 -27.85
C TYR A 951 32.87 37.21 -26.67
N LYS A 952 32.01 36.33 -26.18
CA LYS A 952 31.17 36.67 -25.05
C LYS A 952 31.64 35.92 -23.80
N ARG A 953 30.70 35.66 -22.87
CA ARG A 953 30.88 35.07 -21.54
C ARG A 953 31.64 35.98 -20.58
N GLU A 954 32.01 37.20 -21.00
CA GLU A 954 32.57 38.18 -20.07
C GLU A 954 31.51 38.69 -19.10
N ARG A 955 30.22 38.60 -19.47
CA ARG A 955 29.13 39.09 -18.64
C ARG A 955 27.89 38.25 -18.89
N VAL A 956 27.27 37.77 -17.81
CA VAL A 956 26.05 36.96 -17.89
C VAL A 956 25.08 37.44 -16.82
N PRO A 957 23.90 37.95 -17.19
CA PRO A 957 22.95 38.43 -16.18
C PRO A 957 21.89 37.40 -15.77
N PHE A 958 21.90 36.98 -14.51
CA PHE A 958 20.89 36.07 -14.01
C PHE A 958 19.67 36.88 -13.56
N VAL A 959 18.52 36.59 -14.16
CA VAL A 959 17.36 37.46 -13.98
C VAL A 959 16.76 37.30 -12.58
N LEU A 960 16.69 36.07 -12.07
CA LEU A 960 15.84 35.74 -10.94
C LEU A 960 16.60 35.65 -9.63
N THR A 961 17.71 36.36 -9.49
CA THR A 961 18.48 36.31 -8.26
C THR A 961 17.65 36.78 -7.08
N GLN A 962 16.96 37.92 -7.22
CA GLN A 962 16.13 38.42 -6.14
C GLN A 962 14.96 37.50 -5.86
N ASP A 963 14.29 37.04 -6.92
CA ASP A 963 13.12 36.16 -6.75
C ASP A 963 13.47 34.95 -5.89
N PHE A 964 14.68 34.41 -6.05
CA PHE A 964 15.10 33.27 -5.24
C PHE A 964 15.59 33.71 -3.87
N LEU A 965 16.36 34.80 -3.82
CA LEU A 965 16.84 35.35 -2.55
C LEU A 965 15.69 35.65 -1.59
N ILE A 966 14.48 35.85 -2.11
CA ILE A 966 13.34 36.03 -1.23
C ILE A 966 12.92 34.70 -0.62
N VAL A 967 12.91 33.64 -1.43
CA VAL A 967 12.56 32.31 -0.92
C VAL A 967 13.67 31.81 0.00
N ILE A 968 14.91 31.80 -0.49
CA ILE A 968 16.05 31.46 0.33
C ILE A 968 16.15 32.54 1.40
N SER A 969 15.54 32.31 2.56
CA SER A 969 15.38 33.26 3.66
C SER A 969 14.30 34.30 3.36
N LYS A 970 13.16 34.17 4.07
CA LYS A 970 11.98 35.02 3.90
C LYS A 970 12.25 36.48 4.29
N GLY A 971 11.47 37.38 3.66
CA GLY A 971 11.29 38.77 4.09
C GLY A 971 12.57 39.56 4.09
N ALA A 972 12.82 40.29 5.18
CA ALA A 972 14.03 41.07 5.42
C ALA A 972 14.54 41.76 4.15
N GLN A 973 14.21 43.04 3.94
CA GLN A 973 14.58 43.70 2.69
C GLN A 973 16.04 43.49 2.37
N GLU A 974 16.90 43.49 3.38
CA GLU A 974 18.30 43.10 3.20
C GLU A 974 18.41 41.59 3.36
N CYS A 975 18.14 40.87 2.28
CA CYS A 975 18.41 39.44 2.22
C CYS A 975 19.65 39.19 1.38
N THR A 976 20.35 40.26 1.02
CA THR A 976 21.71 40.14 0.53
C THR A 976 22.59 39.42 1.53
N LYS A 977 22.41 39.70 2.82
CA LYS A 977 23.21 39.09 3.88
C LYS A 977 22.31 38.70 5.05
N THR A 978 21.94 37.42 5.09
CA THR A 978 21.28 36.79 6.22
C THR A 978 22.02 35.50 6.54
N ARG A 979 21.74 34.94 7.72
CA ARG A 979 22.37 33.66 8.07
C ARG A 979 22.03 32.59 7.06
N GLU A 980 20.76 32.54 6.63
CA GLU A 980 20.33 31.50 5.71
C GLU A 980 21.03 31.61 4.36
N PHE A 981 21.23 32.84 3.87
CA PHE A 981 22.00 33.00 2.64
C PHE A 981 23.44 32.53 2.82
N GLU A 982 24.02 32.74 4.02
CA GLU A 982 25.36 32.22 4.30
C GLU A 982 25.39 30.70 4.18
N ARG A 983 24.36 30.04 4.70
CA ARG A 983 24.31 28.59 4.59
C ARG A 983 24.15 28.15 3.14
N PHE A 984 23.33 28.88 2.38
CA PHE A 984 23.20 28.65 0.95
C PHE A 984 24.55 28.73 0.24
N GLN A 985 25.31 29.79 0.53
CA GLN A 985 26.62 29.97 -0.07
C GLN A 985 27.55 28.80 0.26
N GLU A 986 27.71 28.49 1.55
CA GLU A 986 28.54 27.35 1.94
C GLU A 986 28.17 26.08 1.19
N MET A 987 26.86 25.81 1.06
CA MET A 987 26.42 24.65 0.27
C MET A 987 26.97 24.71 -1.15
N CYS A 988 26.75 25.83 -1.84
CA CYS A 988 27.20 25.95 -3.22
C CYS A 988 28.70 25.73 -3.36
N TYR A 989 29.47 26.31 -2.43
CA TYR A 989 30.92 26.19 -2.47
C TYR A 989 31.34 24.72 -2.31
N LYS A 990 30.81 24.06 -1.27
CA LYS A 990 31.13 22.65 -1.08
C LYS A 990 30.79 21.82 -2.31
N ALA A 991 29.63 22.08 -2.93
CA ALA A 991 29.24 21.34 -4.12
C ALA A 991 30.22 21.54 -5.27
N TYR A 992 30.55 22.81 -5.56
CA TYR A 992 31.54 23.12 -6.58
C TYR A 992 32.83 22.34 -6.37
N LEU A 993 33.37 22.39 -5.14
CA LEU A 993 34.62 21.67 -4.88
C LEU A 993 34.43 20.16 -4.98
N ALA A 994 33.27 19.65 -4.59
CA ALA A 994 33.01 18.21 -4.69
C ALA A 994 33.08 17.74 -6.12
N ILE A 995 32.49 18.50 -7.05
CA ILE A 995 32.61 18.15 -8.46
C ILE A 995 34.06 18.29 -8.93
N ARG A 996 34.73 19.37 -8.52
CA ARG A 996 36.13 19.55 -8.89
C ARG A 996 36.99 18.37 -8.47
N GLN A 997 36.69 17.77 -7.32
CA GLN A 997 37.45 16.63 -6.82
C GLN A 997 37.32 15.42 -7.74
N HIS A 998 36.17 15.27 -8.41
CA HIS A 998 35.92 14.13 -9.27
C HIS A 998 36.05 14.47 -10.75
N ALA A 999 36.43 15.71 -11.08
CA ALA A 999 36.49 16.25 -12.44
C ALA A 999 36.89 15.29 -13.56
N ASN A 1000 37.92 14.46 -13.33
CA ASN A 1000 38.36 13.50 -14.35
C ASN A 1000 37.21 12.67 -14.88
N LEU A 1001 36.30 12.24 -13.99
CA LEU A 1001 35.13 11.46 -14.41
C LEU A 1001 34.35 12.18 -15.51
N PHE A 1002 34.00 13.45 -15.25
CA PHE A 1002 33.16 14.18 -16.19
C PHE A 1002 33.92 14.48 -17.48
N ILE A 1003 35.22 14.78 -17.37
CA ILE A 1003 36.06 14.90 -18.56
C ILE A 1003 35.94 13.65 -19.42
N ASN A 1004 36.08 12.47 -18.80
CA ASN A 1004 35.99 11.21 -19.54
C ASN A 1004 34.60 11.00 -20.13
N LEU A 1005 33.56 11.35 -19.38
CA LEU A 1005 32.20 11.24 -19.88
C LEU A 1005 32.05 12.01 -21.19
N PHE A 1006 32.41 13.30 -21.15
CA PHE A 1006 32.33 14.13 -22.36
C PHE A 1006 33.21 13.57 -23.46
N SER A 1007 34.41 13.09 -23.12
CA SER A 1007 35.33 12.58 -24.14
C SER A 1007 34.78 11.34 -24.81
N MET A 1008 34.02 10.53 -24.09
CA MET A 1008 33.39 9.37 -24.69
C MET A 1008 32.23 9.80 -25.57
N MET A 1009 31.56 10.91 -25.23
CA MET A 1009 30.42 11.33 -26.04
C MET A 1009 30.85 12.17 -27.24
N LEU A 1010 32.06 11.94 -27.74
CA LEU A 1010 32.50 12.54 -28.99
C LEU A 1010 32.18 11.70 -30.22
N GLY A 1011 31.91 10.40 -30.04
CA GLY A 1011 31.47 9.59 -31.17
C GLY A 1011 30.17 10.08 -31.77
N SER A 1012 29.22 10.46 -30.91
CA SER A 1012 27.97 11.05 -31.39
C SER A 1012 28.24 12.42 -32.02
N GLY A 1013 27.77 12.60 -33.25
CA GLY A 1013 27.91 13.89 -33.91
C GLY A 1013 27.04 14.96 -33.29
N MET A 1014 27.30 15.29 -32.02
CA MET A 1014 26.56 16.29 -31.29
C MET A 1014 26.98 17.70 -31.72
N PRO A 1015 26.03 18.65 -31.73
CA PRO A 1015 26.36 20.05 -32.08
C PRO A 1015 27.53 20.64 -31.32
N GLU A 1016 27.48 20.66 -29.98
CA GLU A 1016 28.50 21.31 -29.18
C GLU A 1016 29.47 20.32 -28.54
N LEU A 1017 29.70 19.18 -29.21
CA LEU A 1017 30.65 18.16 -28.78
C LEU A 1017 31.25 17.56 -30.06
N GLN A 1018 32.26 18.24 -30.59
CA GLN A 1018 32.94 17.80 -31.81
C GLN A 1018 34.43 17.60 -31.62
N SER A 1019 35.11 18.56 -30.99
CA SER A 1019 36.53 18.47 -30.69
C SER A 1019 36.75 18.55 -29.19
N PHE A 1020 37.97 18.19 -28.76
CA PHE A 1020 38.32 18.29 -27.35
C PHE A 1020 38.26 19.74 -26.88
N ASP A 1021 38.55 20.67 -27.79
CA ASP A 1021 38.46 22.10 -27.47
C ASP A 1021 37.10 22.46 -26.87
N ASP A 1022 36.03 21.82 -27.35
CA ASP A 1022 34.73 21.98 -26.72
C ASP A 1022 34.80 21.57 -25.24
N ILE A 1023 35.15 20.30 -25.00
CA ILE A 1023 35.18 19.75 -23.64
C ILE A 1023 36.00 20.62 -22.72
N ALA A 1024 37.00 21.33 -23.26
CA ALA A 1024 37.92 22.14 -22.48
C ALA A 1024 37.21 23.24 -21.69
N TYR A 1025 35.91 23.39 -21.88
CA TYR A 1025 35.16 24.43 -21.18
C TYR A 1025 35.10 24.16 -19.68
N ILE A 1026 34.71 22.93 -19.30
CA ILE A 1026 34.63 22.60 -17.88
C ILE A 1026 35.99 22.66 -17.20
N ARG A 1027 37.08 22.54 -17.97
CA ARG A 1027 38.40 22.80 -17.40
C ARG A 1027 38.54 24.23 -16.94
N LYS A 1028 37.86 25.16 -17.62
CA LYS A 1028 37.92 26.56 -17.26
C LYS A 1028 36.95 26.90 -16.14
N THR A 1029 35.74 26.32 -16.18
CA THR A 1029 34.78 26.60 -15.11
C THR A 1029 35.27 26.04 -13.78
N LEU A 1030 35.82 24.82 -13.79
CA LEU A 1030 36.41 24.24 -12.59
C LEU A 1030 37.80 24.81 -12.27
N ALA A 1031 38.47 25.39 -13.26
CA ALA A 1031 39.83 25.93 -13.11
C ALA A 1031 40.78 24.86 -12.59
N LEU A 1032 40.96 23.81 -13.40
CA LEU A 1032 41.83 22.71 -13.02
C LEU A 1032 43.31 23.10 -13.02
N ASP A 1033 43.68 24.16 -13.73
CA ASP A 1033 45.06 24.62 -13.69
C ASP A 1033 45.35 25.39 -12.41
N LYS A 1034 44.39 26.18 -11.93
CA LYS A 1034 44.56 26.94 -10.71
C LYS A 1034 44.40 26.04 -9.50
N THR A 1035 45.09 26.41 -8.42
CA THR A 1035 45.12 25.59 -7.22
C THR A 1035 43.75 25.57 -6.56
N GLU A 1036 43.51 24.49 -5.79
CA GLU A 1036 42.22 24.25 -5.16
C GLU A 1036 41.65 25.51 -4.50
N GLN A 1037 42.48 26.26 -3.78
CA GLN A 1037 42.01 27.44 -3.06
C GLN A 1037 41.92 28.69 -3.93
N GLU A 1038 42.60 28.73 -5.07
CA GLU A 1038 42.38 29.82 -6.02
C GLU A 1038 41.06 29.64 -6.77
N ALA A 1039 40.63 28.39 -6.96
CA ALA A 1039 39.42 28.12 -7.72
C ALA A 1039 38.18 28.54 -6.94
N LEU A 1040 38.24 28.48 -5.61
CA LEU A 1040 37.12 28.98 -4.82
C LEU A 1040 36.94 30.47 -5.01
N GLU A 1041 38.05 31.22 -5.14
CA GLU A 1041 37.93 32.64 -5.45
C GLU A 1041 37.34 32.85 -6.84
N TYR A 1042 37.78 32.04 -7.81
CA TYR A 1042 37.17 32.06 -9.15
C TYR A 1042 35.64 31.95 -9.05
N PHE A 1043 35.17 30.90 -8.37
CA PHE A 1043 33.73 30.65 -8.29
C PHE A 1043 33.01 31.80 -7.60
N MET A 1044 33.49 32.19 -6.42
CA MET A 1044 32.80 33.23 -5.66
C MET A 1044 32.71 34.52 -6.45
N LYS A 1045 33.79 34.88 -7.15
CA LYS A 1045 33.77 36.09 -7.97
C LYS A 1045 32.70 36.01 -9.04
N GLN A 1046 32.68 34.90 -9.81
CA GLN A 1046 31.68 34.78 -10.87
C GLN A 1046 30.26 34.90 -10.31
N MET A 1047 30.03 34.27 -9.16
CA MET A 1047 28.68 34.26 -8.59
C MET A 1047 28.27 35.65 -8.12
N ASN A 1048 29.18 36.35 -7.43
CA ASN A 1048 28.90 37.71 -6.98
C ASN A 1048 28.57 38.61 -8.16
N ASP A 1049 29.39 38.54 -9.21
CA ASP A 1049 29.16 39.33 -10.42
C ASP A 1049 27.75 39.10 -10.97
N ALA A 1050 27.40 37.82 -11.16
CA ALA A 1050 26.09 37.51 -11.73
C ALA A 1050 24.95 38.02 -10.84
N ARG A 1051 25.11 37.87 -9.52
CA ARG A 1051 24.06 38.30 -8.60
C ARG A 1051 23.81 39.80 -8.69
N HIS A 1052 24.88 40.60 -8.72
CA HIS A 1052 24.68 42.05 -8.77
C HIS A 1052 24.15 42.47 -10.14
N GLY A 1053 24.75 41.94 -11.23
CA GLY A 1053 24.20 42.17 -12.56
C GLY A 1053 22.72 41.85 -12.64
N GLY A 1054 22.25 40.89 -11.86
CA GLY A 1054 20.85 40.57 -11.81
C GLY A 1054 20.06 41.59 -11.02
N TRP A 1055 20.60 42.05 -9.88
CA TRP A 1055 19.97 43.15 -9.13
C TRP A 1055 19.65 44.33 -10.04
N THR A 1056 20.53 44.65 -10.99
CA THR A 1056 20.28 45.87 -11.78
C THR A 1056 19.27 45.65 -12.91
N THR A 1057 19.54 44.68 -13.79
CA THR A 1057 18.86 44.57 -15.09
C THR A 1057 17.34 44.43 -14.97
N LYS A 1058 16.68 44.68 -16.10
CA LYS A 1058 15.24 44.52 -16.29
C LYS A 1058 14.98 43.41 -17.29
N MET A 1059 13.85 42.71 -17.11
CA MET A 1059 13.59 41.45 -17.81
C MET A 1059 12.79 41.60 -19.10
N ASP A 1060 11.90 42.59 -19.18
CA ASP A 1060 10.93 42.72 -20.28
C ASP A 1060 10.21 41.39 -20.56
N TRP A 1061 9.50 40.95 -19.52
CA TRP A 1061 8.60 39.80 -19.44
C TRP A 1061 8.64 38.76 -20.56
N ILE A 1062 7.89 38.99 -21.65
CA ILE A 1062 7.61 37.95 -22.63
C ILE A 1062 8.83 37.65 -23.49
N PHE A 1063 9.34 38.66 -24.20
CA PHE A 1063 10.47 38.47 -25.11
C PHE A 1063 11.80 38.35 -24.39
N HIS A 1064 11.83 38.62 -23.10
CA HIS A 1064 13.03 38.67 -22.26
C HIS A 1064 14.21 39.32 -22.99
N THR A 1065 13.98 40.58 -23.38
CA THR A 1065 15.04 41.52 -23.76
C THR A 1065 15.35 42.37 -22.52
N ILE A 1066 16.33 43.26 -22.61
CA ILE A 1066 16.67 44.06 -21.44
C ILE A 1066 16.22 45.52 -21.57
N LYS A 1067 16.52 46.26 -20.51
CA LYS A 1067 16.40 47.71 -20.41
C LYS A 1067 17.50 48.25 -19.51
N GLN A 1068 18.25 47.37 -18.84
CA GLN A 1068 19.29 47.68 -17.88
C GLN A 1068 18.67 48.29 -16.62
N MET B 5 66.02 40.33 -30.68
CA MET B 5 65.92 39.48 -29.50
C MET B 5 65.61 40.30 -28.25
N SER B 6 64.42 40.10 -27.70
CA SER B 6 63.94 40.84 -26.54
C SER B 6 62.89 39.99 -25.83
N LEU B 7 62.07 40.64 -24.98
CA LEU B 7 60.97 39.94 -24.33
C LEU B 7 59.82 39.69 -25.30
N GLN B 8 59.46 40.71 -26.09
CA GLN B 8 58.42 40.60 -27.12
C GLN B 8 58.85 41.37 -28.36
N ASP B 9 59.20 40.63 -29.42
CA ASP B 9 59.65 41.19 -30.69
C ASP B 9 58.58 41.19 -31.78
N ALA B 10 57.61 40.26 -31.70
CA ALA B 10 56.58 40.04 -32.71
C ALA B 10 57.16 39.39 -33.96
N GLU B 11 57.73 38.19 -33.80
CA GLU B 11 58.20 37.40 -34.93
C GLU B 11 57.71 35.97 -34.82
N TRP B 12 57.82 35.36 -33.64
CA TRP B 12 57.24 34.04 -33.42
C TRP B 12 56.67 33.85 -32.02
N TYR B 13 56.27 34.93 -31.34
CA TYR B 13 55.82 34.85 -29.96
C TYR B 13 54.38 35.34 -29.83
N TRP B 14 53.54 34.55 -29.16
CA TRP B 14 52.19 34.93 -28.78
C TRP B 14 52.08 34.83 -27.25
N GLY B 15 50.94 35.27 -26.72
CA GLY B 15 50.75 35.27 -25.28
C GLY B 15 50.42 33.90 -24.72
N ASP B 16 49.33 33.82 -23.94
CA ASP B 16 48.84 32.56 -23.43
C ASP B 16 47.69 32.01 -24.28
N ILE B 17 47.77 32.25 -25.60
CA ILE B 17 46.74 31.78 -26.52
C ILE B 17 46.52 30.29 -26.33
N SER B 18 45.25 29.89 -26.38
CA SER B 18 44.89 28.53 -26.01
C SER B 18 45.45 27.53 -27.02
N ARG B 19 45.31 26.25 -26.68
CA ARG B 19 45.69 25.17 -27.57
C ARG B 19 44.78 25.12 -28.80
N GLU B 20 43.57 25.68 -28.68
CA GLU B 20 42.68 25.79 -29.83
C GLU B 20 43.25 26.76 -30.87
N GLU B 21 44.05 27.73 -30.43
CA GLU B 21 44.66 28.70 -31.35
C GLU B 21 46.15 28.40 -31.56
N VAL B 22 46.48 27.13 -31.79
CA VAL B 22 47.84 26.69 -32.10
C VAL B 22 47.74 25.63 -33.19
N ASN B 23 46.98 24.57 -32.90
CA ASN B 23 46.73 23.50 -33.87
C ASN B 23 46.28 24.06 -35.21
N GLU B 24 45.43 25.09 -35.17
CA GLU B 24 44.94 25.71 -36.40
C GLU B 24 45.91 26.72 -36.97
N LYS B 25 46.86 27.19 -36.16
CA LYS B 25 47.91 28.07 -36.66
C LYS B 25 49.03 27.28 -37.31
N LEU B 26 49.02 25.96 -37.18
CA LEU B 26 50.00 25.13 -37.89
C LEU B 26 49.38 23.80 -38.31
N ARG B 27 48.13 23.83 -38.79
CA ARG B 27 47.44 22.62 -39.19
C ARG B 27 47.80 22.28 -40.63
N ASP B 28 48.15 21.01 -40.87
CA ASP B 28 48.57 20.54 -42.19
C ASP B 28 49.69 21.42 -42.74
N THR B 29 50.71 21.61 -41.91
CA THR B 29 51.87 22.43 -42.25
C THR B 29 53.10 21.54 -42.27
N ALA B 30 54.19 22.09 -42.79
CA ALA B 30 55.39 21.30 -42.96
C ALA B 30 56.09 21.09 -41.62
N ASP B 31 57.10 20.23 -41.64
CA ASP B 31 57.88 19.93 -40.44
C ASP B 31 58.62 21.21 -40.06
N GLY B 32 58.12 21.93 -39.08
CA GLY B 32 58.79 23.16 -38.70
C GLY B 32 57.93 24.19 -38.00
N THR B 33 56.79 24.57 -38.60
CA THR B 33 55.95 25.66 -38.11
C THR B 33 55.81 25.60 -36.58
N PHE B 34 56.35 26.61 -35.91
CA PHE B 34 56.54 26.59 -34.46
C PHE B 34 56.18 27.94 -33.86
N LEU B 35 56.00 27.94 -32.53
CA LEU B 35 55.77 29.21 -31.83
C LEU B 35 56.04 29.02 -30.34
N VAL B 36 56.19 30.14 -29.64
CA VAL B 36 56.49 30.14 -28.22
C VAL B 36 55.26 30.61 -27.45
N ARG B 37 54.97 29.93 -26.34
CA ARG B 37 53.76 30.14 -25.56
C ARG B 37 54.10 30.29 -24.08
N ASP B 38 53.10 30.25 -23.20
CA ASP B 38 53.29 30.30 -21.77
C ASP B 38 52.63 29.10 -21.11
N ALA B 39 53.12 28.74 -19.93
CA ALA B 39 52.63 27.57 -19.21
C ALA B 39 52.15 27.95 -17.82
N SER B 40 51.50 27.01 -17.16
CA SER B 40 50.99 27.20 -15.80
C SER B 40 52.09 26.90 -14.80
N ASP B 46 56.54 31.41 -16.77
CA ASP B 46 56.80 30.18 -17.49
C ASP B 46 56.88 30.44 -19.00
N TYR B 47 57.49 29.49 -19.72
CA TYR B 47 57.50 29.51 -21.17
C TYR B 47 57.20 28.11 -21.71
N THR B 48 56.81 28.06 -22.99
CA THR B 48 56.46 26.84 -23.69
C THR B 48 56.96 26.96 -25.12
N LEU B 49 57.31 25.82 -25.73
CA LEU B 49 57.71 25.78 -27.13
C LEU B 49 56.84 24.77 -27.85
N THR B 50 56.07 25.22 -28.83
CA THR B 50 55.29 24.35 -29.69
C THR B 50 56.02 24.12 -31.02
N LEU B 51 56.11 22.86 -31.43
CA LEU B 51 56.92 22.44 -32.56
C LEU B 51 56.11 21.45 -33.40
N ARG B 52 56.54 21.25 -34.65
CA ARG B 52 55.86 20.34 -35.57
C ARG B 52 56.86 19.41 -36.23
N LYS B 53 56.57 18.10 -36.19
CA LYS B 53 57.43 17.11 -36.85
C LYS B 53 56.73 15.76 -36.85
N GLY B 54 57.10 14.93 -37.83
CA GLY B 54 56.50 13.62 -37.99
C GLY B 54 55.04 13.67 -38.39
N GLY B 55 54.59 14.80 -38.92
CA GLY B 55 53.16 15.00 -39.11
C GLY B 55 52.42 15.10 -37.79
N ASN B 56 53.07 15.64 -36.76
CA ASN B 56 52.48 15.73 -35.43
C ASN B 56 52.89 17.05 -34.79
N ASN B 57 52.23 17.36 -33.67
CA ASN B 57 52.44 18.59 -32.89
C ASN B 57 53.04 18.25 -31.53
N LYS B 58 54.31 18.59 -31.33
CA LYS B 58 55.04 18.30 -30.10
C LYS B 58 55.12 19.54 -29.22
N LEU B 59 55.30 19.30 -27.92
CA LEU B 59 55.24 20.34 -26.89
C LEU B 59 56.43 20.19 -25.95
N ILE B 60 57.26 21.22 -25.84
CA ILE B 60 58.48 21.19 -25.04
C ILE B 60 58.46 22.35 -24.04
N LYS B 61 58.75 22.04 -22.77
CA LYS B 61 58.74 23.08 -21.75
C LYS B 61 60.14 23.70 -21.61
N ILE B 62 60.16 24.97 -21.26
CA ILE B 62 61.40 25.71 -21.02
C ILE B 62 61.43 26.04 -19.53
N PHE B 63 62.32 25.39 -18.79
CA PHE B 63 62.41 25.63 -17.37
C PHE B 63 63.14 26.95 -17.15
N HIS B 64 62.47 27.90 -16.49
CA HIS B 64 63.06 29.20 -16.18
C HIS B 64 63.20 29.30 -14.66
N ARG B 65 64.43 29.09 -14.17
CA ARG B 65 64.74 29.23 -12.76
C ARG B 65 66.09 29.91 -12.70
N ASP B 66 66.20 30.96 -11.86
CA ASP B 66 67.40 31.80 -11.78
C ASP B 66 67.60 32.59 -13.08
N GLY B 67 66.52 32.92 -13.77
CA GLY B 67 66.62 33.67 -15.01
C GLY B 67 67.40 32.95 -16.08
N LYS B 68 67.23 31.63 -16.19
CA LYS B 68 67.97 30.83 -17.15
C LYS B 68 67.02 29.82 -17.78
N TYR B 69 67.38 29.36 -18.96
CA TYR B 69 66.45 28.58 -19.78
C TYR B 69 67.15 27.37 -20.37
N GLY B 70 66.41 26.28 -20.49
CA GLY B 70 66.98 25.08 -21.09
C GLY B 70 65.95 23.98 -21.18
N PHE B 71 66.36 22.89 -21.84
CA PHE B 71 65.53 21.69 -22.01
C PHE B 71 66.03 20.57 -21.11
N SER B 72 67.24 20.06 -21.37
CA SER B 72 67.74 18.86 -20.72
C SER B 72 68.20 19.17 -19.30
N ASP B 73 69.07 18.35 -18.74
CA ASP B 73 69.58 18.60 -17.39
C ASP B 73 70.71 19.63 -17.41
N PRO B 74 71.70 19.54 -18.33
CA PRO B 74 72.74 20.58 -18.37
C PRO B 74 72.29 21.86 -19.06
N LEU B 75 72.01 22.88 -18.27
CA LEU B 75 71.60 24.18 -18.78
C LEU B 75 72.70 24.80 -19.64
N THR B 76 72.33 25.23 -20.85
CA THR B 76 73.28 25.83 -21.78
C THR B 76 72.84 27.19 -22.30
N PHE B 77 71.94 27.88 -21.59
CA PHE B 77 71.52 29.22 -21.97
C PHE B 77 71.16 30.03 -20.73
N SER B 78 71.17 31.34 -20.87
CA SER B 78 70.74 32.26 -19.82
C SER B 78 69.92 33.41 -20.42
N SER B 79 69.09 33.07 -21.40
CA SER B 79 68.22 34.03 -22.08
C SER B 79 67.21 33.24 -22.90
N VAL B 80 66.18 33.95 -23.39
CA VAL B 80 65.09 33.28 -24.09
C VAL B 80 65.43 33.08 -25.56
N VAL B 81 65.93 34.13 -26.22
CA VAL B 81 66.01 34.13 -27.69
C VAL B 81 67.29 33.49 -28.23
N GLU B 82 68.30 33.29 -27.39
CA GLU B 82 69.49 32.57 -27.83
C GLU B 82 69.20 31.09 -27.99
N LEU B 83 68.32 30.57 -27.14
CA LEU B 83 67.88 29.19 -27.20
C LEU B 83 67.32 28.82 -28.58
N ILE B 84 66.55 29.71 -29.19
CA ILE B 84 65.93 29.39 -30.48
C ILE B 84 66.97 29.31 -31.58
N ASN B 85 67.85 30.31 -31.67
CA ASN B 85 68.83 30.34 -32.75
C ASN B 85 69.88 29.25 -32.60
N HIS B 86 70.11 28.79 -31.36
CA HIS B 86 71.10 27.74 -31.17
C HIS B 86 70.74 26.49 -31.96
N TYR B 87 69.60 25.88 -31.64
CA TYR B 87 69.14 24.69 -32.34
C TYR B 87 68.56 24.98 -33.72
N ARG B 88 68.21 26.24 -34.01
CA ARG B 88 67.60 26.56 -35.29
C ARG B 88 68.51 26.16 -36.44
N ASN B 89 69.79 26.50 -36.35
CA ASN B 89 70.76 26.12 -37.37
C ASN B 89 71.50 24.84 -36.98
N LEU B 99 67.02 12.88 -31.40
CA LEU B 99 66.57 13.39 -32.69
C LEU B 99 66.03 14.81 -32.54
N ASP B 100 66.94 15.75 -32.29
CA ASP B 100 66.59 17.16 -32.12
C ASP B 100 66.72 17.87 -33.48
N VAL B 101 65.67 17.72 -34.29
CA VAL B 101 65.67 18.28 -35.63
C VAL B 101 65.38 19.78 -35.56
N LYS B 102 65.93 20.54 -36.51
CA LYS B 102 65.93 21.99 -36.45
C LYS B 102 64.56 22.57 -36.77
N LEU B 103 64.36 23.83 -36.39
CA LEU B 103 63.16 24.58 -36.69
C LEU B 103 63.28 25.29 -38.03
N LEU B 104 62.16 25.40 -38.74
CA LEU B 104 62.17 26.00 -40.06
C LEU B 104 61.36 27.29 -40.11
N TYR B 105 60.03 27.18 -40.29
CA TYR B 105 59.21 28.32 -40.65
C TYR B 105 58.49 28.87 -39.42
N PRO B 106 58.69 30.14 -39.06
CA PRO B 106 57.96 30.74 -37.95
C PRO B 106 56.66 31.41 -38.38
N VAL B 107 55.72 31.48 -37.43
CA VAL B 107 54.42 32.09 -37.65
C VAL B 107 54.51 33.57 -37.31
N SER B 108 54.47 34.41 -38.34
CA SER B 108 54.64 35.85 -38.16
C SER B 108 53.44 36.45 -37.44
N LYS B 109 53.65 37.62 -36.85
CA LYS B 109 52.61 38.34 -36.12
C LYS B 109 51.93 39.42 -36.94
N TYR B 110 52.66 40.11 -37.82
CA TYR B 110 52.10 41.17 -38.66
C TYR B 110 51.68 40.63 -40.03
N GLN B 111 50.47 40.07 -40.10
CA GLN B 111 49.93 39.54 -41.35
C GLN B 111 48.67 40.34 -41.73
N GLN B 112 48.86 41.40 -42.51
CA GLN B 112 47.77 42.28 -42.96
C GLN B 112 46.97 42.84 -41.78
N GLU B 122 44.57 52.90 -41.85
CA GLU B 122 44.65 53.92 -40.82
C GLU B 122 43.86 53.47 -39.58
N ALA B 123 42.58 53.17 -39.79
CA ALA B 123 41.70 52.64 -38.76
C ALA B 123 40.91 51.46 -39.31
N VAL B 124 41.57 50.65 -40.14
CA VAL B 124 40.96 49.59 -40.93
C VAL B 124 40.09 48.68 -40.06
N GLY B 125 38.87 49.13 -39.80
CA GLY B 125 37.91 48.37 -39.03
C GLY B 125 36.59 48.31 -39.76
N LYS B 126 36.21 49.41 -40.38
CA LYS B 126 34.96 49.47 -41.15
C LYS B 126 35.04 48.54 -42.36
N LYS B 127 36.22 48.43 -42.98
CA LYS B 127 36.36 47.56 -44.13
C LYS B 127 36.11 46.12 -43.76
N LEU B 128 36.23 45.78 -42.48
CA LEU B 128 36.05 44.42 -42.03
C LEU B 128 34.60 44.05 -41.88
N HIS B 129 33.71 44.85 -42.49
CA HIS B 129 32.34 44.43 -42.71
C HIS B 129 32.20 43.81 -44.09
N GLU B 130 32.80 44.46 -45.09
CA GLU B 130 32.61 44.02 -46.47
C GLU B 130 33.16 42.62 -46.68
N TYR B 131 34.22 42.28 -45.95
CA TYR B 131 34.82 40.96 -46.05
C TYR B 131 34.10 39.92 -45.20
N ASN B 132 33.38 40.35 -44.15
CA ASN B 132 32.55 39.40 -43.42
C ASN B 132 31.17 39.24 -44.05
N THR B 133 30.65 40.32 -44.64
CA THR B 133 29.34 40.25 -45.28
C THR B 133 29.34 39.22 -46.41
N GLN B 134 30.50 38.97 -47.03
CA GLN B 134 30.58 37.89 -48.01
C GLN B 134 30.34 36.56 -47.33
N PHE B 135 31.12 36.28 -46.29
CA PHE B 135 31.10 34.96 -45.66
C PHE B 135 29.69 34.58 -45.25
N GLN B 136 29.06 35.42 -44.43
CA GLN B 136 27.73 35.08 -43.92
C GLN B 136 26.79 34.84 -45.08
N GLU B 137 26.84 35.69 -46.11
CA GLU B 137 25.93 35.48 -47.22
C GLU B 137 26.33 34.23 -47.99
N LYS B 138 27.63 34.03 -48.20
CA LYS B 138 28.09 32.82 -48.86
C LYS B 138 27.82 31.61 -47.99
N SER B 139 27.71 31.78 -46.67
CA SER B 139 27.28 30.67 -45.82
C SER B 139 25.79 30.41 -46.03
N ARG B 140 24.99 31.48 -46.04
CA ARG B 140 23.56 31.36 -46.28
C ARG B 140 23.28 30.66 -47.60
N GLU B 141 23.96 31.10 -48.67
CA GLU B 141 23.77 30.50 -49.98
C GLU B 141 24.27 29.06 -49.99
N TYR B 142 25.26 28.73 -49.17
CA TYR B 142 25.65 27.33 -49.04
C TYR B 142 24.62 26.56 -48.23
N ASP B 143 24.06 27.19 -47.19
CA ASP B 143 23.00 26.55 -46.42
C ASP B 143 21.74 26.40 -47.25
N ARG B 144 21.46 27.37 -48.11
CA ARG B 144 20.38 27.29 -49.09
C ARG B 144 20.74 26.31 -50.22
N LEU B 145 21.75 25.48 -49.98
CA LEU B 145 22.15 24.48 -50.96
C LEU B 145 22.32 23.12 -50.29
N TYR B 146 23.00 23.10 -49.14
CA TYR B 146 23.18 21.84 -48.41
C TYR B 146 21.84 21.29 -47.98
N GLU B 147 20.92 22.16 -47.60
CA GLU B 147 19.55 21.73 -47.32
C GLU B 147 18.97 21.03 -48.54
N GLU B 148 19.05 21.69 -49.70
CA GLU B 148 18.55 21.14 -50.94
C GLU B 148 19.49 20.10 -51.51
N TYR B 149 20.51 19.75 -50.74
CA TYR B 149 21.32 18.58 -51.00
C TYR B 149 20.79 17.40 -50.20
N THR B 150 20.68 17.59 -48.88
CA THR B 150 20.15 16.55 -48.01
C THR B 150 18.76 16.13 -48.47
N ARG B 151 17.88 17.11 -48.68
CA ARG B 151 16.53 16.83 -49.14
C ARG B 151 16.56 16.03 -50.44
N THR B 152 17.44 16.43 -51.37
CA THR B 152 17.56 15.64 -52.59
C THR B 152 18.12 14.26 -52.30
N SER B 153 19.21 14.21 -51.50
CA SER B 153 19.91 12.96 -51.25
C SER B 153 18.98 11.87 -50.76
N GLN B 154 18.26 12.14 -49.67
CA GLN B 154 17.36 11.14 -49.14
C GLN B 154 16.24 10.85 -50.11
N GLU B 155 15.75 11.88 -50.82
CA GLU B 155 14.71 11.66 -51.83
C GLU B 155 15.16 10.66 -52.87
N ILE B 156 16.46 10.61 -53.16
CA ILE B 156 16.93 9.65 -54.14
C ILE B 156 16.81 8.23 -53.59
N GLN B 157 17.28 8.01 -52.36
CA GLN B 157 17.22 6.67 -51.79
C GLN B 157 15.80 6.16 -51.74
N MET B 158 14.86 7.02 -51.34
CA MET B 158 13.44 6.69 -51.35
C MET B 158 13.07 6.07 -52.69
N LYS B 159 13.32 6.78 -53.78
CA LYS B 159 12.90 6.29 -55.08
C LYS B 159 13.63 4.99 -55.43
N ARG B 160 14.90 4.88 -55.06
CA ARG B 160 15.62 3.64 -55.29
C ARG B 160 14.87 2.46 -54.69
N THR B 161 14.37 2.61 -53.46
CA THR B 161 13.66 1.51 -52.83
C THR B 161 12.31 1.28 -53.50
N ALA B 162 11.64 2.36 -53.91
CA ALA B 162 10.31 2.19 -54.49
C ALA B 162 10.37 1.37 -55.77
N ILE B 163 11.40 1.60 -56.59
CA ILE B 163 11.60 0.78 -57.78
C ILE B 163 11.75 -0.68 -57.36
N GLU B 164 12.61 -0.93 -56.37
CA GLU B 164 12.78 -2.27 -55.84
C GLU B 164 11.44 -2.85 -55.39
N ALA B 165 10.59 -2.02 -54.77
CA ALA B 165 9.26 -2.47 -54.40
C ALA B 165 8.46 -2.85 -55.63
N PHE B 166 8.36 -1.93 -56.60
CA PHE B 166 7.59 -2.21 -57.82
C PHE B 166 8.03 -3.52 -58.46
N ASN B 167 9.34 -3.71 -58.60
CA ASN B 167 9.87 -4.92 -59.18
C ASN B 167 9.28 -6.14 -58.51
N GLU B 168 9.37 -6.20 -57.18
CA GLU B 168 8.90 -7.38 -56.50
C GLU B 168 7.39 -7.51 -56.62
N THR B 169 6.68 -6.37 -56.56
CA THR B 169 5.24 -6.39 -56.78
C THR B 169 4.92 -7.03 -58.12
N ILE B 170 5.63 -6.61 -59.16
CA ILE B 170 5.40 -7.16 -60.48
C ILE B 170 5.60 -8.67 -60.46
N LYS B 171 6.67 -9.13 -59.80
CA LYS B 171 6.93 -10.57 -59.74
C LYS B 171 5.72 -11.30 -59.19
N ILE B 172 5.09 -10.76 -58.15
CA ILE B 172 3.95 -11.43 -57.54
C ILE B 172 2.82 -11.57 -58.55
N PHE B 173 2.50 -10.48 -59.25
CA PHE B 173 1.44 -10.56 -60.24
C PHE B 173 1.81 -11.51 -61.35
N GLU B 174 3.09 -11.53 -61.74
CA GLU B 174 3.52 -12.48 -62.75
C GLU B 174 3.39 -13.90 -62.22
N GLU B 175 3.61 -14.09 -60.92
CA GLU B 175 3.36 -15.39 -60.32
C GLU B 175 1.86 -15.67 -60.25
N GLN B 176 1.06 -14.64 -59.98
CA GLN B 176 -0.39 -14.81 -59.94
C GLN B 176 -0.89 -15.29 -61.30
N CYS B 177 -0.33 -14.73 -62.38
CA CYS B 177 -0.70 -15.18 -63.73
C CYS B 177 -0.39 -16.65 -63.92
N GLN B 178 0.76 -17.08 -63.39
CA GLN B 178 1.11 -18.50 -63.48
C GLN B 178 0.07 -19.35 -62.76
N THR B 179 -0.44 -18.86 -61.63
CA THR B 179 -1.49 -19.59 -60.93
C THR B 179 -2.74 -19.69 -61.78
N GLN B 180 -3.07 -18.64 -62.53
CA GLN B 180 -4.26 -18.67 -63.37
C GLN B 180 -4.05 -19.66 -64.52
N GLU B 181 -3.17 -19.31 -65.45
CA GLU B 181 -2.85 -20.15 -66.60
C GLU B 181 -2.28 -21.50 -66.18
N ARG B 182 -3.01 -22.21 -65.32
CA ARG B 182 -2.61 -23.51 -64.83
C ARG B 182 -3.85 -24.09 -64.16
N TYR B 183 -4.40 -23.37 -63.17
CA TYR B 183 -5.65 -23.81 -62.58
C TYR B 183 -6.80 -23.66 -63.57
N SER B 184 -6.81 -22.55 -64.32
CA SER B 184 -7.90 -22.27 -65.25
C SER B 184 -7.85 -23.20 -66.46
N LYS B 185 -6.66 -23.36 -67.07
CA LYS B 185 -6.52 -24.12 -68.31
C LYS B 185 -6.92 -25.58 -68.17
N GLU B 186 -7.64 -25.91 -67.09
CA GLU B 186 -8.29 -27.19 -66.91
C GLU B 186 -9.81 -27.05 -66.90
N TYR B 187 -10.33 -25.85 -66.68
CA TYR B 187 -11.74 -25.49 -66.76
C TYR B 187 -12.06 -24.85 -68.11
N ILE B 188 -11.22 -23.90 -68.53
CA ILE B 188 -11.30 -23.32 -69.86
C ILE B 188 -11.30 -24.43 -70.90
N GLU B 189 -10.32 -25.31 -70.82
CA GLU B 189 -10.23 -26.46 -71.70
C GLU B 189 -11.10 -27.59 -71.14
N LYS B 190 -12.19 -27.20 -70.49
CA LYS B 190 -13.25 -28.12 -70.09
C LYS B 190 -14.61 -27.60 -70.53
N PHE B 191 -14.79 -26.28 -70.57
CA PHE B 191 -16.03 -25.72 -71.10
C PHE B 191 -16.04 -25.66 -72.60
N LYS B 192 -14.87 -25.55 -73.23
CA LYS B 192 -14.83 -25.59 -74.69
C LYS B 192 -15.31 -26.93 -75.21
N ARG B 193 -15.00 -28.02 -74.49
CA ARG B 193 -15.55 -29.33 -74.80
C ARG B 193 -16.91 -29.52 -74.14
N GLU B 194 -17.58 -28.43 -73.78
CA GLU B 194 -18.90 -28.51 -73.16
C GLU B 194 -19.84 -27.44 -73.70
N GLY B 195 -19.29 -26.45 -74.42
CA GLY B 195 -20.07 -25.38 -75.02
C GLY B 195 -20.54 -24.33 -74.03
N ASN B 196 -19.64 -23.41 -73.68
CA ASN B 196 -20.00 -22.30 -72.80
C ASN B 196 -18.99 -21.17 -72.99
N GLU B 197 -19.13 -20.41 -74.08
CA GLU B 197 -18.14 -19.39 -74.40
C GLU B 197 -18.20 -18.25 -73.39
N LYS B 198 -19.36 -17.61 -73.21
CA LYS B 198 -19.42 -16.45 -72.34
C LYS B 198 -19.36 -16.82 -70.85
N GLU B 199 -18.94 -18.05 -70.56
CA GLU B 199 -18.39 -18.35 -69.24
C GLU B 199 -16.89 -18.19 -69.25
N ILE B 200 -16.24 -18.68 -70.31
CA ILE B 200 -14.81 -18.48 -70.49
C ILE B 200 -14.51 -17.00 -70.71
N GLN B 201 -15.50 -16.24 -71.21
CA GLN B 201 -15.30 -14.81 -71.40
C GLN B 201 -15.11 -14.09 -70.09
N ARG B 202 -15.75 -14.58 -69.01
CA ARG B 202 -15.50 -14.02 -67.69
C ARG B 202 -14.06 -14.28 -67.25
N ILE B 203 -13.60 -15.53 -67.42
CA ILE B 203 -12.25 -15.89 -67.04
C ILE B 203 -11.22 -15.09 -67.82
N MET B 204 -11.49 -14.87 -69.11
CA MET B 204 -10.57 -14.13 -69.95
C MET B 204 -10.60 -12.63 -69.62
N HIS B 205 -11.78 -12.10 -69.31
CA HIS B 205 -11.88 -10.72 -68.82
C HIS B 205 -11.04 -10.54 -67.56
N ASN B 206 -11.10 -11.52 -66.66
CA ASN B 206 -10.28 -11.48 -65.45
C ASN B 206 -8.79 -11.51 -65.77
N TYR B 207 -8.35 -12.50 -66.53
CA TYR B 207 -6.94 -12.59 -66.90
C TYR B 207 -6.45 -11.32 -67.60
N ASP B 208 -7.29 -10.73 -68.46
CA ASP B 208 -6.90 -9.52 -69.17
C ASP B 208 -6.75 -8.34 -68.21
N LYS B 209 -7.69 -8.17 -67.26
CA LYS B 209 -7.48 -7.12 -66.26
C LYS B 209 -6.24 -7.39 -65.43
N LEU B 210 -5.91 -8.67 -65.18
CA LEU B 210 -4.71 -8.99 -64.41
C LEU B 210 -3.46 -8.52 -65.16
N LYS B 211 -3.37 -8.86 -66.45
CA LYS B 211 -2.24 -8.40 -67.26
C LYS B 211 -2.21 -6.87 -67.37
N SER B 212 -3.39 -6.23 -67.43
CA SER B 212 -3.45 -4.77 -67.47
C SER B 212 -2.85 -4.16 -66.22
N ARG B 213 -3.20 -4.69 -65.05
CA ARG B 213 -2.61 -4.18 -63.82
C ARG B 213 -1.09 -4.53 -63.72
N ILE B 214 -0.56 -5.37 -64.60
CA ILE B 214 0.87 -5.59 -64.71
C ILE B 214 1.54 -4.50 -65.52
N SER B 215 0.98 -4.21 -66.70
CA SER B 215 1.57 -3.15 -67.53
C SER B 215 1.45 -1.79 -66.85
N GLU B 216 0.38 -1.57 -66.08
CA GLU B 216 0.21 -0.30 -65.37
C GLU B 216 1.30 -0.09 -64.33
N ILE B 217 1.65 -1.16 -63.61
CA ILE B 217 2.72 -1.07 -62.62
C ILE B 217 4.05 -0.85 -63.31
N ILE B 218 4.29 -1.58 -64.41
CA ILE B 218 5.54 -1.38 -65.15
C ILE B 218 5.69 0.07 -65.60
N ASP B 219 4.59 0.70 -66.03
CA ASP B 219 4.70 2.08 -66.48
C ASP B 219 4.93 3.05 -65.33
N SER B 220 4.25 2.83 -64.19
CA SER B 220 4.55 3.67 -63.03
C SER B 220 6.02 3.55 -62.66
N ARG B 221 6.59 2.35 -62.79
CA ARG B 221 7.99 2.14 -62.43
C ARG B 221 8.93 2.82 -63.43
N ARG B 222 8.58 2.77 -64.72
CA ARG B 222 9.40 3.47 -65.72
C ARG B 222 9.42 4.96 -65.45
N ARG B 223 8.27 5.55 -65.10
CA ARG B 223 8.23 6.96 -64.76
C ARG B 223 9.07 7.26 -63.52
N LEU B 224 9.05 6.33 -62.55
CA LEU B 224 9.86 6.57 -61.36
C LEU B 224 11.35 6.45 -61.65
N GLU B 225 11.74 5.67 -62.65
CA GLU B 225 13.14 5.66 -63.07
C GLU B 225 13.51 6.92 -63.84
N GLU B 226 12.57 7.48 -64.57
CA GLU B 226 12.79 8.78 -65.20
C GLU B 226 13.06 9.84 -64.15
N ASP B 227 12.22 9.88 -63.11
CA ASP B 227 12.47 10.81 -62.00
C ASP B 227 13.77 10.49 -61.29
N LEU B 228 14.14 9.20 -61.24
CA LEU B 228 15.43 8.81 -60.67
C LEU B 228 16.58 9.49 -61.39
N LYS B 229 16.57 9.45 -62.72
CA LYS B 229 17.68 10.05 -63.45
C LYS B 229 17.61 11.58 -63.46
N LYS B 230 16.40 12.14 -63.45
CA LYS B 230 16.25 13.58 -63.23
C LYS B 230 16.92 14.01 -61.93
N GLN B 231 16.65 13.28 -60.85
CA GLN B 231 17.20 13.66 -59.57
C GLN B 231 18.68 13.31 -59.47
N ALA B 232 19.15 12.34 -60.25
CA ALA B 232 20.57 12.01 -60.28
C ALA B 232 21.38 13.09 -61.00
N ALA B 233 20.76 13.79 -61.95
CA ALA B 233 21.44 14.93 -62.56
C ALA B 233 21.38 16.17 -61.67
N GLU B 234 20.19 16.46 -61.12
CA GLU B 234 20.04 17.62 -60.23
C GLU B 234 20.97 17.49 -59.02
N TYR B 235 21.11 16.26 -58.50
CA TYR B 235 22.00 15.98 -57.39
C TYR B 235 23.43 16.42 -57.70
N ARG B 236 23.96 15.98 -58.85
CA ARG B 236 25.34 16.32 -59.18
C ARG B 236 25.49 17.80 -59.50
N GLU B 237 24.46 18.46 -60.03
CA GLU B 237 24.55 19.91 -60.17
C GLU B 237 24.70 20.57 -58.80
N ILE B 238 23.92 20.12 -57.81
CA ILE B 238 24.04 20.64 -56.45
C ILE B 238 25.46 20.39 -55.93
N ASP B 239 25.99 19.20 -56.20
CA ASP B 239 27.32 18.83 -55.72
C ASP B 239 28.39 19.70 -56.36
N LYS B 240 28.28 19.97 -57.67
CA LYS B 240 29.23 20.85 -58.34
C LYS B 240 29.21 22.24 -57.75
N ARG B 241 28.01 22.81 -57.57
CA ARG B 241 27.94 24.14 -56.98
C ARG B 241 28.57 24.18 -55.59
N MET B 242 28.35 23.13 -54.80
CA MET B 242 28.99 23.05 -53.48
C MET B 242 30.51 22.99 -53.61
N ASN B 243 31.01 22.21 -54.57
CA ASN B 243 32.45 22.10 -54.76
C ASN B 243 33.05 23.43 -55.22
N SER B 244 32.26 24.25 -55.91
CA SER B 244 32.75 25.58 -56.28
C SER B 244 32.74 26.53 -55.09
N ILE B 245 31.71 26.44 -54.25
CA ILE B 245 31.57 27.39 -53.14
C ILE B 245 32.58 27.10 -52.04
N LYS B 246 32.86 25.82 -51.79
CA LYS B 246 33.60 25.45 -50.58
C LYS B 246 34.97 26.10 -50.47
N PRO B 247 35.84 26.12 -51.49
CA PRO B 247 37.14 26.78 -51.34
C PRO B 247 37.04 28.24 -50.89
N ASP B 248 35.94 28.92 -51.21
CA ASP B 248 35.80 30.34 -50.86
C ASP B 248 35.56 30.54 -49.37
N LEU B 249 34.66 29.77 -48.76
CA LEU B 249 34.30 29.99 -47.36
C LEU B 249 35.51 29.87 -46.43
N ILE B 250 36.41 28.93 -46.71
CA ILE B 250 37.59 28.75 -45.86
C ILE B 250 38.50 29.98 -45.95
N GLN B 251 38.60 30.59 -47.13
CA GLN B 251 39.42 31.79 -47.29
C GLN B 251 38.74 33.01 -46.70
N LEU B 252 37.42 33.05 -46.70
CA LEU B 252 36.67 34.10 -46.01
C LEU B 252 36.69 33.93 -44.50
N ARG B 253 37.14 32.76 -44.02
CA ARG B 253 37.35 32.59 -42.58
C ARG B 253 38.56 33.34 -42.07
N LYS B 254 39.66 33.34 -42.81
CA LYS B 254 40.85 33.99 -42.28
C LYS B 254 40.84 35.50 -42.50
N THR B 255 40.01 36.02 -43.40
CA THR B 255 39.95 37.45 -43.65
C THR B 255 39.24 38.25 -42.56
N ARG B 256 38.34 37.64 -41.78
CA ARG B 256 37.53 38.39 -40.82
C ARG B 256 37.99 38.23 -39.36
N ASP B 257 39.29 38.02 -39.14
CA ASP B 257 39.79 37.85 -37.79
C ASP B 257 39.64 39.14 -36.99
N GLN B 258 39.35 38.99 -35.71
CA GLN B 258 39.04 40.12 -34.83
C GLN B 258 40.32 40.66 -34.18
N TYR B 259 40.19 41.86 -33.62
CA TYR B 259 41.21 42.47 -32.79
C TYR B 259 40.76 42.41 -31.33
N LEU B 260 41.64 41.91 -30.45
CA LEU B 260 41.32 41.82 -29.04
C LEU B 260 41.22 43.22 -28.42
N MET B 261 40.49 43.30 -27.30
CA MET B 261 40.33 44.43 -26.37
C MET B 261 39.20 45.40 -26.72
N TRP B 262 38.38 45.14 -27.75
CA TRP B 262 37.41 46.12 -28.20
C TRP B 262 36.01 45.52 -28.12
N LEU B 263 35.03 46.35 -27.78
CA LEU B 263 33.72 45.88 -27.31
C LEU B 263 32.60 46.37 -28.22
N THR B 264 31.77 45.43 -28.68
CA THR B 264 30.50 45.68 -29.38
C THR B 264 30.70 46.25 -30.78
N GLN B 265 31.79 45.87 -31.45
CA GLN B 265 31.91 46.15 -32.87
C GLN B 265 30.94 45.26 -33.63
N LYS B 266 30.25 45.86 -34.59
CA LYS B 266 29.20 45.14 -35.29
C LYS B 266 29.65 44.72 -36.68
N PRO C 6 -16.49 7.68 41.39
CA PRO C 6 -16.08 7.26 40.04
C PRO C 6 -14.98 6.21 40.07
N PRO C 7 -15.24 5.05 39.45
CA PRO C 7 -14.22 4.00 39.42
C PRO C 7 -12.91 4.47 38.78
N ARG C 8 -11.81 3.88 39.24
CA ARG C 8 -10.49 4.25 38.77
C ARG C 8 -10.25 3.74 37.35
N PRO C 9 -9.30 4.36 36.62
CA PRO C 9 -9.14 4.03 35.20
C PRO C 9 -8.15 2.90 34.94
N SER C 10 -7.13 2.77 35.80
CA SER C 10 -6.14 1.71 35.67
C SER C 10 -6.02 0.98 37.00
N SER C 11 -5.59 -0.28 36.93
CA SER C 11 -5.41 -1.12 38.11
C SER C 11 -4.02 -0.99 38.71
N GLY C 12 -3.36 0.16 38.53
CA GLY C 12 -2.06 0.37 39.10
C GLY C 12 -2.11 0.49 40.61
N GLU C 13 -0.95 0.49 41.23
CA GLU C 13 -0.84 0.52 42.68
C GLU C 13 -0.74 1.94 43.23
N LEU C 14 -0.19 2.86 42.45
CA LEU C 14 -0.27 4.30 42.71
C LEU C 14 -0.77 5.00 41.45
N TRP C 15 -1.19 6.24 41.61
CA TRP C 15 -1.73 7.01 40.48
C TRP C 15 -0.69 7.23 39.39
N GLY C 16 -0.90 6.60 38.24
CA GLY C 16 0.00 6.77 37.12
C GLY C 16 1.22 5.88 37.14
N ILE C 17 1.31 4.95 38.09
CA ILE C 17 2.36 3.95 38.10
C ILE C 17 1.71 2.59 38.20
N HIS C 18 2.06 1.69 37.28
CA HIS C 18 1.48 0.34 37.32
C HIS C 18 1.96 -0.43 38.52
N LEU C 19 3.27 -0.46 38.76
CA LEU C 19 3.88 -1.22 39.84
C LEU C 19 4.67 -0.27 40.74
N MET C 20 4.50 -0.41 42.04
CA MET C 20 5.38 0.28 42.97
C MET C 20 6.79 -0.28 42.84
N PRO C 21 7.81 0.56 42.69
CA PRO C 21 9.20 0.07 42.79
C PRO C 21 9.41 -0.66 44.10
N PRO C 22 10.28 -1.68 44.11
CA PRO C 22 10.41 -2.60 45.26
C PRO C 22 10.37 -1.97 46.65
N ARG C 23 10.94 -0.78 46.85
CA ARG C 23 10.89 -0.09 48.14
C ARG C 23 10.46 1.35 47.91
N ILE C 24 9.39 1.77 48.57
CA ILE C 24 8.79 3.07 48.36
C ILE C 24 8.79 3.85 49.68
N LEU C 25 8.95 5.16 49.58
CA LEU C 25 8.86 6.05 50.73
C LEU C 25 7.42 6.49 50.94
N VAL C 26 6.94 6.34 52.17
CA VAL C 26 5.57 6.66 52.54
C VAL C 26 5.64 7.72 53.64
N GLU C 27 5.05 8.88 53.38
CA GLU C 27 5.02 9.97 54.35
C GLU C 27 3.87 9.70 55.32
N CYS C 28 4.22 9.38 56.57
CA CYS C 28 3.25 9.05 57.61
C CYS C 28 3.01 10.28 58.47
N LEU C 29 1.75 10.68 58.55
CA LEU C 29 1.31 11.81 59.38
C LEU C 29 0.81 11.25 60.71
N LEU C 30 1.58 11.50 61.78
CA LEU C 30 1.25 10.97 63.09
C LEU C 30 0.20 11.86 63.77
N PRO C 31 -0.47 11.35 64.81
CA PRO C 31 -1.53 12.13 65.47
C PRO C 31 -1.02 13.25 66.37
N ASN C 32 0.29 13.43 66.50
CA ASN C 32 0.86 14.56 67.21
C ASN C 32 1.39 15.64 66.26
N GLY C 33 1.03 15.57 64.98
CA GLY C 33 1.40 16.59 64.01
C GLY C 33 2.76 16.41 63.40
N MET C 34 3.39 15.26 63.57
CA MET C 34 4.73 15.02 63.04
C MET C 34 4.64 14.20 61.77
N ILE C 35 5.28 14.70 60.71
CA ILE C 35 5.39 13.96 59.46
C ILE C 35 6.71 13.19 59.46
N VAL C 36 6.64 11.90 59.12
CA VAL C 36 7.80 11.01 59.14
C VAL C 36 7.84 10.26 57.82
N THR C 37 8.87 10.54 57.01
CA THR C 37 9.07 9.76 55.79
C THR C 37 9.65 8.40 56.18
N LEU C 38 8.97 7.33 55.80
CA LEU C 38 9.33 5.97 56.22
C LEU C 38 9.50 5.10 54.99
N GLU C 39 10.59 4.34 54.93
CA GLU C 39 10.82 3.41 53.84
C GLU C 39 10.04 2.12 54.09
N CYS C 40 9.08 1.82 53.21
CA CYS C 40 8.28 0.60 53.33
C CYS C 40 8.50 -0.27 52.10
N LEU C 41 8.34 -1.58 52.29
CA LEU C 41 8.30 -2.52 51.18
C LEU C 41 6.94 -2.48 50.50
N ARG C 42 6.94 -2.60 49.17
CA ARG C 42 5.68 -2.52 48.42
C ARG C 42 4.73 -3.65 48.81
N GLU C 43 5.26 -4.81 49.18
CA GLU C 43 4.46 -5.96 49.55
C GLU C 43 4.13 -5.99 51.05
N ALA C 44 4.65 -5.05 51.82
CA ALA C 44 4.56 -5.13 53.28
C ALA C 44 3.12 -4.93 53.76
N THR C 45 2.77 -5.67 54.81
CA THR C 45 1.43 -5.57 55.40
C THR C 45 1.29 -4.26 56.18
N LEU C 46 0.04 -3.87 56.43
CA LEU C 46 -0.21 -2.68 57.24
C LEU C 46 0.19 -2.87 58.70
N ILE C 47 0.02 -4.08 59.24
CA ILE C 47 0.41 -4.33 60.62
C ILE C 47 1.88 -3.96 60.84
N THR C 48 2.76 -4.54 60.00
CA THR C 48 4.18 -4.28 60.15
C THR C 48 4.51 -2.82 59.84
N ILE C 49 3.80 -2.21 58.89
CA ILE C 49 4.01 -0.79 58.60
C ILE C 49 3.72 0.06 59.82
N LYS C 50 2.61 -0.24 60.52
CA LYS C 50 2.29 0.44 61.76
C LYS C 50 3.36 0.19 62.82
N HIS C 51 3.83 -1.06 62.90
CA HIS C 51 4.82 -1.43 63.92
C HIS C 51 6.11 -0.64 63.75
N GLU C 52 6.72 -0.72 62.56
CA GLU C 52 7.97 -0.01 62.33
C GLU C 52 7.77 1.49 62.12
N LEU C 53 6.54 1.95 61.92
CA LEU C 53 6.27 3.38 61.97
C LEU C 53 6.41 3.90 63.39
N PHE C 54 5.71 3.26 64.33
CA PHE C 54 5.85 3.67 65.72
C PHE C 54 7.25 3.44 66.26
N LYS C 55 8.07 2.62 65.58
CA LYS C 55 9.47 2.50 65.94
C LYS C 55 10.23 3.78 65.62
N GLU C 56 10.21 4.19 64.36
CA GLU C 56 10.95 5.37 63.93
C GLU C 56 10.26 6.67 64.33
N ALA C 57 9.09 6.61 64.97
CA ALA C 57 8.44 7.81 65.45
C ALA C 57 8.97 8.26 66.81
N ARG C 58 9.71 7.40 67.50
CA ARG C 58 10.42 7.81 68.70
C ARG C 58 11.66 8.62 68.38
N LYS C 59 12.09 8.63 67.11
CA LYS C 59 13.20 9.49 66.70
C LYS C 59 12.76 10.94 66.58
N TYR C 60 11.47 11.18 66.34
CA TYR C 60 10.84 12.47 66.14
C TYR C 60 10.20 12.96 67.43
N PRO C 61 10.10 14.28 67.60
CA PRO C 61 9.60 14.85 68.86
C PRO C 61 8.19 14.39 69.19
N LEU C 62 7.80 14.65 70.44
CA LEU C 62 6.47 14.32 70.98
C LEU C 62 6.16 12.83 70.87
N HIS C 63 7.19 11.99 71.08
CA HIS C 63 7.00 10.55 71.00
C HIS C 63 6.30 9.98 72.22
N GLN C 64 6.24 10.73 73.32
CA GLN C 64 5.62 10.23 74.54
C GLN C 64 4.10 10.27 74.49
N LEU C 65 3.53 11.13 73.63
CA LEU C 65 2.08 11.21 73.52
C LEU C 65 1.49 9.98 72.84
N LEU C 66 2.27 9.32 71.98
CA LEU C 66 1.80 8.17 71.22
C LEU C 66 1.45 6.99 72.12
N GLN C 67 0.18 6.57 72.10
CA GLN C 67 -0.24 5.37 72.80
C GLN C 67 0.28 4.14 72.08
N ASP C 68 -0.18 2.97 72.52
CA ASP C 68 0.14 1.73 71.84
C ASP C 68 -0.35 1.78 70.39
N GLU C 69 0.48 1.27 69.49
CA GLU C 69 0.16 1.27 68.07
C GLU C 69 -1.15 0.54 67.76
N SER C 70 -1.59 -0.35 68.66
CA SER C 70 -2.87 -1.03 68.46
C SER C 70 -4.02 -0.04 68.43
N SER C 71 -3.97 0.99 69.27
CA SER C 71 -5.04 1.98 69.42
C SER C 71 -5.17 2.92 68.22
N TYR C 72 -4.50 2.68 67.09
CA TYR C 72 -4.56 3.57 65.95
C TYR C 72 -4.94 2.80 64.68
N ILE C 73 -5.39 3.57 63.68
CA ILE C 73 -5.80 3.06 62.38
C ILE C 73 -5.22 3.96 61.31
N PHE C 74 -4.88 3.35 60.16
CA PHE C 74 -4.39 4.07 59.00
C PHE C 74 -5.55 4.59 58.15
N VAL C 75 -5.36 5.77 57.57
CA VAL C 75 -6.31 6.38 56.64
C VAL C 75 -5.53 6.94 55.46
N SER C 76 -6.14 6.90 54.28
CA SER C 76 -5.53 7.45 53.08
C SER C 76 -6.59 7.65 52.00
N VAL C 77 -6.13 8.09 50.82
CA VAL C 77 -6.97 8.38 49.66
C VAL C 77 -6.69 7.34 48.59
N THR C 78 -7.75 6.69 48.10
CA THR C 78 -7.63 5.70 47.05
C THR C 78 -7.56 6.36 45.67
N GLN C 79 -7.24 5.56 44.66
CA GLN C 79 -7.28 6.05 43.28
C GLN C 79 -8.71 6.38 42.85
N GLU C 80 -9.70 5.86 43.58
CA GLU C 80 -11.10 6.19 43.39
C GLU C 80 -11.53 7.42 44.17
N ALA C 81 -10.64 7.97 45.02
CA ALA C 81 -10.82 9.21 45.76
C ALA C 81 -11.79 9.14 46.95
N GLU C 82 -11.44 8.36 47.98
CA GLU C 82 -12.17 8.38 49.24
C GLU C 82 -11.17 8.26 50.38
N ARG C 83 -11.62 8.62 51.58
CA ARG C 83 -10.84 8.37 52.79
C ARG C 83 -11.16 6.97 53.25
N GLU C 84 -10.33 6.01 52.86
CA GLU C 84 -10.53 4.62 53.24
C GLU C 84 -9.84 4.40 54.59
N GLU C 85 -10.64 4.15 55.62
CA GLU C 85 -10.10 3.79 56.93
C GLU C 85 -9.75 2.31 56.91
N PHE C 86 -8.45 2.01 56.88
CA PHE C 86 -8.01 0.63 56.71
C PHE C 86 -8.08 -0.10 58.05
N PHE C 87 -9.25 -0.69 58.34
CA PHE C 87 -9.40 -1.50 59.54
C PHE C 87 -8.78 -2.88 59.36
N ASP C 88 -8.99 -3.49 58.19
CA ASP C 88 -8.27 -4.71 57.86
C ASP C 88 -6.83 -4.30 57.55
N GLU C 89 -5.92 -4.62 58.48
CA GLU C 89 -4.52 -4.25 58.35
C GLU C 89 -3.68 -5.41 57.85
N THR C 90 -4.33 -6.49 57.40
CA THR C 90 -3.65 -7.52 56.65
C THR C 90 -3.27 -7.04 55.26
N ARG C 91 -4.02 -6.09 54.73
CA ARG C 91 -3.84 -5.63 53.36
C ARG C 91 -2.41 -5.14 53.13
N ARG C 92 -1.86 -5.49 51.97
CA ARG C 92 -0.51 -5.08 51.61
C ARG C 92 -0.55 -3.69 51.01
N LEU C 93 0.61 -3.01 51.08
CA LEU C 93 0.71 -1.62 50.64
C LEU C 93 0.21 -1.45 49.21
N CYS C 94 0.60 -2.35 48.31
CA CYS C 94 0.24 -2.20 46.90
C CYS C 94 -1.23 -2.51 46.66
N ASP C 95 -1.81 -3.44 47.41
CA ASP C 95 -3.23 -3.74 47.28
C ASP C 95 -4.13 -2.63 47.81
N LEU C 96 -3.56 -1.60 48.44
CA LEU C 96 -4.36 -0.52 49.01
C LEU C 96 -4.99 0.36 47.94
N ARG C 97 -4.43 0.38 46.73
CA ARG C 97 -4.95 1.19 45.63
C ARG C 97 -4.83 2.68 45.95
N LEU C 98 -3.67 3.07 46.50
CA LEU C 98 -3.47 4.44 46.97
C LEU C 98 -3.32 5.41 45.80
N PHE C 99 -3.74 6.65 46.05
CA PHE C 99 -3.51 7.73 45.10
C PHE C 99 -2.04 8.11 45.05
N GLN C 100 -1.46 8.48 46.19
CA GLN C 100 -0.03 8.72 46.32
C GLN C 100 0.40 8.27 47.70
N PRO C 101 1.69 7.91 47.89
CA PRO C 101 2.10 7.22 49.12
C PRO C 101 2.18 8.07 50.39
N PHE C 102 1.07 8.25 51.08
CA PHE C 102 1.03 8.88 52.39
C PHE C 102 -0.02 8.18 53.26
N LEU C 103 0.12 8.30 54.58
CA LEU C 103 -0.74 7.59 55.52
C LEU C 103 -1.00 8.45 56.74
N LYS C 104 -2.26 8.77 57.02
CA LYS C 104 -2.61 9.51 58.23
C LYS C 104 -2.98 8.53 59.35
N VAL C 105 -2.55 8.83 60.57
CA VAL C 105 -2.77 7.96 61.72
C VAL C 105 -3.86 8.57 62.60
N ILE C 106 -4.96 7.84 62.80
CA ILE C 106 -6.09 8.32 63.59
C ILE C 106 -6.51 7.23 64.58
N GLU C 107 -7.57 7.55 65.42
CA GLU C 107 -8.22 6.55 66.26
C GLU C 107 -9.53 6.07 65.64
N PRO C 108 -9.91 4.82 65.89
CA PRO C 108 -11.15 4.29 65.31
C PRO C 108 -12.37 5.07 65.78
N VAL C 109 -13.30 5.28 64.86
CA VAL C 109 -14.57 5.92 65.15
C VAL C 109 -15.68 5.08 64.55
N GLY C 110 -16.86 5.14 65.18
CA GLY C 110 -18.01 4.45 64.63
C GLY C 110 -17.92 2.94 64.75
N ASN C 111 -18.82 2.28 64.04
CA ASN C 111 -18.90 0.82 64.03
C ASN C 111 -17.84 0.24 63.11
N ARG C 112 -17.00 -0.64 63.65
CA ARG C 112 -15.89 -1.20 62.89
C ARG C 112 -16.38 -2.20 61.84
N GLU C 113 -17.29 -3.09 62.22
CA GLU C 113 -17.76 -4.14 61.33
C GLU C 113 -18.43 -3.57 60.09
N GLU C 114 -19.32 -2.60 60.27
CA GLU C 114 -20.02 -2.01 59.14
C GLU C 114 -19.04 -1.35 58.18
N LYS C 115 -18.07 -0.60 58.70
CA LYS C 115 -17.07 0.03 57.84
C LYS C 115 -16.30 -1.02 57.05
N ILE C 116 -15.90 -2.11 57.70
CA ILE C 116 -15.16 -3.16 57.02
C ILE C 116 -15.99 -3.74 55.88
N LEU C 117 -17.24 -4.10 56.18
CA LEU C 117 -18.11 -4.70 55.18
C LEU C 117 -18.38 -3.73 54.03
N ASN C 118 -18.59 -2.45 54.35
CA ASN C 118 -18.84 -1.47 53.30
C ASN C 118 -17.65 -1.31 52.38
N ARG C 119 -16.43 -1.29 52.93
CA ARG C 119 -15.26 -1.21 52.05
C ARG C 119 -15.15 -2.46 51.19
N GLU C 120 -15.52 -3.62 51.73
CA GLU C 120 -15.46 -4.86 50.96
C GLU C 120 -16.47 -4.82 49.82
N ILE C 121 -17.70 -4.39 50.11
CA ILE C 121 -18.71 -4.22 49.07
C ILE C 121 -18.24 -3.24 48.01
N GLY C 122 -17.70 -2.10 48.43
CA GLY C 122 -17.20 -1.12 47.48
C GLY C 122 -16.15 -1.70 46.56
N PHE C 123 -15.23 -2.51 47.11
CA PHE C 123 -14.23 -3.16 46.27
C PHE C 123 -14.87 -4.12 45.29
N ALA C 124 -15.81 -4.95 45.78
CA ALA C 124 -16.51 -5.90 44.91
C ALA C 124 -17.19 -5.19 43.73
N ILE C 125 -17.94 -4.14 44.02
CA ILE C 125 -18.67 -3.42 42.98
C ILE C 125 -17.71 -2.83 41.96
N GLY C 126 -16.64 -2.22 42.43
CA GLY C 126 -15.84 -1.32 41.65
C GLY C 126 -16.21 0.13 41.88
N MET C 127 -16.78 0.46 43.04
CA MET C 127 -17.30 1.78 43.35
C MET C 127 -17.62 1.85 44.84
N PRO C 128 -17.04 2.80 45.56
CA PRO C 128 -17.28 2.88 47.00
C PRO C 128 -18.72 3.22 47.34
N VAL C 129 -19.22 2.60 48.41
CA VAL C 129 -20.63 2.74 48.77
C VAL C 129 -20.94 4.16 49.23
N CYS C 130 -19.97 4.87 49.80
CA CYS C 130 -20.22 6.25 50.23
C CYS C 130 -20.77 7.10 49.09
N GLU C 131 -20.32 6.84 47.85
CA GLU C 131 -20.78 7.61 46.70
C GLU C 131 -22.27 7.44 46.45
N PHE C 132 -22.84 6.30 46.85
CA PHE C 132 -24.29 6.13 46.77
C PHE C 132 -24.99 7.03 47.78
N ASP C 133 -24.40 7.17 48.97
CA ASP C 133 -24.95 8.08 49.97
C ASP C 133 -24.96 9.52 49.46
N MET C 134 -24.01 9.86 48.58
CA MET C 134 -23.92 11.22 48.07
C MET C 134 -25.13 11.59 47.22
N VAL C 135 -25.76 10.60 46.60
CA VAL C 135 -26.86 10.88 45.69
C VAL C 135 -28.08 11.37 46.46
N LYS C 136 -28.73 12.41 45.94
CA LYS C 136 -29.93 12.96 46.54
C LYS C 136 -31.18 12.56 45.79
N ASP C 137 -31.05 11.99 44.60
CA ASP C 137 -32.17 11.55 43.79
C ASP C 137 -33.12 10.71 44.64
N PRO C 138 -34.40 11.10 44.77
CA PRO C 138 -35.30 10.36 45.67
C PRO C 138 -35.55 8.94 45.22
N GLU C 139 -35.58 8.68 43.92
CA GLU C 139 -35.74 7.31 43.44
C GLU C 139 -34.56 6.45 43.89
N VAL C 140 -33.35 7.01 43.86
CA VAL C 140 -32.17 6.24 44.26
C VAL C 140 -32.27 5.81 45.72
N GLN C 141 -32.59 6.75 46.61
CA GLN C 141 -32.66 6.41 48.02
C GLN C 141 -33.85 5.50 48.30
N ASP C 142 -34.97 5.73 47.62
CA ASP C 142 -36.14 4.86 47.78
C ASP C 142 -35.83 3.44 47.33
N PHE C 143 -35.13 3.29 46.21
CA PHE C 143 -34.69 1.97 45.74
C PHE C 143 -33.77 1.31 46.77
N ARG C 144 -32.72 2.03 47.19
CA ARG C 144 -31.77 1.49 48.16
C ARG C 144 -32.48 0.97 49.39
N ARG C 145 -33.47 1.73 49.89
CA ARG C 145 -34.21 1.30 51.06
C ARG C 145 -35.09 0.08 50.76
N ASN C 146 -35.83 0.13 49.64
CA ASN C 146 -36.89 -0.86 49.41
C ASN C 146 -36.34 -2.22 48.99
N ILE C 147 -35.38 -2.25 48.07
CA ILE C 147 -34.82 -3.50 47.52
C ILE C 147 -34.33 -4.42 48.64
N LEU C 148 -34.02 -3.83 49.79
CA LEU C 148 -33.60 -4.62 50.93
C LEU C 148 -34.73 -5.54 51.41
N ASN C 149 -35.98 -5.26 51.03
CA ASN C 149 -37.07 -6.19 51.31
C ASN C 149 -36.88 -7.51 50.57
N VAL C 150 -36.61 -7.45 49.27
CA VAL C 150 -36.31 -8.67 48.52
C VAL C 150 -35.10 -9.38 49.12
N CYS C 151 -34.09 -8.59 49.51
CA CYS C 151 -32.95 -9.18 50.20
C CYS C 151 -33.39 -9.96 51.45
N LYS C 152 -34.23 -9.33 52.28
CA LYS C 152 -34.72 -9.94 53.51
C LYS C 152 -35.49 -11.23 53.22
N GLU C 153 -36.34 -11.21 52.18
CA GLU C 153 -37.09 -12.40 51.80
C GLU C 153 -36.16 -13.55 51.43
N ALA C 154 -35.11 -13.23 50.66
CA ALA C 154 -34.20 -14.28 50.22
C ALA C 154 -33.42 -14.86 51.39
N VAL C 155 -32.92 -14.01 52.30
CA VAL C 155 -32.20 -14.53 53.45
C VAL C 155 -33.13 -15.32 54.37
N ASP C 156 -34.42 -14.95 54.42
CA ASP C 156 -35.38 -15.73 55.19
C ASP C 156 -35.51 -17.14 54.63
N LEU C 157 -35.62 -17.25 53.29
CA LEU C 157 -35.62 -18.57 52.67
C LEU C 157 -34.30 -19.30 52.92
N ARG C 158 -33.20 -18.56 53.06
CA ARG C 158 -31.91 -19.20 53.31
C ARG C 158 -31.86 -19.80 54.71
N ASP C 159 -32.47 -19.13 55.69
CA ASP C 159 -32.45 -19.61 57.07
C ASP C 159 -33.68 -20.43 57.47
N LEU C 160 -34.59 -20.71 56.54
CA LEU C 160 -35.80 -21.47 56.86
C LEU C 160 -35.48 -22.82 57.51
N ASN C 161 -34.72 -23.67 56.83
CA ASN C 161 -34.23 -24.93 57.38
C ASN C 161 -32.74 -24.76 57.63
N SER C 162 -32.38 -24.56 58.90
CA SER C 162 -31.10 -23.99 59.32
C SER C 162 -29.90 -24.52 58.54
N PRO C 163 -29.62 -25.85 58.51
CA PRO C 163 -28.44 -26.31 57.77
C PRO C 163 -28.69 -26.51 56.28
N HIS C 164 -29.85 -27.09 55.97
CA HIS C 164 -30.07 -27.59 54.62
C HIS C 164 -30.33 -26.47 53.63
N SER C 165 -31.17 -25.49 54.00
CA SER C 165 -31.46 -24.40 53.07
C SER C 165 -30.20 -23.63 52.70
N ARG C 166 -29.30 -23.43 53.67
CA ARG C 166 -28.03 -22.79 53.36
C ARG C 166 -27.17 -23.67 52.45
N ALA C 167 -27.13 -24.98 52.70
CA ALA C 167 -26.42 -25.86 51.77
C ALA C 167 -26.97 -25.74 50.36
N MET C 168 -28.30 -25.69 50.23
CA MET C 168 -28.93 -25.53 48.93
C MET C 168 -28.56 -24.19 48.28
N TYR C 169 -28.45 -23.13 49.09
CA TYR C 169 -28.07 -21.83 48.55
C TYR C 169 -26.66 -21.86 47.99
N VAL C 170 -25.74 -22.48 48.71
CA VAL C 170 -24.35 -22.44 48.26
C VAL C 170 -24.12 -23.42 47.12
N TYR C 171 -24.69 -24.62 47.20
CA TYR C 171 -24.46 -25.67 46.21
C TYR C 171 -25.80 -26.15 45.64
N PRO C 172 -26.47 -25.31 44.84
CA PRO C 172 -27.77 -25.71 44.31
C PRO C 172 -27.60 -26.82 43.31
N PRO C 173 -28.58 -27.72 43.20
CA PRO C 173 -28.46 -28.86 42.29
C PRO C 173 -28.38 -28.41 40.83
N ASN C 174 -27.28 -28.76 40.19
CA ASN C 174 -27.07 -28.48 38.77
C ASN C 174 -27.79 -29.57 37.98
N VAL C 175 -29.05 -29.30 37.64
CA VAL C 175 -29.90 -30.29 37.00
C VAL C 175 -30.49 -29.72 35.71
N GLU C 176 -30.97 -30.62 34.86
CA GLU C 176 -31.66 -30.26 33.64
C GLU C 176 -33.07 -29.74 33.95
N SER C 177 -33.68 -29.15 32.93
CA SER C 177 -35.03 -28.61 33.08
C SER C 177 -36.05 -29.74 33.27
N SER C 178 -36.09 -30.68 32.33
CA SER C 178 -37.09 -31.74 32.42
C SER C 178 -36.45 -33.05 32.85
N PRO C 179 -37.19 -33.87 33.61
CA PRO C 179 -36.73 -35.23 33.90
C PRO C 179 -36.79 -36.16 32.70
N GLU C 180 -37.59 -35.80 31.69
CA GLU C 180 -37.70 -36.60 30.46
C GLU C 180 -36.34 -36.88 29.85
N LEU C 181 -36.02 -38.16 29.70
CA LEU C 181 -34.75 -38.58 29.11
C LEU C 181 -35.00 -39.04 27.68
N PRO C 182 -34.62 -38.27 26.66
CA PRO C 182 -34.83 -38.70 25.27
C PRO C 182 -34.29 -40.10 24.98
N LYS C 183 -34.94 -40.77 24.03
CA LYS C 183 -34.78 -42.22 23.87
C LYS C 183 -33.37 -42.60 23.44
N HIS C 184 -32.72 -41.79 22.60
CA HIS C 184 -31.37 -42.12 22.16
C HIS C 184 -30.37 -42.09 23.32
N ILE C 185 -30.73 -41.46 24.42
CA ILE C 185 -29.94 -41.50 25.65
C ILE C 185 -30.33 -42.69 26.52
N TYR C 186 -31.64 -42.92 26.65
CA TYR C 186 -32.14 -44.04 27.45
C TYR C 186 -31.57 -45.36 26.93
N ASN C 187 -31.44 -45.51 25.62
CA ASN C 187 -30.94 -46.77 25.08
C ASN C 187 -29.48 -47.01 25.43
N LYS C 188 -28.68 -45.94 25.61
CA LYS C 188 -27.26 -46.11 25.84
C LYS C 188 -26.93 -46.75 27.18
N LEU C 189 -27.86 -46.76 28.14
CA LEU C 189 -27.62 -47.41 29.41
C LEU C 189 -28.31 -48.77 29.46
N ASP C 190 -27.94 -49.56 30.48
CA ASP C 190 -28.29 -50.98 30.55
C ASP C 190 -29.73 -51.12 31.03
N LYS C 191 -30.64 -51.47 30.12
CA LYS C 191 -32.00 -51.86 30.45
C LYS C 191 -32.65 -50.88 31.44
N GLY C 192 -32.42 -49.59 31.21
CA GLY C 192 -33.00 -48.57 32.06
C GLY C 192 -32.26 -48.26 33.33
N GLN C 193 -30.98 -48.64 33.45
CA GLN C 193 -30.22 -48.35 34.66
C GLN C 193 -28.75 -48.12 34.34
N ILE C 194 -28.05 -47.49 35.28
CA ILE C 194 -26.69 -46.99 35.08
C ILE C 194 -25.78 -47.53 36.17
N ILE C 195 -24.50 -47.71 35.80
CA ILE C 195 -23.42 -48.03 36.72
C ILE C 195 -22.82 -46.74 37.28
N VAL C 196 -22.60 -46.72 38.60
CA VAL C 196 -22.06 -45.58 39.31
C VAL C 196 -20.96 -46.07 40.23
N VAL C 197 -20.01 -45.20 40.54
CA VAL C 197 -18.93 -45.50 41.47
C VAL C 197 -18.98 -44.47 42.59
N ILE C 198 -19.28 -44.92 43.81
CA ILE C 198 -19.30 -44.06 44.98
C ILE C 198 -18.02 -44.29 45.76
N TRP C 199 -17.33 -43.20 46.10
CA TRP C 199 -16.04 -43.30 46.77
C TRP C 199 -16.14 -42.84 48.22
N VAL C 200 -15.25 -43.38 49.05
CA VAL C 200 -15.09 -42.92 50.42
C VAL C 200 -13.61 -42.76 50.71
N ILE C 201 -13.26 -41.61 51.30
CA ILE C 201 -11.92 -41.41 51.83
C ILE C 201 -11.88 -42.09 53.19
N VAL C 202 -10.98 -43.05 53.35
CA VAL C 202 -11.05 -43.99 54.47
C VAL C 202 -10.11 -43.60 55.61
N SER C 203 -8.98 -42.98 55.31
CA SER C 203 -7.99 -42.60 56.31
C SER C 203 -7.60 -41.14 56.15
N PRO C 204 -6.88 -40.57 57.14
CA PRO C 204 -6.32 -39.23 56.89
C PRO C 204 -5.36 -39.26 55.73
N ASN C 205 -4.47 -40.26 55.71
CA ASN C 205 -3.53 -40.52 54.63
C ASN C 205 -4.25 -40.80 53.32
N ASN C 206 -5.13 -39.86 52.91
CA ASN C 206 -6.23 -40.06 51.97
C ASN C 206 -6.10 -41.35 51.16
N ASP C 207 -6.51 -42.46 51.77
CA ASP C 207 -6.76 -43.69 51.03
C ASP C 207 -8.23 -43.69 50.61
N LYS C 208 -8.52 -44.45 49.57
CA LYS C 208 -9.81 -44.36 48.92
C LYS C 208 -10.36 -45.76 48.68
N GLN C 209 -11.66 -45.94 48.95
CA GLN C 209 -12.33 -47.19 48.69
C GLN C 209 -13.56 -46.95 47.83
N LYS C 210 -13.78 -47.88 46.89
CA LYS C 210 -14.80 -47.79 45.87
C LYS C 210 -16.02 -48.62 46.24
N TYR C 211 -17.18 -48.22 45.69
CA TYR C 211 -18.42 -48.98 45.82
C TYR C 211 -19.18 -48.82 44.50
N THR C 212 -19.07 -49.82 43.64
CA THR C 212 -19.73 -49.80 42.33
C THR C 212 -21.18 -50.25 42.47
N LEU C 213 -22.11 -49.36 42.16
CA LEU C 213 -23.53 -49.65 42.20
C LEU C 213 -24.10 -49.74 40.79
N LYS C 214 -25.13 -50.56 40.64
CA LYS C 214 -25.97 -50.58 39.44
C LYS C 214 -27.38 -50.20 39.86
N ILE C 215 -27.86 -49.04 39.42
CA ILE C 215 -29.08 -48.47 39.97
C ILE C 215 -29.97 -47.94 38.86
N ASN C 216 -31.28 -47.93 39.13
CA ASN C 216 -32.24 -47.25 38.26
C ASN C 216 -31.79 -45.82 38.00
N HIS C 217 -31.85 -45.41 36.74
CA HIS C 217 -31.32 -44.11 36.36
C HIS C 217 -32.08 -42.96 37.01
N ASP C 218 -33.33 -43.16 37.41
CA ASP C 218 -34.15 -42.11 38.01
C ASP C 218 -34.16 -42.17 39.53
N CYS C 219 -33.20 -42.86 40.14
CA CYS C 219 -33.11 -42.91 41.59
C CYS C 219 -32.79 -41.53 42.15
N VAL C 220 -33.26 -41.26 43.36
CA VAL C 220 -32.94 -40.01 44.03
C VAL C 220 -31.59 -40.17 44.72
N PRO C 221 -30.89 -39.08 45.07
CA PRO C 221 -29.60 -39.24 45.73
C PRO C 221 -29.68 -40.06 47.01
N GLU C 222 -30.72 -39.83 47.82
CA GLU C 222 -30.92 -40.60 49.04
C GLU C 222 -30.95 -42.10 48.74
N GLN C 223 -31.62 -42.50 47.65
CA GLN C 223 -31.67 -43.92 47.31
C GLN C 223 -30.31 -44.45 46.88
N VAL C 224 -29.52 -43.65 46.16
CA VAL C 224 -28.17 -44.08 45.78
C VAL C 224 -27.32 -44.29 47.03
N ILE C 225 -27.41 -43.36 47.98
CA ILE C 225 -26.70 -43.49 49.25
C ILE C 225 -27.14 -44.75 49.98
N ALA C 226 -28.46 -44.97 50.05
CA ALA C 226 -29.00 -46.15 50.69
C ALA C 226 -28.45 -47.43 50.05
N GLU C 227 -28.44 -47.50 48.72
CA GLU C 227 -27.91 -48.68 48.04
C GLU C 227 -26.43 -48.89 48.33
N ALA C 228 -25.67 -47.80 48.48
CA ALA C 228 -24.28 -47.94 48.88
C ALA C 228 -24.18 -48.51 50.29
N ILE C 229 -25.02 -48.01 51.20
CA ILE C 229 -25.08 -48.54 52.56
C ILE C 229 -25.33 -50.04 52.54
N ARG C 230 -26.35 -50.46 51.79
CA ARG C 230 -26.62 -51.88 51.62
C ARG C 230 -25.41 -52.64 51.12
N LYS C 231 -24.77 -52.13 50.06
CA LYS C 231 -23.54 -52.73 49.55
C LYS C 231 -22.54 -52.99 50.66
N LYS C 232 -22.35 -52.01 51.55
CA LYS C 232 -21.36 -52.17 52.61
C LYS C 232 -21.81 -53.17 53.66
N THR C 233 -23.06 -53.09 54.10
CA THR C 233 -23.57 -53.99 55.14
C THR C 233 -24.07 -55.31 54.56
N ARG C 234 -23.30 -55.92 53.67
CA ARG C 234 -23.58 -57.27 53.19
C ARG C 234 -22.61 -58.29 53.75
N SER C 235 -21.31 -58.04 53.67
CA SER C 235 -20.34 -58.86 54.39
C SER C 235 -20.65 -58.91 55.87
N MET C 236 -21.34 -57.90 56.37
CA MET C 236 -21.81 -57.85 57.74
C MET C 236 -22.70 -59.06 58.08
N LEU C 237 -22.64 -59.48 59.34
CA LEU C 237 -23.58 -60.47 59.86
C LEU C 237 -24.68 -59.68 60.57
N LEU C 238 -25.83 -59.58 59.92
CA LEU C 238 -26.95 -58.83 60.45
C LEU C 238 -28.23 -59.47 59.95
N SER C 239 -29.28 -59.39 60.77
CA SER C 239 -30.59 -59.80 60.31
C SER C 239 -31.09 -58.84 59.24
N SER C 240 -32.05 -59.33 58.45
CA SER C 240 -32.70 -58.45 57.47
C SER C 240 -33.38 -57.27 58.17
N GLU C 241 -33.98 -57.54 59.33
CA GLU C 241 -34.53 -56.47 60.15
C GLU C 241 -33.46 -55.49 60.61
N GLN C 242 -32.23 -55.94 60.72
CA GLN C 242 -31.14 -55.05 61.08
C GLN C 242 -30.65 -54.23 59.89
N LEU C 243 -30.56 -54.87 58.71
CA LEU C 243 -30.18 -54.16 57.49
C LEU C 243 -31.17 -53.05 57.17
N LYS C 244 -32.47 -53.38 57.24
CA LYS C 244 -33.52 -52.39 57.07
C LYS C 244 -33.28 -51.18 57.97
N LEU C 245 -32.94 -51.42 59.25
CA LEU C 245 -32.74 -50.29 60.15
C LEU C 245 -31.47 -49.53 59.83
N CYS C 246 -30.43 -50.22 59.36
CA CYS C 246 -29.22 -49.53 58.94
C CYS C 246 -29.57 -48.49 57.88
N VAL C 247 -30.20 -48.96 56.80
CA VAL C 247 -30.54 -48.04 55.72
C VAL C 247 -31.51 -46.97 56.21
N LEU C 248 -32.63 -47.38 56.82
CA LEU C 248 -33.64 -46.43 57.29
C LEU C 248 -33.04 -45.30 58.11
N GLU C 249 -32.16 -45.62 59.07
CA GLU C 249 -31.65 -44.59 59.95
C GLU C 249 -30.52 -43.77 59.33
N TYR C 250 -29.69 -44.37 58.48
CA TYR C 250 -28.52 -43.65 58.00
C TYR C 250 -28.58 -43.29 56.52
N GLN C 251 -29.76 -43.37 55.89
CA GLN C 251 -29.94 -42.85 54.54
C GLN C 251 -29.52 -41.39 54.47
N GLY C 252 -30.16 -40.56 55.28
CA GLY C 252 -30.03 -39.13 55.18
C GLY C 252 -29.08 -38.53 56.19
N LYS C 253 -28.08 -39.32 56.59
CA LYS C 253 -26.95 -38.84 57.36
C LYS C 253 -25.69 -38.73 56.52
N TYR C 254 -25.84 -38.77 55.20
CA TYR C 254 -24.75 -38.68 54.23
C TYR C 254 -25.19 -37.77 53.09
N ILE C 255 -24.30 -37.61 52.10
CA ILE C 255 -24.49 -36.67 51.00
C ILE C 255 -23.56 -37.08 49.88
N LEU C 256 -23.98 -36.81 48.64
CA LEU C 256 -23.20 -37.17 47.46
C LEU C 256 -22.59 -35.93 46.81
N LYS C 257 -21.37 -36.08 46.32
CA LYS C 257 -20.63 -34.99 45.69
C LYS C 257 -20.00 -35.49 44.40
N VAL C 258 -19.76 -34.59 43.46
CA VAL C 258 -19.04 -34.94 42.24
C VAL C 258 -17.55 -35.06 42.56
N CYS C 259 -16.95 -36.20 42.22
CA CYS C 259 -15.50 -36.36 42.37
C CYS C 259 -14.74 -35.37 41.49
N GLY C 260 -14.01 -34.44 42.13
CA GLY C 260 -13.14 -33.54 41.42
C GLY C 260 -13.66 -32.13 41.30
N CYS C 261 -14.86 -31.84 41.77
CA CYS C 261 -15.38 -30.47 41.74
C CYS C 261 -16.40 -30.31 42.85
N ASP C 262 -16.93 -29.09 42.99
CA ASP C 262 -17.86 -28.81 44.08
C ASP C 262 -19.29 -28.65 43.61
N GLU C 263 -19.88 -29.71 43.06
CA GLU C 263 -21.31 -29.77 42.78
C GLU C 263 -21.91 -30.92 43.56
N TYR C 264 -22.97 -30.65 44.32
CA TYR C 264 -23.53 -31.64 45.23
C TYR C 264 -24.94 -32.04 44.82
N PHE C 265 -25.28 -33.29 45.13
CA PHE C 265 -26.60 -33.85 44.86
C PHE C 265 -27.44 -33.76 46.13
N LEU C 266 -27.85 -32.54 46.45
CA LEU C 266 -28.53 -32.26 47.71
C LEU C 266 -30.03 -32.39 47.62
N GLU C 267 -30.62 -32.26 46.44
CA GLU C 267 -32.07 -32.18 46.29
C GLU C 267 -32.65 -33.48 45.76
N LYS C 268 -33.94 -33.69 46.06
CA LYS C 268 -34.69 -34.88 45.67
C LYS C 268 -35.01 -34.81 44.17
N TYR C 269 -34.01 -35.13 43.37
CA TYR C 269 -34.11 -35.20 41.92
C TYR C 269 -33.76 -36.60 41.45
N PRO C 270 -34.19 -36.98 40.24
CA PRO C 270 -33.65 -38.18 39.62
C PRO C 270 -32.17 -38.00 39.36
N LEU C 271 -31.41 -39.09 39.54
CA LEU C 271 -29.97 -39.01 39.34
C LEU C 271 -29.63 -38.59 37.91
N SER C 272 -30.42 -39.05 36.93
CA SER C 272 -30.17 -38.69 35.54
C SER C 272 -30.49 -37.23 35.26
N GLN C 273 -31.43 -36.64 36.00
CA GLN C 273 -31.74 -35.23 35.79
C GLN C 273 -30.58 -34.31 36.18
N TYR C 274 -29.67 -34.78 37.04
CA TYR C 274 -28.46 -34.04 37.33
C TYR C 274 -27.59 -33.99 36.07
N LYS C 275 -27.15 -32.79 35.70
CA LYS C 275 -26.44 -32.62 34.43
C LYS C 275 -25.19 -33.49 34.37
N TYR C 276 -24.46 -33.63 35.48
CA TYR C 276 -23.23 -34.42 35.45
C TYR C 276 -23.51 -35.88 35.08
N ILE C 277 -24.53 -36.48 35.70
CA ILE C 277 -24.81 -37.89 35.43
C ILE C 277 -25.37 -38.06 34.02
N ARG C 278 -26.27 -37.17 33.60
CA ARG C 278 -26.79 -37.23 32.23
C ARG C 278 -25.65 -37.17 31.22
N SER C 279 -24.76 -36.19 31.38
CA SER C 279 -23.57 -36.09 30.54
C SER C 279 -22.77 -37.39 30.55
N CYS C 280 -22.52 -37.94 31.74
CA CYS C 280 -21.79 -39.20 31.84
C CYS C 280 -22.45 -40.29 31.00
N ILE C 281 -23.79 -40.36 31.05
CA ILE C 281 -24.51 -41.37 30.28
C ILE C 281 -24.27 -41.17 28.79
N MET C 282 -24.64 -39.98 28.25
CA MET C 282 -24.52 -39.77 26.80
C MET C 282 -23.11 -40.04 26.31
N LEU C 283 -22.11 -39.52 27.02
CA LEU C 283 -20.72 -39.71 26.66
C LEU C 283 -20.22 -41.12 26.94
N GLY C 284 -21.04 -41.97 27.55
CA GLY C 284 -20.60 -43.30 27.91
C GLY C 284 -19.62 -43.34 29.06
N ARG C 285 -19.42 -42.23 29.74
CA ARG C 285 -18.51 -42.16 30.87
C ARG C 285 -19.19 -42.62 32.14
N MET C 286 -18.40 -43.17 33.04
CA MET C 286 -18.98 -43.68 34.28
C MET C 286 -18.97 -42.59 35.34
N PRO C 287 -20.11 -42.32 35.99
CA PRO C 287 -20.13 -41.27 37.03
C PRO C 287 -19.37 -41.71 38.27
N ASN C 288 -18.48 -40.82 38.74
CA ASN C 288 -17.70 -41.05 39.96
C ASN C 288 -18.10 -40.01 40.99
N LEU C 289 -18.87 -40.44 41.99
CA LEU C 289 -19.29 -39.58 43.07
C LEU C 289 -18.50 -39.89 44.34
N MET C 290 -18.72 -39.06 45.35
CA MET C 290 -18.02 -39.16 46.63
C MET C 290 -19.06 -39.09 47.74
N LEU C 291 -19.01 -40.07 48.63
CA LEU C 291 -19.85 -40.07 49.82
C LEU C 291 -19.24 -39.14 50.86
N MET C 292 -20.10 -38.46 51.62
CA MET C 292 -19.61 -37.43 52.53
C MET C 292 -20.64 -37.20 53.62
N ALA C 293 -20.21 -37.20 54.88
CA ALA C 293 -21.15 -37.03 55.97
C ALA C 293 -21.75 -35.63 55.94
N LYS C 294 -23.08 -35.56 56.09
CA LYS C 294 -23.75 -34.26 56.13
C LYS C 294 -23.06 -33.30 57.09
N GLU C 295 -22.66 -33.81 58.26
CA GLU C 295 -21.97 -32.99 59.24
C GLU C 295 -20.70 -32.39 58.64
N SER C 296 -19.98 -33.16 57.84
CA SER C 296 -18.74 -32.69 57.22
C SER C 296 -18.98 -31.60 56.18
N LEU C 297 -20.23 -31.37 55.77
CA LEU C 297 -20.56 -30.25 54.89
C LEU C 297 -21.10 -29.06 55.69
N TYR C 298 -22.15 -29.28 56.48
CA TYR C 298 -22.72 -28.21 57.28
C TYR C 298 -21.70 -27.56 58.22
N SER C 299 -20.65 -28.31 58.60
CA SER C 299 -19.58 -27.73 59.40
C SER C 299 -18.93 -26.54 58.68
N GLN C 300 -18.79 -26.63 57.37
CA GLN C 300 -18.10 -25.63 56.57
C GLN C 300 -19.03 -24.50 56.11
N LEU C 301 -20.30 -24.52 56.52
CA LEU C 301 -21.24 -23.43 56.29
C LEU C 301 -21.24 -22.47 57.48
N PRO C 302 -21.38 -21.17 57.25
CA PRO C 302 -21.04 -20.19 58.29
C PRO C 302 -22.13 -19.83 59.30
N MET C 303 -23.40 -19.97 58.93
CA MET C 303 -24.50 -19.32 59.66
C MET C 303 -24.28 -17.80 59.63
N ASP C 304 -23.94 -17.31 58.45
CA ASP C 304 -23.46 -15.94 58.26
C ASP C 304 -24.57 -14.94 58.53
N CYS C 305 -24.17 -13.76 58.95
CA CYS C 305 -25.16 -12.78 59.36
C CYS C 305 -25.59 -11.92 58.18
N PHE C 306 -26.82 -11.45 58.26
CA PHE C 306 -27.36 -10.41 57.40
C PHE C 306 -27.97 -9.40 58.36
N THR C 307 -27.33 -8.26 58.49
CA THR C 307 -27.72 -7.24 59.45
C THR C 307 -27.93 -5.91 58.75
N MET C 308 -28.92 -5.17 59.21
CA MET C 308 -29.34 -3.96 58.52
C MET C 308 -28.22 -2.92 58.51
N PRO C 309 -28.12 -2.13 57.44
CA PRO C 309 -27.10 -1.07 57.39
C PRO C 309 -27.51 0.15 58.20
N SER C 310 -27.64 1.28 57.52
CA SER C 310 -28.10 2.51 58.17
C SER C 310 -29.08 3.32 57.33
N TYR C 311 -29.16 3.09 56.02
CA TYR C 311 -30.11 3.79 55.15
C TYR C 311 -31.42 3.00 55.16
N SER C 312 -32.28 3.31 56.15
CA SER C 312 -33.62 2.75 56.20
C SER C 312 -34.51 3.65 57.06
N ARG C 313 -34.69 4.89 56.63
CA ARG C 313 -35.50 5.85 57.38
C ARG C 313 -36.97 5.73 56.97
N GLU C 325 -51.62 16.40 52.97
CA GLU C 325 -52.57 16.52 51.87
C GLU C 325 -51.96 17.28 50.71
N THR C 326 -51.98 16.68 49.52
CA THR C 326 -51.51 17.29 48.30
C THR C 326 -52.60 17.23 47.24
N SER C 327 -52.88 18.36 46.59
CA SER C 327 -53.89 18.39 45.56
C SER C 327 -53.47 17.49 44.41
N THR C 328 -54.29 16.49 44.09
CA THR C 328 -53.92 15.46 43.13
C THR C 328 -55.11 15.13 42.24
N LYS C 329 -54.90 15.28 40.93
CA LYS C 329 -55.84 14.88 39.88
C LYS C 329 -55.30 13.65 39.15
N SER C 330 -56.22 12.92 38.52
CA SER C 330 -55.84 11.82 37.66
C SER C 330 -55.44 12.34 36.28
N LEU C 331 -54.75 11.48 35.51
CA LEU C 331 -54.44 11.85 34.13
C LEU C 331 -55.68 11.91 33.27
N TRP C 332 -56.72 11.18 33.64
CA TRP C 332 -57.99 11.18 32.93
C TRP C 332 -58.81 12.44 33.19
N VAL C 333 -58.32 13.36 34.02
CA VAL C 333 -59.09 14.54 34.39
C VAL C 333 -58.67 15.78 33.61
N ILE C 334 -57.47 15.79 33.04
CA ILE C 334 -56.97 16.96 32.32
C ILE C 334 -57.55 17.00 30.91
N ASN C 335 -57.98 18.18 30.48
CA ASN C 335 -58.50 18.39 29.11
C ASN C 335 -57.58 19.37 28.38
N SER C 336 -56.60 18.83 27.67
CA SER C 336 -55.71 19.61 26.81
C SER C 336 -54.75 18.67 26.11
N ALA C 337 -54.12 19.16 25.04
CA ALA C 337 -53.03 18.45 24.39
C ALA C 337 -51.70 18.86 25.03
N LEU C 338 -50.75 17.94 25.03
CA LEU C 338 -49.47 18.19 25.67
C LEU C 338 -48.67 19.24 24.89
N ARG C 339 -48.08 20.17 25.64
CA ARG C 339 -47.32 21.28 25.08
C ARG C 339 -46.12 21.53 25.99
N ILE C 340 -44.97 21.83 25.40
CA ILE C 340 -43.72 21.95 26.16
C ILE C 340 -42.92 23.13 25.61
N LYS C 341 -42.26 23.87 26.51
CA LYS C 341 -41.42 25.00 26.13
C LYS C 341 -39.96 24.56 26.10
N ILE C 342 -39.23 25.03 25.09
CA ILE C 342 -37.80 24.77 24.96
C ILE C 342 -37.08 26.08 25.26
N LEU C 343 -36.47 26.19 26.44
CA LEU C 343 -35.96 27.50 26.86
C LEU C 343 -34.65 27.85 26.15
N CYS C 344 -33.55 27.21 26.54
CA CYS C 344 -32.24 27.57 26.01
C CYS C 344 -31.26 26.45 26.30
N ALA C 345 -30.05 26.59 25.74
CA ALA C 345 -28.96 25.64 25.92
C ALA C 345 -27.71 26.41 26.28
N THR C 346 -27.00 25.94 27.30
CA THR C 346 -25.82 26.66 27.80
C THR C 346 -24.82 26.92 26.67
N TYR C 347 -24.50 25.90 25.89
CA TYR C 347 -23.54 26.04 24.80
C TYR C 347 -23.69 24.90 23.81
N VAL C 348 -23.17 25.13 22.61
CA VAL C 348 -23.15 24.15 21.52
C VAL C 348 -21.82 24.28 20.81
N ASN C 349 -21.14 23.16 20.57
CA ASN C 349 -19.82 23.16 19.94
C ASN C 349 -19.94 23.05 18.42
N VAL C 350 -20.36 24.16 17.81
CA VAL C 350 -20.48 24.26 16.36
C VAL C 350 -19.40 25.19 15.84
N ASN C 351 -18.90 24.87 14.64
CA ASN C 351 -17.77 25.57 14.04
C ASN C 351 -18.16 26.89 13.36
N ILE C 352 -19.46 27.21 13.32
CA ILE C 352 -20.01 28.34 12.58
C ILE C 352 -19.75 28.12 11.09
N ARG C 353 -19.88 26.87 10.63
CA ARG C 353 -19.87 26.57 9.21
C ARG C 353 -21.28 26.31 8.68
N ASP C 354 -22.29 26.55 9.50
CA ASP C 354 -23.68 26.36 9.09
C ASP C 354 -24.54 27.61 9.36
N LYS C 357 -27.00 26.22 11.18
CA LYS C 357 -28.26 26.62 11.79
C LYS C 357 -28.85 25.43 12.53
N ILE C 358 -29.20 25.62 13.81
CA ILE C 358 -29.55 24.52 14.70
C ILE C 358 -31.01 24.65 15.13
N TYR C 359 -31.57 23.53 15.58
CA TYR C 359 -32.94 23.49 16.07
C TYR C 359 -33.13 22.28 16.97
N VAL C 360 -34.16 22.34 17.83
CA VAL C 360 -34.44 21.30 18.81
C VAL C 360 -35.63 20.49 18.30
N ARG C 361 -35.34 19.34 17.71
CA ARG C 361 -36.37 18.38 17.29
C ARG C 361 -36.82 17.55 18.48
N THR C 362 -38.13 17.54 18.74
CA THR C 362 -38.71 16.84 19.86
C THR C 362 -39.77 15.86 19.38
N GLY C 363 -40.25 15.02 20.31
CA GLY C 363 -41.26 14.01 20.01
C GLY C 363 -41.59 13.03 21.12
N ILE C 364 -42.86 12.69 21.27
CA ILE C 364 -43.31 11.78 22.32
C ILE C 364 -43.35 10.36 21.77
N TYR C 365 -42.77 9.42 22.53
CA TYR C 365 -42.57 8.04 22.11
C TYR C 365 -43.13 7.08 23.15
N HIS C 366 -43.61 5.95 22.66
CA HIS C 366 -43.98 4.79 23.47
C HIS C 366 -42.98 3.69 23.12
N GLY C 367 -41.77 3.82 23.65
CA GLY C 367 -40.69 2.92 23.30
C GLY C 367 -40.05 3.24 21.97
N GLY C 368 -40.10 2.31 21.03
CA GLY C 368 -39.50 2.48 19.73
C GLY C 368 -40.29 3.37 18.78
N GLU C 369 -41.64 3.19 18.76
CA GLU C 369 -42.48 3.92 17.82
C GLU C 369 -42.96 5.23 18.43
N PRO C 370 -43.10 6.27 17.61
CA PRO C 370 -43.60 7.56 18.15
C PRO C 370 -45.10 7.53 18.32
N LEU C 371 -45.56 8.17 19.40
CA LEU C 371 -46.98 8.23 19.68
C LEU C 371 -47.70 9.16 18.70
N CYS C 372 -47.18 10.37 18.53
CA CYS C 372 -47.76 11.37 17.65
C CYS C 372 -46.74 11.77 16.58
N ASP C 373 -47.01 12.88 15.91
CA ASP C 373 -46.09 13.42 14.91
C ASP C 373 -45.07 14.32 15.58
N ASN C 374 -43.80 14.14 15.22
CA ASN C 374 -42.74 14.91 15.85
C ASN C 374 -42.79 16.37 15.41
N VAL C 375 -42.74 17.27 16.39
CA VAL C 375 -42.74 18.70 16.11
C VAL C 375 -41.36 19.25 16.44
N ASN C 376 -40.97 20.31 15.73
CA ASN C 376 -39.62 20.85 15.80
C ASN C 376 -39.67 22.32 16.22
N THR C 377 -38.50 22.85 16.56
CA THR C 377 -38.35 24.28 16.78
C THR C 377 -37.89 24.95 15.48
N GLN C 378 -37.65 26.25 15.54
CA GLN C 378 -37.27 27.00 14.36
C GLN C 378 -35.76 27.14 14.25
N ARG C 379 -35.29 27.29 13.01
CA ARG C 379 -33.87 27.49 12.76
C ARG C 379 -33.38 28.80 13.38
N VAL C 380 -32.30 28.71 14.15
CA VAL C 380 -31.75 29.88 14.83
C VAL C 380 -30.28 30.03 14.44
N PRO C 381 -29.65 31.17 14.71
CA PRO C 381 -28.20 31.28 14.44
C PRO C 381 -27.42 30.23 15.22
N CYS C 382 -26.35 29.74 14.59
CA CYS C 382 -25.49 28.75 15.22
C CYS C 382 -24.92 29.28 16.54
N SER C 383 -24.60 30.59 16.59
CA SER C 383 -23.95 31.14 17.78
C SER C 383 -24.86 31.09 19.00
N ASN C 384 -26.12 31.52 18.86
CA ASN C 384 -27.02 31.59 20.01
C ASN C 384 -28.13 30.56 19.93
N PRO C 385 -28.11 29.52 20.75
CA PRO C 385 -29.18 28.53 20.72
C PRO C 385 -30.29 28.90 21.69
N ARG C 386 -31.31 29.63 21.22
CA ARG C 386 -32.43 30.00 22.06
C ARG C 386 -33.72 29.90 21.27
N TRP C 387 -34.74 29.31 21.88
CA TRP C 387 -36.02 29.16 21.21
C TRP C 387 -37.16 29.75 22.01
N ASN C 388 -37.30 29.36 23.29
CA ASN C 388 -38.35 29.89 24.15
C ASN C 388 -39.70 29.64 23.49
N GLU C 389 -39.82 28.48 22.87
CA GLU C 389 -40.91 28.13 21.97
C GLU C 389 -41.76 27.04 22.62
N TRP C 390 -43.08 27.28 22.68
CA TRP C 390 -44.06 26.32 23.18
C TRP C 390 -44.50 25.43 22.02
N LEU C 391 -43.96 24.22 21.96
CA LEU C 391 -44.38 23.25 20.94
C LEU C 391 -45.62 22.51 21.39
N ASN C 392 -46.59 22.37 20.49
CA ASN C 392 -47.81 21.61 20.71
C ASN C 392 -47.70 20.25 20.06
N TYR C 393 -48.28 19.25 20.70
CA TYR C 393 -48.26 17.88 20.22
C TYR C 393 -49.66 17.40 19.89
N ASP C 394 -49.76 16.60 18.83
CA ASP C 394 -51.04 16.16 18.28
C ASP C 394 -51.78 15.23 19.24
N ILE C 395 -51.09 14.65 20.22
CA ILE C 395 -51.69 13.66 21.10
C ILE C 395 -52.35 14.33 22.29
N TYR C 396 -53.41 13.69 22.80
CA TYR C 396 -54.22 14.19 23.89
C TYR C 396 -53.67 13.66 25.22
N ILE C 397 -53.77 14.49 26.26
CA ILE C 397 -53.11 14.22 27.55
C ILE C 397 -53.65 12.97 28.25
N PRO C 398 -54.97 12.78 28.42
CA PRO C 398 -55.44 11.53 29.03
C PRO C 398 -55.10 10.30 28.21
N ASP C 399 -54.91 10.44 26.90
CA ASP C 399 -54.56 9.35 26.02
C ASP C 399 -53.09 8.94 26.13
N LEU C 400 -52.37 9.42 27.15
CA LEU C 400 -50.96 9.08 27.30
C LEU C 400 -50.82 7.72 27.96
N PRO C 401 -50.04 6.81 27.39
CA PRO C 401 -49.78 5.53 28.05
C PRO C 401 -48.81 5.71 29.21
N ARG C 402 -48.70 4.65 30.01
CA ARG C 402 -47.82 4.69 31.16
C ARG C 402 -46.35 4.73 30.73
N ALA C 403 -46.03 4.16 29.57
CA ALA C 403 -44.67 4.11 29.05
C ALA C 403 -44.34 5.28 28.12
N ALA C 404 -45.06 6.39 28.24
CA ALA C 404 -44.83 7.54 27.38
C ALA C 404 -43.60 8.30 27.85
N ARG C 405 -42.84 8.83 26.88
CA ARG C 405 -41.60 9.52 27.21
C ARG C 405 -41.23 10.47 26.08
N LEU C 406 -40.36 11.43 26.40
CA LEU C 406 -40.00 12.52 25.51
C LEU C 406 -38.59 12.32 24.97
N CYS C 407 -38.47 12.16 23.65
CA CYS C 407 -37.18 12.13 22.96
C CYS C 407 -36.95 13.45 22.24
N LEU C 408 -35.81 14.08 22.47
CA LEU C 408 -35.47 15.33 21.82
C LEU C 408 -33.98 15.31 21.46
N SER C 409 -33.59 16.26 20.62
CA SER C 409 -32.22 16.32 20.12
C SER C 409 -32.01 17.66 19.42
N ILE C 410 -30.77 18.13 19.42
CA ILE C 410 -30.40 19.33 18.69
C ILE C 410 -29.76 18.92 17.37
N CYS C 411 -30.35 19.38 16.26
CA CYS C 411 -29.91 19.05 14.92
C CYS C 411 -29.47 20.30 14.17
N SER C 412 -28.73 20.08 13.08
CA SER C 412 -28.12 21.14 12.29
C SER C 412 -28.54 21.01 10.83
N VAL C 413 -28.04 21.93 10.01
CA VAL C 413 -28.23 21.91 8.56
C VAL C 413 -26.87 22.14 7.89
N LYS C 414 -26.53 21.24 6.96
CA LYS C 414 -25.20 21.17 6.34
C LYS C 414 -24.06 21.39 7.34
N LYS C 420 -31.91 23.58 5.35
CA LYS C 420 -32.65 22.98 4.24
C LYS C 420 -31.74 22.30 3.23
N GLU C 421 -30.57 21.85 3.68
CA GLU C 421 -29.65 21.16 2.78
C GLU C 421 -29.29 19.77 3.28
N GLU C 422 -28.68 19.69 4.46
CA GLU C 422 -28.18 18.42 5.00
C GLU C 422 -28.35 18.41 6.51
N HIS C 423 -29.30 17.62 7.00
CA HIS C 423 -29.55 17.55 8.44
C HIS C 423 -28.48 16.70 9.13
N CYS C 424 -28.38 16.87 10.45
CA CYS C 424 -27.35 16.17 11.22
C CYS C 424 -27.62 16.20 12.72
N PRO C 425 -27.38 15.11 13.44
CA PRO C 425 -27.54 15.12 14.90
C PRO C 425 -26.28 15.57 15.63
N LEU C 426 -26.51 16.18 16.79
CA LEU C 426 -25.41 16.71 17.59
C LEU C 426 -25.45 16.16 19.02
N ALA C 427 -26.54 16.44 19.75
CA ALA C 427 -26.70 16.00 21.12
C ALA C 427 -28.16 15.63 21.36
N TRP C 428 -28.39 14.45 21.92
CA TRP C 428 -29.73 13.90 22.12
C TRP C 428 -30.04 13.77 23.60
N GLY C 429 -31.33 13.58 23.90
CA GLY C 429 -31.80 13.39 25.26
C GLY C 429 -33.18 12.78 25.36
N ASN C 430 -33.40 11.92 26.35
CA ASN C 430 -34.69 11.30 26.62
C ASN C 430 -35.09 11.54 28.06
N ILE C 431 -36.40 11.64 28.29
CA ILE C 431 -36.95 11.91 29.62
C ILE C 431 -38.23 11.12 29.81
N ASN C 432 -38.38 10.47 30.97
CA ASN C 432 -39.63 9.82 31.32
C ASN C 432 -40.72 10.87 31.57
N LEU C 433 -41.83 10.77 30.84
CA LEU C 433 -42.93 11.71 31.03
C LEU C 433 -43.67 11.49 32.34
N PHE C 434 -43.46 10.35 33.01
CA PHE C 434 -44.03 10.09 34.32
C PHE C 434 -42.90 9.80 35.31
N ASP C 435 -43.22 9.91 36.60
CA ASP C 435 -42.32 9.53 37.67
C ASP C 435 -42.46 8.04 37.98
N TYR C 436 -41.54 7.55 38.81
CA TYR C 436 -41.75 6.25 39.44
C TYR C 436 -42.86 6.29 40.47
N THR C 437 -43.16 7.48 41.01
CA THR C 437 -44.25 7.66 41.97
C THR C 437 -45.62 7.64 41.30
N ASP C 438 -45.65 7.62 39.97
CA ASP C 438 -46.80 7.68 39.07
C ASP C 438 -47.11 9.14 38.80
N THR C 439 -46.38 10.06 39.44
CA THR C 439 -46.53 11.48 39.22
C THR C 439 -46.03 11.85 37.83
N LEU C 440 -46.60 12.91 37.26
CA LEU C 440 -46.22 13.40 35.95
C LEU C 440 -45.34 14.65 36.10
N VAL C 441 -44.30 14.74 35.26
CA VAL C 441 -43.36 15.84 35.36
C VAL C 441 -44.06 17.15 35.02
N SER C 442 -43.71 18.22 35.73
CA SER C 442 -44.36 19.50 35.50
C SER C 442 -43.43 20.62 35.94
N GLY C 443 -43.48 21.73 35.20
CA GLY C 443 -42.67 22.88 35.54
C GLY C 443 -41.35 22.90 34.78
N LYS C 444 -40.32 23.47 35.40
CA LYS C 444 -39.03 23.65 34.76
C LYS C 444 -38.13 22.45 35.04
N MET C 445 -37.25 22.14 34.07
CA MET C 445 -36.36 21.00 34.19
C MET C 445 -35.07 21.26 33.42
N ALA C 446 -33.98 20.68 33.90
CA ALA C 446 -32.67 20.75 33.28
C ALA C 446 -32.21 19.35 32.90
N LEU C 447 -31.85 19.17 31.63
CA LEU C 447 -31.44 17.89 31.06
C LEU C 447 -30.10 18.08 30.36
N ASN C 448 -29.06 17.42 30.85
CA ASN C 448 -27.79 17.38 30.15
C ASN C 448 -27.85 16.35 29.03
N LEU C 449 -27.47 16.77 27.82
CA LEU C 449 -27.62 15.93 26.64
C LEU C 449 -26.41 15.00 26.45
N TRP C 450 -26.63 13.94 25.67
CA TRP C 450 -25.66 12.90 25.34
C TRP C 450 -25.14 13.10 23.93
N PRO C 451 -23.94 12.59 23.63
CA PRO C 451 -23.41 12.68 22.26
C PRO C 451 -24.06 11.66 21.33
N VAL C 452 -23.72 11.79 20.04
CA VAL C 452 -24.24 10.90 19.01
C VAL C 452 -23.27 9.75 18.78
N PRO C 453 -23.73 8.51 18.82
CA PRO C 453 -22.85 7.38 18.50
C PRO C 453 -22.28 7.44 17.10
N HIS C 454 -21.21 6.66 16.89
CA HIS C 454 -20.48 6.56 15.62
C HIS C 454 -21.40 6.46 14.41
N GLY C 455 -22.16 5.39 14.32
CA GLY C 455 -23.02 5.19 13.17
C GLY C 455 -24.47 5.47 13.48
N LEU C 456 -24.75 6.68 13.96
CA LEU C 456 -26.11 7.12 14.25
C LEU C 456 -26.36 8.40 13.47
N GLU C 457 -27.21 8.30 12.44
CA GLU C 457 -27.54 9.45 11.60
C GLU C 457 -29.00 9.85 11.71
N ASP C 458 -29.75 9.24 12.64
CA ASP C 458 -31.13 9.60 12.85
C ASP C 458 -31.22 10.91 13.61
N LEU C 459 -32.26 11.69 13.33
CA LEU C 459 -32.39 13.00 13.94
C LEU C 459 -32.81 12.91 15.41
N LEU C 460 -33.38 11.79 15.83
CA LEU C 460 -33.69 11.51 17.23
C LEU C 460 -32.99 10.24 17.67
N ASN C 461 -33.10 9.94 18.97
CA ASN C 461 -32.55 8.70 19.55
C ASN C 461 -33.59 8.02 20.45
N PRO C 462 -34.46 7.20 19.89
CA PRO C 462 -35.37 6.43 20.73
C PRO C 462 -34.62 5.36 21.51
N ILE C 463 -33.92 4.48 20.79
CA ILE C 463 -33.12 3.41 21.39
C ILE C 463 -31.95 4.06 22.13
N GLY C 464 -32.22 4.65 23.28
CA GLY C 464 -31.19 5.33 24.04
C GLY C 464 -31.61 5.49 25.49
N VAL C 465 -30.60 5.56 26.37
CA VAL C 465 -30.88 5.59 27.79
C VAL C 465 -31.68 6.84 28.15
N THR C 466 -32.52 6.72 29.17
CA THR C 466 -33.36 7.80 29.67
C THR C 466 -32.72 8.41 30.91
N GLY C 467 -32.88 9.71 31.06
CA GLY C 467 -32.37 10.44 32.20
C GLY C 467 -31.34 11.47 31.80
N SER C 468 -31.01 12.32 32.78
CA SER C 468 -30.04 13.37 32.56
C SER C 468 -28.63 12.79 32.55
N ASN C 469 -27.75 13.47 31.83
CA ASN C 469 -26.35 13.06 31.83
C ASN C 469 -25.77 13.41 33.20
N PRO C 470 -25.17 12.45 33.91
CA PRO C 470 -24.50 12.80 35.17
C PRO C 470 -23.43 13.86 34.99
N ASN C 471 -22.72 13.86 33.86
CA ASN C 471 -21.75 14.90 33.56
C ASN C 471 -22.49 16.21 33.32
N LYS C 472 -22.41 17.13 34.28
CA LYS C 472 -23.07 18.42 34.12
C LYS C 472 -22.27 19.36 33.23
N GLU C 473 -21.09 18.93 32.79
CA GLU C 473 -20.21 19.74 31.97
C GLU C 473 -20.34 19.35 30.50
N THR C 474 -21.58 19.39 30.02
CA THR C 474 -21.90 19.04 28.64
C THR C 474 -22.99 19.97 28.17
N PRO C 475 -23.29 20.01 26.84
CA PRO C 475 -24.43 20.80 26.39
C PRO C 475 -25.61 20.53 27.30
N CYS C 476 -26.12 21.57 27.95
CA CYS C 476 -27.10 21.44 29.01
C CYS C 476 -28.38 22.18 28.60
N LEU C 477 -29.38 21.41 28.19
CA LEU C 477 -30.66 21.95 27.75
C LEU C 477 -31.60 22.12 28.94
N GLU C 478 -32.49 23.09 28.82
CA GLU C 478 -33.51 23.37 29.82
C GLU C 478 -34.85 23.59 29.15
N LEU C 479 -35.91 23.14 29.82
CA LEU C 479 -37.23 23.19 29.21
C LEU C 479 -38.28 23.32 30.31
N GLU C 480 -39.53 23.53 29.87
CA GLU C 480 -40.62 23.86 30.79
C GLU C 480 -41.88 23.10 30.39
N PHE C 481 -42.25 22.12 31.21
CA PHE C 481 -43.47 21.35 31.02
C PHE C 481 -44.69 22.09 31.56
N ASP C 482 -45.86 21.56 31.21
CA ASP C 482 -47.13 22.14 31.66
C ASP C 482 -47.33 21.88 33.15
N TRP C 483 -47.55 22.95 33.91
CA TRP C 483 -47.98 22.84 35.30
C TRP C 483 -49.47 23.12 35.37
N PHE C 484 -50.22 22.14 35.84
CA PHE C 484 -51.67 22.25 35.97
C PHE C 484 -52.04 22.57 37.42
N SER C 485 -53.33 22.81 37.63
CA SER C 485 -53.83 23.27 38.94
C SER C 485 -53.32 22.39 40.08
N SER C 486 -53.32 21.08 39.89
CA SER C 486 -52.90 20.19 40.96
C SER C 486 -51.75 19.30 40.52
N VAL C 487 -51.53 18.19 41.24
CA VAL C 487 -50.46 17.25 40.97
C VAL C 487 -51.04 16.08 40.20
N VAL C 488 -50.59 15.89 38.97
CA VAL C 488 -51.15 14.85 38.11
C VAL C 488 -50.63 13.50 38.56
N LYS C 489 -51.46 12.46 38.38
CA LYS C 489 -51.04 11.11 38.71
C LYS C 489 -51.74 10.14 37.75
N PHE C 490 -51.07 9.02 37.50
CA PHE C 490 -51.67 7.97 36.67
C PHE C 490 -52.66 7.18 37.51
N PRO C 491 -53.87 6.92 37.02
CA PRO C 491 -54.91 6.35 37.88
C PRO C 491 -54.62 4.91 38.25
N ASP C 492 -55.07 4.53 39.44
CA ASP C 492 -54.94 3.14 39.88
C ASP C 492 -55.72 2.21 38.95
N MET C 493 -55.34 0.93 38.97
CA MET C 493 -55.82 0.00 37.96
C MET C 493 -57.35 -0.12 37.95
N SER C 494 -57.99 0.03 39.12
CA SER C 494 -59.44 -0.06 39.17
C SER C 494 -60.12 1.01 38.32
N VAL C 495 -59.52 2.20 38.24
CA VAL C 495 -60.08 3.26 37.40
C VAL C 495 -59.98 2.86 35.92
N ILE C 496 -58.86 2.23 35.55
CA ILE C 496 -58.67 1.79 34.17
C ILE C 496 -59.66 0.69 33.83
N GLU C 497 -59.98 -0.17 34.80
CA GLU C 497 -60.98 -1.21 34.56
C GLU C 497 -62.39 -0.62 34.48
N GLU C 498 -62.72 0.31 35.37
CA GLU C 498 -64.01 0.99 35.30
C GLU C 498 -64.21 1.63 33.94
N HIS C 499 -63.19 2.35 33.45
CA HIS C 499 -63.26 2.91 32.11
C HIS C 499 -63.39 1.83 31.03
N ALA C 500 -62.57 0.79 31.10
CA ALA C 500 -62.49 -0.20 30.04
C ALA C 500 -63.84 -0.82 29.71
N ASN C 501 -64.63 -1.14 30.74
CA ASN C 501 -65.90 -1.81 30.49
C ASN C 501 -66.90 -0.86 29.81
N TRP C 502 -66.57 -0.45 28.58
CA TRP C 502 -67.44 0.34 27.71
C TRP C 502 -67.92 1.61 28.41
N ARG C 528 -66.94 -11.90 13.80
CA ARG C 528 -66.68 -13.15 14.50
C ARG C 528 -66.80 -14.33 13.55
N GLU C 529 -65.95 -14.34 12.53
CA GLU C 529 -66.04 -15.28 11.42
C GLU C 529 -65.31 -16.59 11.76
N ASN C 530 -65.16 -17.43 10.73
CA ASN C 530 -64.20 -18.52 10.79
C ASN C 530 -62.92 -18.10 10.06
N ASP C 531 -62.20 -17.20 10.73
CA ASP C 531 -60.88 -16.74 10.33
C ASP C 531 -59.80 -17.27 11.26
N LYS C 532 -60.00 -18.47 11.81
CA LYS C 532 -59.06 -18.98 12.79
C LYS C 532 -57.77 -19.45 12.14
N GLU C 533 -57.85 -19.91 10.89
CA GLU C 533 -56.64 -20.27 10.14
C GLU C 533 -55.65 -19.11 10.10
N GLN C 534 -56.15 -17.88 9.94
CA GLN C 534 -55.23 -16.74 9.87
C GLN C 534 -54.65 -16.43 11.25
N LEU C 535 -55.51 -16.33 12.27
CA LEU C 535 -55.01 -16.10 13.63
C LEU C 535 -53.97 -17.13 14.05
N LYS C 536 -54.09 -18.36 13.57
CA LYS C 536 -53.12 -19.39 13.89
C LYS C 536 -51.87 -19.31 13.03
N ALA C 537 -52.00 -18.89 11.77
CA ALA C 537 -50.83 -18.75 10.91
C ALA C 537 -49.96 -17.57 11.33
N ILE C 538 -50.55 -16.50 11.84
CA ILE C 538 -49.77 -15.33 12.24
C ILE C 538 -49.17 -15.48 13.63
N SER C 539 -49.73 -16.32 14.50
CA SER C 539 -49.08 -16.58 15.77
C SER C 539 -47.82 -17.42 15.61
N THR C 540 -47.56 -17.93 14.41
CA THR C 540 -46.36 -18.69 14.12
C THR C 540 -45.31 -17.92 13.33
N ARG C 541 -45.65 -16.74 12.82
CA ARG C 541 -44.66 -15.94 12.13
C ARG C 541 -43.76 -15.26 13.14
N ASP C 542 -42.47 -15.18 12.82
CA ASP C 542 -41.48 -14.71 13.77
C ASP C 542 -41.77 -13.27 14.17
N PRO C 543 -41.26 -12.84 15.34
CA PRO C 543 -41.55 -11.47 15.80
C PRO C 543 -41.24 -10.39 14.79
N LEU C 544 -40.16 -10.55 14.02
CA LEU C 544 -39.75 -9.55 13.05
C LEU C 544 -40.47 -9.69 11.71
N SER C 545 -41.43 -10.59 11.60
CA SER C 545 -42.22 -10.71 10.38
C SER C 545 -43.19 -9.54 10.29
N GLU C 546 -43.33 -8.99 9.10
CA GLU C 546 -44.13 -7.78 8.90
C GLU C 546 -45.55 -7.97 9.43
N ILE C 547 -46.07 -6.92 10.06
CA ILE C 547 -47.41 -6.91 10.63
C ILE C 547 -48.19 -5.84 9.87
N THR C 548 -48.95 -6.25 8.86
CA THR C 548 -49.66 -5.30 8.02
C THR C 548 -50.89 -4.74 8.73
N GLU C 549 -51.25 -3.50 8.39
CA GLU C 549 -52.43 -2.87 8.98
C GLU C 549 -53.70 -3.64 8.65
N GLN C 550 -53.74 -4.28 7.47
CA GLN C 550 -54.78 -5.24 7.20
C GLN C 550 -54.88 -6.21 8.37
N GLU C 551 -53.77 -6.88 8.67
CA GLU C 551 -53.71 -7.83 9.76
C GLU C 551 -53.72 -7.13 11.11
N LYS C 552 -53.17 -5.92 11.21
CA LYS C 552 -53.18 -5.22 12.50
C LYS C 552 -54.61 -4.96 12.97
N ASP C 553 -55.45 -4.38 12.11
CA ASP C 553 -56.83 -4.13 12.51
C ASP C 553 -57.64 -5.41 12.55
N PHE C 554 -57.30 -6.40 11.71
CA PHE C 554 -57.96 -7.69 11.78
C PHE C 554 -57.67 -8.39 13.11
N LEU C 555 -56.47 -8.21 13.66
CA LEU C 555 -56.14 -8.76 14.97
C LEU C 555 -56.80 -7.96 16.09
N TRP C 556 -56.65 -6.63 16.05
CA TRP C 556 -57.24 -5.77 17.07
C TRP C 556 -58.75 -5.98 17.18
N SER C 557 -59.43 -6.31 16.07
CA SER C 557 -60.86 -6.58 16.13
C SER C 557 -61.15 -7.88 16.87
N HIS C 558 -60.62 -8.99 16.36
CA HIS C 558 -60.84 -10.29 16.97
C HIS C 558 -59.88 -10.55 18.14
N ARG C 559 -59.85 -9.64 19.10
CA ARG C 559 -58.90 -9.71 20.22
C ARG C 559 -59.39 -10.58 21.38
N HIS C 560 -60.67 -10.49 21.74
CA HIS C 560 -61.18 -11.28 22.86
C HIS C 560 -61.24 -12.77 22.57
N TYR C 561 -61.11 -13.17 21.30
CA TYR C 561 -60.98 -14.59 20.97
C TYR C 561 -59.54 -15.06 21.12
N CYS C 562 -58.57 -14.18 20.78
CA CYS C 562 -57.15 -14.51 20.84
C CYS C 562 -56.75 -15.19 22.14
N VAL C 563 -57.44 -14.90 23.25
CA VAL C 563 -57.14 -15.52 24.54
C VAL C 563 -57.02 -17.04 24.39
N THR C 564 -57.83 -17.63 23.50
CA THR C 564 -57.75 -19.06 23.26
C THR C 564 -56.39 -19.48 22.72
N ILE C 565 -55.81 -18.67 21.84
CA ILE C 565 -54.47 -18.93 21.28
C ILE C 565 -53.48 -17.98 21.95
N PRO C 566 -52.90 -18.36 23.08
CA PRO C 566 -52.13 -17.38 23.86
C PRO C 566 -50.82 -16.98 23.22
N GLU C 567 -50.20 -17.87 22.43
CA GLU C 567 -48.91 -17.59 21.82
C GLU C 567 -48.94 -16.39 20.88
N ILE C 568 -50.13 -15.92 20.48
CA ILE C 568 -50.25 -14.75 19.62
C ILE C 568 -50.27 -13.45 20.41
N LEU C 569 -50.24 -13.51 21.75
CA LEU C 569 -50.26 -12.30 22.57
C LEU C 569 -49.21 -11.27 22.17
N PRO C 570 -47.95 -11.64 21.84
CA PRO C 570 -47.00 -10.63 21.33
C PRO C 570 -47.55 -9.86 20.13
N LYS C 571 -47.87 -10.59 19.06
CA LYS C 571 -48.36 -9.96 17.83
C LYS C 571 -49.52 -9.03 18.13
N LEU C 572 -50.52 -9.52 18.87
CA LEU C 572 -51.67 -8.70 19.24
C LEU C 572 -51.25 -7.37 19.85
N LEU C 573 -50.26 -7.41 20.75
CA LEU C 573 -49.84 -6.19 21.43
C LEU C 573 -49.24 -5.18 20.45
N LEU C 574 -48.57 -5.64 19.40
CA LEU C 574 -48.02 -4.72 18.42
C LEU C 574 -49.10 -4.11 17.53
N SER C 575 -50.28 -4.73 17.48
CA SER C 575 -51.39 -4.26 16.67
C SER C 575 -52.35 -3.38 17.45
N VAL C 576 -51.93 -2.87 18.60
CA VAL C 576 -52.74 -1.94 19.39
C VAL C 576 -52.30 -0.52 19.05
N LYS C 577 -53.23 0.42 19.10
CA LYS C 577 -52.95 1.83 18.89
C LYS C 577 -52.73 2.44 20.27
N TRP C 578 -51.45 2.63 20.63
CA TRP C 578 -51.08 2.95 21.99
C TRP C 578 -51.41 4.39 22.38
N ASN C 579 -51.64 5.26 21.41
CA ASN C 579 -52.08 6.63 21.68
C ASN C 579 -53.59 6.70 21.88
N SER C 580 -54.15 5.72 22.60
CA SER C 580 -55.59 5.62 22.81
C SER C 580 -55.84 5.11 24.22
N ARG C 581 -56.29 5.99 25.11
CA ARG C 581 -56.72 5.56 26.44
C ARG C 581 -57.65 4.35 26.38
N ASP C 582 -58.54 4.32 25.38
CA ASP C 582 -59.51 3.24 25.23
C ASP C 582 -58.82 1.91 24.89
N GLU C 583 -58.10 1.87 23.76
CA GLU C 583 -57.48 0.63 23.33
C GLU C 583 -56.45 0.14 24.36
N VAL C 584 -55.73 1.08 24.97
CA VAL C 584 -54.74 0.72 25.99
C VAL C 584 -55.43 0.09 27.20
N ALA C 585 -56.52 0.69 27.67
CA ALA C 585 -57.25 0.11 28.81
C ALA C 585 -57.79 -1.27 28.47
N GLN C 586 -58.32 -1.43 27.26
CA GLN C 586 -58.81 -2.74 26.82
C GLN C 586 -57.70 -3.79 26.86
N MET C 587 -56.55 -3.44 26.27
CA MET C 587 -55.44 -4.39 26.25
C MET C 587 -54.97 -4.69 27.67
N TYR C 588 -54.98 -3.68 28.55
CA TYR C 588 -54.69 -3.90 29.97
C TYR C 588 -55.58 -4.99 30.54
N CYS C 589 -56.89 -4.88 30.29
CA CYS C 589 -57.81 -5.84 30.88
C CYS C 589 -57.65 -7.22 30.28
N LEU C 590 -57.33 -7.31 28.99
CA LEU C 590 -57.05 -8.63 28.40
C LEU C 590 -55.79 -9.25 28.98
N VAL C 591 -54.73 -8.44 29.13
CA VAL C 591 -53.46 -8.95 29.67
C VAL C 591 -53.62 -9.43 31.10
N LYS C 592 -54.27 -8.62 31.95
CA LYS C 592 -54.42 -8.97 33.35
C LYS C 592 -54.95 -10.39 33.50
N ASP C 593 -56.00 -10.72 32.77
CA ASP C 593 -56.55 -12.08 32.77
C ASP C 593 -55.98 -12.90 31.60
N TRP C 594 -54.66 -12.88 31.44
CA TRP C 594 -54.23 -13.66 30.29
C TRP C 594 -53.60 -14.98 30.73
N PRO C 595 -53.83 -16.04 29.98
CA PRO C 595 -53.24 -17.35 30.32
C PRO C 595 -51.73 -17.31 30.26
N PRO C 596 -51.06 -17.82 31.30
CA PRO C 596 -49.60 -17.92 31.28
C PRO C 596 -49.07 -18.67 30.06
N ILE C 597 -48.07 -18.07 29.40
CA ILE C 597 -47.44 -18.66 28.22
C ILE C 597 -46.04 -19.16 28.61
N LYS C 598 -45.45 -19.96 27.71
CA LYS C 598 -44.12 -20.51 27.95
C LYS C 598 -43.09 -19.40 28.15
N PRO C 599 -42.06 -19.63 28.99
CA PRO C 599 -41.09 -18.56 29.24
C PRO C 599 -40.33 -18.11 28.01
N GLU C 600 -40.00 -19.04 27.11
CA GLU C 600 -39.25 -18.67 25.91
C GLU C 600 -40.02 -17.67 25.05
N GLN C 601 -41.35 -17.75 25.04
CA GLN C 601 -42.15 -16.74 24.35
C GLN C 601 -42.40 -15.52 25.25
N ALA C 602 -42.46 -15.70 26.56
CA ALA C 602 -42.71 -14.58 27.45
C ALA C 602 -41.54 -13.61 27.53
N MET C 603 -40.30 -14.10 27.27
CA MET C 603 -39.14 -13.20 27.26
C MET C 603 -39.28 -12.11 26.21
N GLU C 604 -39.88 -12.43 25.05
CA GLU C 604 -40.04 -11.45 23.97
C GLU C 604 -40.64 -10.14 24.47
N LEU C 605 -41.62 -10.21 25.37
CA LEU C 605 -42.33 -9.03 25.85
C LEU C 605 -41.47 -8.11 26.71
N LEU C 606 -40.18 -8.39 26.87
CA LEU C 606 -39.30 -7.54 27.64
C LEU C 606 -38.31 -6.75 26.81
N ASP C 607 -38.27 -6.96 25.49
CA ASP C 607 -37.37 -6.19 24.63
C ASP C 607 -37.95 -4.79 24.39
N CYS C 608 -37.37 -4.08 23.42
CA CYS C 608 -37.73 -2.69 23.21
C CYS C 608 -39.13 -2.55 22.59
N ASN C 609 -39.59 -3.58 21.87
CA ASN C 609 -40.87 -3.47 21.16
C ASN C 609 -42.06 -3.37 22.11
N TYR C 610 -41.87 -3.71 23.38
CA TYR C 610 -42.97 -3.74 24.35
C TYR C 610 -42.51 -3.01 25.61
N PRO C 611 -42.66 -1.69 25.65
CA PRO C 611 -42.23 -0.91 26.82
C PRO C 611 -43.32 -0.66 27.84
N ASP C 612 -44.55 -1.08 27.58
CA ASP C 612 -45.63 -0.84 28.53
C ASP C 612 -45.36 -1.63 29.81
N PRO C 613 -45.50 -1.01 30.99
CA PRO C 613 -45.10 -1.71 32.22
C PRO C 613 -45.94 -2.93 32.58
N MET C 614 -47.27 -2.85 32.42
CA MET C 614 -48.11 -3.99 32.80
C MET C 614 -47.83 -5.21 31.95
N VAL C 615 -47.48 -5.00 30.68
CA VAL C 615 -47.09 -6.12 29.82
C VAL C 615 -45.86 -6.81 30.39
N ARG C 616 -44.89 -6.01 30.81
CA ARG C 616 -43.68 -6.55 31.42
C ARG C 616 -44.00 -7.26 32.72
N GLY C 617 -44.96 -6.75 33.50
CA GLY C 617 -45.40 -7.45 34.68
C GLY C 617 -45.94 -8.84 34.37
N PHE C 618 -46.75 -8.95 33.31
CA PHE C 618 -47.23 -10.26 32.88
C PHE C 618 -46.05 -11.18 32.54
N ALA C 619 -45.09 -10.68 31.75
CA ALA C 619 -43.92 -11.48 31.41
C ALA C 619 -43.16 -11.93 32.65
N VAL C 620 -43.02 -11.03 33.63
CA VAL C 620 -42.29 -11.34 34.85
C VAL C 620 -42.99 -12.46 35.61
N ARG C 621 -44.32 -12.37 35.74
CA ARG C 621 -45.06 -13.43 36.43
C ARG C 621 -44.96 -14.76 35.66
N CYS C 622 -45.01 -14.70 34.33
CA CYS C 622 -44.80 -15.89 33.51
C CYS C 622 -43.48 -16.56 33.84
N LEU C 623 -42.40 -15.78 33.91
CA LEU C 623 -41.10 -16.35 34.25
C LEU C 623 -41.08 -16.87 35.69
N GLU C 624 -41.70 -16.14 36.61
CA GLU C 624 -41.75 -16.57 38.01
C GLU C 624 -42.42 -17.93 38.15
N LYS C 625 -43.39 -18.23 37.29
CA LYS C 625 -44.10 -19.50 37.44
C LYS C 625 -43.48 -20.63 36.61
N TYR C 626 -43.09 -20.35 35.36
CA TYR C 626 -42.72 -21.42 34.43
C TYR C 626 -41.21 -21.57 34.23
N LEU C 627 -40.40 -20.57 34.62
CA LEU C 627 -38.97 -20.62 34.36
C LEU C 627 -38.24 -21.45 35.41
N THR C 628 -37.42 -22.39 34.96
CA THR C 628 -36.59 -23.18 35.86
C THR C 628 -35.30 -22.43 36.18
N ASP C 629 -34.73 -22.71 37.36
CA ASP C 629 -33.43 -22.14 37.69
C ASP C 629 -32.40 -22.46 36.60
N ASP C 630 -32.42 -23.69 36.09
CA ASP C 630 -31.58 -24.07 34.97
C ASP C 630 -31.73 -23.11 33.80
N LYS C 631 -32.97 -22.90 33.36
CA LYS C 631 -33.20 -22.03 32.20
C LYS C 631 -32.88 -20.58 32.53
N LEU C 632 -33.14 -20.17 33.78
CA LEU C 632 -32.75 -18.83 34.24
C LEU C 632 -31.24 -18.62 34.09
N SER C 633 -30.44 -19.62 34.45
CA SER C 633 -29.00 -19.53 34.18
C SER C 633 -28.72 -19.49 32.68
N GLN C 634 -29.43 -20.32 31.92
CA GLN C 634 -29.14 -20.41 30.48
C GLN C 634 -29.35 -19.06 29.79
N TYR C 635 -30.41 -18.35 30.15
CA TYR C 635 -30.77 -17.09 29.51
C TYR C 635 -30.45 -15.89 30.39
N LEU C 636 -29.50 -16.03 31.32
CA LEU C 636 -29.21 -14.95 32.24
C LEU C 636 -28.65 -13.73 31.53
N ILE C 637 -27.85 -13.94 30.48
CA ILE C 637 -27.24 -12.84 29.74
C ILE C 637 -28.30 -11.87 29.22
N GLN C 638 -29.30 -12.39 28.52
CA GLN C 638 -30.37 -11.54 27.98
C GLN C 638 -31.18 -10.90 29.11
N LEU C 639 -31.50 -11.67 30.14
CA LEU C 639 -32.31 -11.14 31.24
C LEU C 639 -31.61 -9.97 31.93
N VAL C 640 -30.29 -10.06 32.10
CA VAL C 640 -29.55 -8.95 32.69
C VAL C 640 -29.50 -7.77 31.72
N GLN C 641 -29.17 -8.04 30.45
CA GLN C 641 -29.11 -6.95 29.46
C GLN C 641 -30.44 -6.21 29.35
N VAL C 642 -31.55 -6.90 29.60
CA VAL C 642 -32.88 -6.32 29.45
C VAL C 642 -33.22 -5.39 30.61
N LEU C 643 -32.50 -5.49 31.74
CA LEU C 643 -32.74 -4.59 32.85
C LEU C 643 -32.60 -3.13 32.43
N LYS C 644 -31.77 -2.86 31.42
CA LYS C 644 -31.55 -1.49 30.96
C LYS C 644 -32.82 -0.88 30.39
N TYR C 645 -33.59 -1.66 29.63
CA TYR C 645 -34.78 -1.12 28.97
C TYR C 645 -35.84 -0.68 29.97
N GLU C 646 -35.87 -1.28 31.15
CA GLU C 646 -36.92 -0.98 32.11
C GLU C 646 -36.87 0.49 32.51
N GLN C 647 -38.05 1.08 32.66
CA GLN C 647 -38.13 2.53 32.84
C GLN C 647 -37.50 2.99 34.15
N TYR C 648 -37.80 2.29 35.25
CA TYR C 648 -37.47 2.76 36.59
C TYR C 648 -36.54 1.78 37.29
N LEU C 649 -35.87 2.28 38.34
CA LEU C 649 -34.94 1.46 39.11
C LEU C 649 -35.64 0.28 39.75
N ASP C 650 -36.66 0.54 40.56
CA ASP C 650 -37.41 -0.51 41.24
C ASP C 650 -38.54 -0.99 40.32
N ASN C 651 -38.53 -2.28 40.00
CA ASN C 651 -39.55 -2.88 39.15
C ASN C 651 -39.58 -4.37 39.45
N LEU C 652 -40.48 -5.07 38.78
CA LEU C 652 -40.67 -6.49 39.09
C LEU C 652 -39.53 -7.34 38.56
N LEU C 653 -38.89 -6.92 37.46
CA LEU C 653 -37.86 -7.73 36.85
C LEU C 653 -36.60 -7.76 37.72
N VAL C 654 -36.15 -6.59 38.19
CA VAL C 654 -34.98 -6.55 39.06
C VAL C 654 -35.25 -7.30 40.36
N ARG C 655 -36.44 -7.14 40.92
CA ARG C 655 -36.76 -7.85 42.16
C ARG C 655 -36.72 -9.35 41.95
N PHE C 656 -37.33 -9.85 40.87
CA PHE C 656 -37.29 -11.27 40.57
C PHE C 656 -35.87 -11.78 40.41
N LEU C 657 -35.08 -11.09 39.59
CA LEU C 657 -33.72 -11.54 39.31
C LEU C 657 -32.86 -11.49 40.57
N LEU C 658 -32.95 -10.42 41.35
CA LEU C 658 -32.17 -10.31 42.59
C LEU C 658 -32.57 -11.38 43.59
N LYS C 659 -33.86 -11.66 43.73
CA LYS C 659 -34.29 -12.73 44.62
C LYS C 659 -33.71 -14.07 44.19
N LYS C 660 -33.79 -14.37 42.89
CA LYS C 660 -33.24 -15.64 42.41
C LYS C 660 -31.71 -15.68 42.53
N ALA C 661 -31.05 -14.52 42.48
CA ALA C 661 -29.60 -14.48 42.66
C ALA C 661 -29.22 -14.63 44.13
N LEU C 662 -30.03 -14.13 45.04
CA LEU C 662 -29.80 -14.28 46.47
C LEU C 662 -30.36 -15.58 47.01
N THR C 663 -31.05 -16.36 46.17
CA THR C 663 -31.54 -17.69 46.51
C THR C 663 -30.68 -18.80 45.89
N ASN C 664 -29.96 -18.51 44.81
CA ASN C 664 -29.13 -19.51 44.12
C ASN C 664 -27.80 -18.85 43.81
N GLN C 665 -26.73 -19.35 44.45
CA GLN C 665 -25.40 -18.77 44.22
C GLN C 665 -24.85 -19.11 42.84
N ARG C 666 -25.27 -20.23 42.25
CA ARG C 666 -24.80 -20.52 40.90
C ARG C 666 -25.38 -19.52 39.90
N ILE C 667 -26.57 -19.00 40.19
CA ILE C 667 -27.06 -17.83 39.46
C ILE C 667 -26.33 -16.57 39.93
N GLY C 668 -26.32 -16.33 41.25
CA GLY C 668 -25.77 -15.10 41.80
C GLY C 668 -24.37 -14.76 41.32
N HIS C 669 -23.52 -15.78 41.17
CA HIS C 669 -22.15 -15.54 40.70
C HIS C 669 -22.15 -14.86 39.34
N PHE C 670 -22.83 -15.45 38.36
CA PHE C 670 -22.84 -14.88 37.02
C PHE C 670 -23.69 -13.62 36.95
N PHE C 671 -24.76 -13.52 37.75
CA PHE C 671 -25.47 -12.26 37.91
C PHE C 671 -24.50 -11.12 38.28
N PHE C 672 -23.73 -11.35 39.34
CA PHE C 672 -22.72 -10.40 39.79
C PHE C 672 -21.75 -10.05 38.68
N TRP C 673 -21.16 -11.05 38.04
CA TRP C 673 -20.13 -10.77 37.05
C TRP C 673 -20.69 -10.05 35.83
N HIS C 674 -21.87 -10.46 35.36
CA HIS C 674 -22.50 -9.78 34.23
C HIS C 674 -22.75 -8.31 34.55
N LEU C 675 -23.14 -8.02 35.79
CA LEU C 675 -23.34 -6.61 36.16
C LEU C 675 -22.01 -5.88 36.29
N LYS C 676 -21.02 -6.49 36.94
CA LYS C 676 -19.75 -5.82 37.19
C LYS C 676 -19.01 -5.51 35.89
N SER C 677 -19.09 -6.40 34.90
CA SER C 677 -18.38 -6.21 33.64
C SER C 677 -18.87 -4.99 32.85
N GLU C 678 -19.87 -4.29 33.37
CA GLU C 678 -20.39 -3.09 32.72
C GLU C 678 -20.31 -1.86 33.61
N MET C 679 -19.53 -1.92 34.70
CA MET C 679 -19.38 -0.75 35.56
C MET C 679 -18.50 0.32 34.94
N HIS C 680 -17.81 0.01 33.84
CA HIS C 680 -17.05 1.04 33.13
C HIS C 680 -17.96 2.05 32.44
N ASN C 681 -19.16 1.62 32.03
CA ASN C 681 -20.08 2.45 31.27
C ASN C 681 -20.89 3.35 32.20
N LYS C 682 -20.82 4.65 31.97
CA LYS C 682 -21.54 5.60 32.83
C LYS C 682 -23.05 5.52 32.63
N THR C 683 -23.50 5.20 31.41
CA THR C 683 -24.94 5.16 31.15
C THR C 683 -25.64 4.12 32.02
N VAL C 684 -24.91 3.07 32.40
CA VAL C 684 -25.47 2.02 33.23
C VAL C 684 -24.86 2.00 34.62
N SER C 685 -23.64 2.53 34.78
CA SER C 685 -22.87 2.59 36.02
C SER C 685 -23.73 2.70 37.27
N GLN C 686 -24.61 3.69 37.33
CA GLN C 686 -25.37 3.93 38.55
C GLN C 686 -26.36 2.80 38.83
N ARG C 687 -27.20 2.47 37.84
CA ARG C 687 -28.16 1.38 38.01
C ARG C 687 -27.47 0.08 38.42
N PHE C 688 -26.49 -0.34 37.61
CA PHE C 688 -25.82 -1.60 37.90
C PHE C 688 -25.05 -1.54 39.21
N GLY C 689 -24.50 -0.38 39.58
CA GLY C 689 -23.81 -0.27 40.84
C GLY C 689 -24.73 -0.40 42.04
N LEU C 690 -25.90 0.24 41.98
CA LEU C 690 -26.88 0.07 43.05
C LEU C 690 -27.35 -1.37 43.14
N LEU C 691 -27.56 -2.02 41.99
CA LEU C 691 -27.99 -3.42 41.99
C LEU C 691 -26.90 -4.31 42.59
N LEU C 692 -25.65 -4.11 42.18
CA LEU C 692 -24.52 -4.83 42.74
C LEU C 692 -24.40 -4.57 44.23
N GLU C 693 -24.64 -3.33 44.67
CA GLU C 693 -24.58 -3.00 46.09
C GLU C 693 -25.60 -3.81 46.88
N SER C 694 -26.85 -3.87 46.41
CA SER C 694 -27.87 -4.67 47.09
C SER C 694 -27.46 -6.14 47.14
N TYR C 695 -27.10 -6.70 45.99
CA TYR C 695 -26.72 -8.11 45.94
C TYR C 695 -25.56 -8.40 46.89
N CYS C 696 -24.47 -7.64 46.77
CA CYS C 696 -23.32 -7.85 47.63
C CYS C 696 -23.66 -7.62 49.11
N ARG C 697 -24.64 -6.76 49.39
CA ARG C 697 -25.03 -6.56 50.77
C ARG C 697 -25.90 -7.67 51.32
N ALA C 698 -26.32 -8.62 50.48
CA ALA C 698 -27.20 -9.65 50.98
C ALA C 698 -26.71 -11.07 50.74
N CYS C 699 -25.94 -11.31 49.68
CA CYS C 699 -25.47 -12.64 49.34
C CYS C 699 -24.71 -13.32 50.49
N GLY C 700 -24.21 -12.57 51.45
CA GLY C 700 -23.60 -13.18 52.62
C GLY C 700 -22.11 -13.46 52.40
N MET C 701 -21.72 -14.72 52.59
CA MET C 701 -20.31 -15.10 52.57
C MET C 701 -19.73 -15.27 51.18
N TYR C 702 -20.55 -15.29 50.13
CA TYR C 702 -19.97 -15.34 48.79
C TYR C 702 -19.28 -14.04 48.44
N LEU C 703 -19.72 -12.92 49.05
CA LEU C 703 -19.08 -11.62 48.89
C LEU C 703 -17.56 -11.71 48.96
N LYS C 704 -17.06 -12.42 49.97
CA LYS C 704 -15.62 -12.53 50.18
C LYS C 704 -14.93 -13.33 49.07
N HIS C 705 -15.54 -14.43 48.63
CA HIS C 705 -14.97 -15.19 47.51
C HIS C 705 -14.95 -14.35 46.24
N LEU C 706 -16.03 -13.61 45.99
CA LEU C 706 -16.05 -12.67 44.87
C LEU C 706 -14.95 -11.63 45.00
N ASN C 707 -14.74 -11.09 46.20
CA ASN C 707 -13.65 -10.15 46.41
C ASN C 707 -12.30 -10.77 46.04
N ARG C 708 -12.06 -12.01 46.47
CA ARG C 708 -10.83 -12.69 46.08
C ARG C 708 -10.72 -12.80 44.57
N GLN C 709 -11.83 -13.16 43.91
CA GLN C 709 -11.83 -13.24 42.45
C GLN C 709 -11.48 -11.89 41.83
N VAL C 710 -12.13 -10.82 42.31
CA VAL C 710 -11.86 -9.48 41.80
C VAL C 710 -10.38 -9.15 41.95
N GLU C 711 -9.89 -9.17 43.20
CA GLU C 711 -8.47 -8.94 43.50
C GLU C 711 -7.55 -9.64 42.50
N ALA C 712 -7.81 -10.92 42.24
CA ALA C 712 -6.99 -11.67 41.28
C ALA C 712 -7.13 -11.09 39.87
N MET C 713 -8.36 -10.79 39.45
CA MET C 713 -8.58 -10.24 38.11
C MET C 713 -7.90 -8.88 37.96
N GLU C 714 -7.97 -8.06 39.02
CA GLU C 714 -7.30 -6.77 39.03
C GLU C 714 -5.81 -6.93 38.80
N LYS C 715 -5.18 -7.86 39.53
CA LYS C 715 -3.75 -8.08 39.34
C LYS C 715 -3.43 -8.55 37.93
N LEU C 716 -4.26 -9.43 37.36
CA LEU C 716 -4.02 -9.87 35.99
C LEU C 716 -4.15 -8.71 35.00
N ILE C 717 -5.19 -7.89 35.18
CA ILE C 717 -5.40 -6.70 34.35
C ILE C 717 -4.17 -5.80 34.38
N ASN C 718 -3.67 -5.51 35.58
CA ASN C 718 -2.53 -4.61 35.71
C ASN C 718 -1.28 -5.20 35.06
N LEU C 719 -0.98 -6.46 35.34
CA LEU C 719 0.18 -7.11 34.74
C LEU C 719 0.10 -7.07 33.22
N THR C 720 -1.07 -7.36 32.65
CA THR C 720 -1.21 -7.29 31.20
C THR C 720 -1.09 -5.86 30.68
N ASP C 721 -1.57 -4.87 31.45
CA ASP C 721 -1.35 -3.47 31.08
C ASP C 721 0.14 -3.18 30.93
N ILE C 722 0.95 -3.68 31.87
CA ILE C 722 2.40 -3.48 31.75
C ILE C 722 2.93 -4.15 30.50
N LEU C 723 2.54 -5.42 30.30
CA LEU C 723 3.00 -6.15 29.12
C LEU C 723 2.62 -5.44 27.81
N LYS C 724 1.48 -4.75 27.80
CA LYS C 724 0.99 -4.08 26.61
C LYS C 724 1.51 -2.65 26.47
N GLN C 725 1.56 -1.89 27.57
CA GLN C 725 1.94 -0.49 27.54
C GLN C 725 3.44 -0.31 27.72
N GLU C 726 3.88 -0.18 28.98
CA GLU C 726 5.28 0.13 29.28
C GLU C 726 6.24 -0.79 28.53
N LYS C 727 6.11 -2.10 28.70
CA LYS C 727 7.06 -3.06 28.13
C LYS C 727 6.65 -3.53 26.74
N LYS C 728 5.96 -2.66 25.98
CA LYS C 728 5.35 -3.01 24.71
C LYS C 728 6.34 -3.66 23.73
N ASP C 729 7.46 -3.00 23.47
CA ASP C 729 8.35 -3.39 22.40
C ASP C 729 9.47 -4.31 22.87
N GLU C 730 9.35 -4.87 24.06
CA GLU C 730 10.35 -5.80 24.56
C GLU C 730 10.12 -7.19 23.98
N THR C 731 11.21 -7.95 23.88
CA THR C 731 11.11 -9.30 23.34
C THR C 731 10.28 -10.20 24.26
N GLN C 732 9.77 -11.29 23.69
CA GLN C 732 8.94 -12.22 24.46
C GLN C 732 9.77 -12.98 25.49
N LYS C 733 10.98 -13.39 25.12
CA LYS C 733 11.83 -14.12 26.05
C LYS C 733 12.16 -13.27 27.28
N VAL C 734 12.28 -11.94 27.10
CA VAL C 734 12.51 -11.04 28.23
C VAL C 734 11.20 -10.70 28.93
N GLN C 735 10.09 -10.62 28.18
CA GLN C 735 8.80 -10.40 28.82
C GLN C 735 8.44 -11.55 29.75
N MET C 736 8.79 -12.78 29.35
CA MET C 736 8.56 -13.93 30.23
C MET C 736 9.43 -13.87 31.47
N LYS C 737 10.67 -13.41 31.33
CA LYS C 737 11.54 -13.20 32.49
C LYS C 737 10.90 -12.24 33.49
N PHE C 738 10.41 -11.09 33.00
CA PHE C 738 9.71 -10.16 33.88
C PHE C 738 8.46 -10.77 34.48
N LEU C 739 7.68 -11.50 33.67
CA LEU C 739 6.46 -12.12 34.17
C LEU C 739 6.75 -13.06 35.34
N VAL C 740 7.72 -13.96 35.16
CA VAL C 740 8.09 -14.89 36.23
C VAL C 740 8.52 -14.11 37.47
N GLU C 741 9.45 -13.17 37.30
CA GLU C 741 9.90 -12.35 38.41
C GLU C 741 8.73 -11.74 39.19
N GLN C 742 7.74 -11.21 38.48
CA GLN C 742 6.67 -10.46 39.12
C GLN C 742 5.65 -11.40 39.75
N MET C 743 5.39 -12.54 39.11
CA MET C 743 4.47 -13.51 39.69
C MET C 743 5.02 -14.11 40.98
N ARG C 744 6.34 -14.26 41.08
CA ARG C 744 6.89 -14.90 42.27
C ARG C 744 6.75 -14.04 43.53
N ARG C 745 6.64 -12.72 43.39
CA ARG C 745 6.48 -11.86 44.56
C ARG C 745 5.18 -12.22 45.29
N PRO C 746 5.17 -12.10 46.63
CA PRO C 746 4.09 -12.70 47.41
C PRO C 746 2.72 -12.07 47.22
N ASP C 747 2.62 -10.77 46.93
CA ASP C 747 1.31 -10.17 46.68
C ASP C 747 0.55 -10.93 45.60
N PHE C 748 1.28 -11.35 44.56
CA PHE C 748 0.67 -12.07 43.45
C PHE C 748 0.31 -13.50 43.83
N MET C 749 1.29 -14.24 44.35
CA MET C 749 1.05 -15.62 44.75
C MET C 749 -0.10 -15.75 45.73
N ASP C 750 -0.09 -14.93 46.79
CA ASP C 750 -1.21 -14.93 47.74
C ASP C 750 -2.51 -14.53 47.05
N ALA C 751 -2.47 -13.48 46.22
CA ALA C 751 -3.70 -12.96 45.64
C ALA C 751 -4.26 -13.84 44.53
N LEU C 752 -3.41 -14.62 43.85
CA LEU C 752 -3.84 -15.36 42.68
C LEU C 752 -3.69 -16.87 42.84
N GLN C 753 -3.73 -17.35 44.08
CA GLN C 753 -3.83 -18.78 44.37
C GLN C 753 -4.94 -19.02 45.39
N GLY C 754 -5.65 -20.12 45.21
CA GLY C 754 -6.74 -20.46 46.10
C GLY C 754 -7.95 -19.56 45.98
N PHE C 755 -8.71 -19.71 44.89
CA PHE C 755 -9.97 -18.99 44.73
C PHE C 755 -10.81 -19.72 43.69
N LEU C 756 -12.04 -19.23 43.53
CA LEU C 756 -13.00 -19.87 42.63
C LEU C 756 -12.86 -19.31 41.22
N SER C 757 -12.78 -20.21 40.24
CA SER C 757 -12.76 -19.84 38.83
C SER C 757 -14.02 -19.04 38.50
N PRO C 758 -13.87 -17.77 38.12
CA PRO C 758 -15.05 -17.02 37.65
C PRO C 758 -15.75 -17.70 36.49
N LEU C 759 -15.02 -18.49 35.70
CA LEU C 759 -15.65 -19.23 34.61
C LEU C 759 -16.65 -20.25 35.13
N ASN C 760 -16.37 -20.85 36.30
CA ASN C 760 -17.27 -21.83 36.92
C ASN C 760 -16.89 -22.02 38.38
N PRO C 761 -17.54 -21.32 39.30
CA PRO C 761 -17.12 -21.37 40.72
C PRO C 761 -17.25 -22.77 41.33
N ALA C 762 -17.59 -23.77 40.51
CA ALA C 762 -17.57 -25.14 40.99
C ALA C 762 -16.17 -25.73 41.02
N HIS C 763 -15.23 -25.20 40.24
CA HIS C 763 -13.83 -25.61 40.29
C HIS C 763 -13.05 -24.63 41.14
N GLN C 764 -12.32 -25.15 42.12
CA GLN C 764 -11.34 -24.33 42.83
C GLN C 764 -10.07 -24.20 42.00
N LEU C 765 -9.47 -23.01 42.04
CA LEU C 765 -8.15 -22.78 41.47
C LEU C 765 -7.15 -22.81 42.62
N GLY C 766 -6.25 -23.78 42.59
CA GLY C 766 -5.34 -24.01 43.70
C GLY C 766 -4.05 -23.22 43.65
N ASN C 767 -2.94 -23.91 43.46
CA ASN C 767 -1.64 -23.30 43.34
C ASN C 767 -1.25 -23.23 41.87
N LEU C 768 -0.52 -22.19 41.51
CA LEU C 768 -0.12 -21.99 40.12
C LEU C 768 0.95 -23.01 39.73
N ARG C 769 0.66 -23.80 38.70
CA ARG C 769 1.70 -24.57 38.02
C ARG C 769 2.47 -23.56 37.17
N LEU C 770 3.43 -22.88 37.82
CA LEU C 770 4.12 -21.76 37.18
C LEU C 770 4.82 -22.19 35.90
N GLU C 771 5.46 -23.36 35.90
CA GLU C 771 6.18 -23.83 34.73
C GLU C 771 5.28 -23.96 33.51
N GLU C 772 3.97 -23.99 33.70
CA GLU C 772 3.03 -23.98 32.58
C GLU C 772 2.57 -22.57 32.21
N CYS C 773 2.43 -21.68 33.20
CA CYS C 773 1.99 -20.31 32.93
C CYS C 773 2.91 -19.61 31.95
N ARG C 774 2.33 -18.87 31.00
CA ARG C 774 3.12 -18.18 29.99
C ARG C 774 2.29 -17.07 29.36
N ILE C 775 3.01 -16.15 28.70
CA ILE C 775 2.38 -15.14 27.86
C ILE C 775 2.19 -15.73 26.48
N MET C 776 0.99 -15.57 25.93
CA MET C 776 0.67 -16.17 24.64
C MET C 776 1.23 -15.35 23.47
N SER C 777 1.32 -16.01 22.33
CA SER C 777 1.89 -15.39 21.13
C SER C 777 1.11 -14.16 20.68
N SER C 778 -0.22 -14.20 20.83
CA SER C 778 -1.09 -13.12 20.39
C SER C 778 -0.53 -11.75 20.77
N ALA C 779 -0.63 -10.81 19.83
CA ALA C 779 -0.06 -9.47 20.03
C ALA C 779 -0.66 -8.76 21.24
N LYS C 780 -1.95 -9.01 21.53
CA LYS C 780 -2.64 -8.38 22.64
C LYS C 780 -2.10 -8.80 23.99
N ARG C 781 -1.13 -9.72 24.04
CA ARG C 781 -0.48 -10.19 25.25
C ARG C 781 -1.50 -10.87 26.18
N PRO C 782 -1.94 -12.08 25.86
CA PRO C 782 -2.79 -12.84 26.78
C PRO C 782 -1.93 -13.56 27.81
N LEU C 783 -2.60 -14.26 28.73
CA LEU C 783 -1.92 -15.00 29.78
C LEU C 783 -2.52 -16.39 29.89
N TRP C 784 -1.72 -17.42 29.61
CA TRP C 784 -2.07 -18.80 29.83
C TRP C 784 -1.79 -19.17 31.28
N LEU C 785 -2.83 -19.48 32.05
CA LEU C 785 -2.69 -19.75 33.47
C LEU C 785 -3.14 -21.17 33.80
N ASN C 786 -2.38 -21.83 34.68
CA ASN C 786 -2.62 -23.21 35.09
C ASN C 786 -2.68 -23.29 36.61
N TRP C 787 -3.77 -23.85 37.11
CA TRP C 787 -3.95 -24.12 38.52
C TRP C 787 -4.08 -25.62 38.76
N GLU C 788 -3.66 -26.04 39.94
CA GLU C 788 -4.00 -27.36 40.45
C GLU C 788 -5.46 -27.38 40.88
N ASN C 789 -6.08 -28.55 40.79
CA ASN C 789 -7.39 -28.76 41.40
C ASN C 789 -7.18 -29.36 42.78
N PRO C 790 -7.53 -28.65 43.85
CA PRO C 790 -7.22 -29.16 45.19
C PRO C 790 -8.15 -30.26 45.64
N ASP C 791 -9.26 -30.46 44.92
CA ASP C 791 -10.30 -31.38 45.35
C ASP C 791 -9.66 -32.72 45.68
N ILE C 792 -10.11 -33.32 46.79
CA ILE C 792 -9.47 -34.50 47.36
C ILE C 792 -9.24 -35.58 46.30
N MET C 793 -10.09 -35.61 45.27
CA MET C 793 -9.94 -36.56 44.17
C MET C 793 -9.99 -35.84 42.83
N SER C 794 -9.07 -34.89 42.65
CA SER C 794 -8.87 -34.27 41.34
C SER C 794 -8.41 -35.27 40.29
N GLU C 795 -7.97 -36.46 40.71
CA GLU C 795 -7.52 -37.47 39.76
C GLU C 795 -8.61 -37.87 38.77
N LEU C 796 -9.88 -37.72 39.17
CA LEU C 796 -11.00 -38.23 38.39
C LEU C 796 -11.71 -37.15 37.60
N LEU C 797 -11.15 -35.94 37.55
CA LEU C 797 -11.84 -34.88 36.84
C LEU C 797 -10.87 -33.81 36.38
N PHE C 798 -10.98 -32.61 36.93
CA PHE C 798 -10.04 -31.56 36.59
C PHE C 798 -8.72 -31.90 37.26
N GLN C 799 -7.78 -32.41 36.48
CA GLN C 799 -6.42 -32.48 36.97
C GLN C 799 -5.77 -31.09 36.91
N ASN C 800 -5.87 -30.44 35.76
CA ASN C 800 -5.36 -29.09 35.55
C ASN C 800 -6.55 -28.17 35.23
N ASN C 801 -6.57 -27.00 35.85
CA ASN C 801 -7.40 -25.90 35.41
C ASN C 801 -6.55 -25.00 34.53
N GLU C 802 -6.97 -24.81 33.29
CA GLU C 802 -6.22 -23.95 32.37
C GLU C 802 -7.14 -22.89 31.81
N ILE C 803 -6.75 -21.62 31.97
CA ILE C 803 -7.57 -20.48 31.58
C ILE C 803 -6.71 -19.49 30.80
N ILE C 804 -7.28 -18.89 29.76
CA ILE C 804 -6.67 -17.79 29.04
C ILE C 804 -7.27 -16.50 29.54
N PHE C 805 -6.42 -15.56 29.94
CA PHE C 805 -6.83 -14.23 30.34
C PHE C 805 -6.47 -13.25 29.23
N LYS C 806 -7.48 -12.63 28.63
CA LYS C 806 -7.24 -11.68 27.55
C LYS C 806 -7.71 -10.29 27.97
N ASN C 807 -6.76 -9.35 27.96
CA ASN C 807 -7.01 -7.92 28.13
C ASN C 807 -6.78 -7.28 26.77
N GLY C 808 -7.86 -7.03 26.03
CA GLY C 808 -7.71 -6.42 24.72
C GLY C 808 -8.93 -6.49 23.83
N ASP C 809 -9.42 -7.71 23.59
CA ASP C 809 -10.48 -7.93 22.62
C ASP C 809 -11.83 -8.03 23.33
N ASP C 810 -12.87 -7.55 22.66
CA ASP C 810 -14.23 -7.61 23.21
C ASP C 810 -14.77 -9.01 23.03
N LEU C 811 -15.11 -9.66 24.13
CA LEU C 811 -15.51 -11.07 24.11
C LEU C 811 -17.01 -11.27 24.03
N ARG C 812 -17.82 -10.22 24.25
CA ARG C 812 -19.28 -10.37 24.25
C ARG C 812 -19.76 -11.10 23.01
N GLN C 813 -19.17 -10.81 21.85
CA GLN C 813 -19.48 -11.52 20.61
C GLN C 813 -19.39 -13.01 20.87
N ASP C 814 -18.17 -13.50 21.13
CA ASP C 814 -17.96 -14.91 21.41
C ASP C 814 -18.96 -15.39 22.45
N MET C 815 -19.13 -14.60 23.52
CA MET C 815 -19.99 -15.02 24.61
C MET C 815 -21.37 -15.38 24.07
N LEU C 816 -22.02 -14.41 23.41
CA LEU C 816 -23.36 -14.65 22.92
C LEU C 816 -23.39 -15.85 21.99
N THR C 817 -22.38 -15.93 21.11
CA THR C 817 -22.28 -17.06 20.18
C THR C 817 -22.32 -18.39 20.93
N LEU C 818 -21.39 -18.56 21.89
CA LEU C 818 -21.34 -19.82 22.61
C LEU C 818 -22.68 -20.11 23.29
N GLN C 819 -23.32 -19.07 23.86
CA GLN C 819 -24.60 -19.29 24.55
C GLN C 819 -25.63 -19.88 23.60
N ILE C 820 -25.57 -19.49 22.33
CA ILE C 820 -26.49 -20.04 21.34
C ILE C 820 -26.10 -21.46 20.97
N ILE C 821 -24.80 -21.73 20.76
CA ILE C 821 -24.34 -23.07 20.44
C ILE C 821 -24.88 -24.08 21.45
N ARG C 822 -24.74 -23.77 22.74
CA ARG C 822 -25.24 -24.64 23.78
C ARG C 822 -26.71 -24.95 23.59
N ILE C 823 -27.52 -23.89 23.40
CA ILE C 823 -28.95 -24.08 23.20
C ILE C 823 -29.20 -25.03 22.04
N MET C 824 -28.47 -24.83 20.94
CA MET C 824 -28.65 -25.70 19.79
C MET C 824 -28.37 -27.15 20.15
N GLU C 825 -27.24 -27.40 20.83
CA GLU C 825 -26.92 -28.76 21.26
C GLU C 825 -28.03 -29.31 22.14
N ASN C 826 -28.63 -28.44 22.96
CA ASN C 826 -29.77 -28.86 23.76
C ASN C 826 -30.94 -29.27 22.86
N ILE C 827 -31.28 -28.41 21.89
CA ILE C 827 -32.44 -28.66 21.06
C ILE C 827 -32.28 -29.96 20.28
N TRP C 828 -31.14 -30.11 19.60
CA TRP C 828 -30.89 -31.32 18.83
C TRP C 828 -30.95 -32.56 19.71
N GLN C 829 -30.59 -32.43 20.98
CA GLN C 829 -30.60 -33.61 21.83
C GLN C 829 -32.02 -33.94 22.29
N ASN C 830 -32.88 -32.92 22.49
CA ASN C 830 -34.29 -33.24 22.75
C ASN C 830 -34.96 -33.84 21.52
N GLN C 831 -34.49 -33.49 20.32
CA GLN C 831 -35.00 -34.06 19.08
C GLN C 831 -34.18 -35.27 18.62
N GLY C 832 -33.45 -35.91 19.53
CA GLY C 832 -32.76 -37.15 19.24
C GLY C 832 -31.71 -37.11 18.16
N LEU C 833 -30.93 -36.03 18.10
CA LEU C 833 -29.88 -35.89 17.10
C LEU C 833 -28.56 -35.67 17.86
N ASP C 834 -27.79 -36.75 18.03
CA ASP C 834 -26.60 -36.72 18.88
C ASP C 834 -25.48 -36.01 18.13
N LEU C 835 -25.52 -34.69 18.20
CA LEU C 835 -24.47 -33.83 17.64
C LEU C 835 -23.77 -33.15 18.81
N ARG C 836 -22.58 -33.61 19.14
CA ARG C 836 -21.85 -33.12 20.30
C ARG C 836 -21.14 -31.82 19.95
N MET C 837 -21.55 -30.73 20.56
CA MET C 837 -20.87 -29.45 20.41
C MET C 837 -19.90 -29.26 21.56
N LEU C 838 -19.13 -28.17 21.48
CA LEU C 838 -18.20 -27.80 22.55
C LEU C 838 -18.28 -26.29 22.76
N PRO C 839 -19.29 -25.83 23.51
CA PRO C 839 -19.43 -24.39 23.83
C PRO C 839 -18.55 -23.97 25.00
N TYR C 840 -17.23 -23.97 24.74
CA TYR C 840 -16.23 -23.69 25.77
C TYR C 840 -16.58 -22.42 26.57
N GLY C 841 -16.14 -22.42 27.83
CA GLY C 841 -16.50 -21.32 28.72
C GLY C 841 -15.90 -20.00 28.28
N CYS C 842 -16.60 -18.92 28.59
CA CYS C 842 -16.15 -17.58 28.28
C CYS C 842 -16.91 -16.59 29.14
N LEU C 843 -16.19 -15.63 29.73
CA LEU C 843 -16.82 -14.63 30.58
C LEU C 843 -16.08 -13.31 30.44
N SER C 844 -16.80 -12.28 29.98
CA SER C 844 -16.28 -10.92 29.97
C SER C 844 -16.44 -10.33 31.37
N ILE C 845 -15.35 -9.85 31.95
CA ILE C 845 -15.37 -9.24 33.27
C ILE C 845 -15.15 -7.74 33.23
N GLY C 846 -14.89 -7.19 32.04
CA GLY C 846 -14.73 -5.75 31.94
C GLY C 846 -14.56 -5.36 30.48
N ASP C 847 -14.34 -4.05 30.27
CA ASP C 847 -14.28 -3.51 28.93
C ASP C 847 -13.18 -4.20 28.14
N CYS C 848 -13.58 -5.19 27.33
CA CYS C 848 -12.66 -5.99 26.53
C CYS C 848 -11.62 -6.69 27.40
N VAL C 849 -12.04 -7.18 28.57
CA VAL C 849 -11.18 -7.96 29.45
C VAL C 849 -11.97 -9.16 29.96
N GLY C 850 -11.45 -10.36 29.73
CA GLY C 850 -12.16 -11.54 30.15
C GLY C 850 -11.30 -12.80 30.21
N LEU C 851 -12.00 -13.93 30.32
CA LEU C 851 -11.41 -15.25 30.52
C LEU C 851 -11.95 -16.24 29.50
N ILE C 852 -11.15 -17.26 29.20
CA ILE C 852 -11.48 -18.30 28.23
C ILE C 852 -11.04 -19.66 28.78
N GLU C 853 -12.00 -20.56 28.99
CA GLU C 853 -11.68 -21.94 29.34
C GLU C 853 -10.83 -22.60 28.26
N VAL C 854 -9.81 -23.36 28.68
CA VAL C 854 -8.99 -24.16 27.78
C VAL C 854 -9.57 -25.57 27.67
N VAL C 855 -9.46 -26.14 26.48
CA VAL C 855 -9.82 -27.54 26.24
C VAL C 855 -8.55 -28.38 26.23
N ARG C 856 -8.49 -29.39 27.08
CA ARG C 856 -7.29 -30.23 27.15
C ARG C 856 -7.25 -31.17 25.94
N ASN C 857 -6.08 -31.23 25.29
CA ASN C 857 -5.82 -32.14 24.17
C ASN C 857 -6.68 -31.82 22.96
N SER C 858 -6.84 -30.53 22.67
CA SER C 858 -7.43 -30.07 21.43
C SER C 858 -6.39 -29.26 20.67
N HIS C 859 -6.49 -29.26 19.34
CA HIS C 859 -5.51 -28.59 18.51
C HIS C 859 -6.17 -28.05 17.25
N THR C 860 -5.67 -26.92 16.76
CA THR C 860 -6.14 -26.40 15.48
C THR C 860 -5.69 -27.32 14.35
N ILE C 861 -6.48 -27.33 13.28
CA ILE C 861 -6.07 -28.05 12.08
C ILE C 861 -4.77 -27.47 11.53
N MET C 862 -4.59 -26.14 11.66
CA MET C 862 -3.28 -25.53 11.45
C MET C 862 -2.21 -26.28 12.22
N GLN C 863 -2.42 -26.45 13.53
CA GLN C 863 -1.51 -27.22 14.36
C GLN C 863 -1.43 -28.64 13.84
N ILE C 864 -2.52 -29.42 13.98
CA ILE C 864 -2.57 -30.83 13.55
C ILE C 864 -1.76 -31.07 12.28
N GLN C 865 -1.88 -30.16 11.32
CA GLN C 865 -1.05 -30.23 10.11
C GLN C 865 0.43 -30.00 10.46
N CYS C 866 0.74 -28.92 11.17
CA CYS C 866 2.12 -28.66 11.55
C CYS C 866 2.52 -29.29 12.89
N LYS C 867 1.79 -28.95 13.97
CA LYS C 867 2.00 -29.56 15.29
C LYS C 867 2.15 -31.08 15.24
N GLY C 868 1.25 -31.75 14.52
CA GLY C 868 1.35 -33.18 14.31
C GLY C 868 2.69 -33.59 13.73
N GLY C 869 3.35 -32.64 13.09
CA GLY C 869 4.67 -32.82 12.51
C GLY C 869 4.62 -32.70 11.00
N LEU C 870 5.79 -32.81 10.40
CA LEU C 870 5.87 -32.90 8.94
C LEU C 870 5.79 -34.34 8.44
N LYS C 871 6.11 -35.32 9.28
CA LYS C 871 6.07 -36.74 8.92
C LYS C 871 6.80 -37.01 7.61
N GLY C 872 7.91 -36.29 7.40
CA GLY C 872 8.66 -36.38 6.17
C GLY C 872 8.20 -35.43 5.07
N ALA C 873 7.09 -34.74 5.26
CA ALA C 873 6.54 -33.82 4.25
C ALA C 873 6.38 -32.45 4.88
N LEU C 874 7.16 -31.47 4.40
CA LEU C 874 7.01 -30.10 4.88
C LEU C 874 5.58 -29.62 4.75
N GLN C 875 4.86 -30.12 3.75
CA GLN C 875 3.48 -29.70 3.48
C GLN C 875 2.48 -30.61 4.18
N PHE C 876 1.37 -30.01 4.60
CA PHE C 876 0.26 -30.74 5.18
C PHE C 876 -0.19 -31.94 4.33
N ASN C 877 -0.27 -31.76 3.00
CA ASN C 877 -0.67 -32.71 1.96
C ASN C 877 -2.19 -32.94 1.96
N SER C 878 -2.92 -32.36 2.92
CA SER C 878 -4.38 -32.35 3.01
C SER C 878 -4.95 -33.64 3.59
N HIS C 879 -4.37 -34.78 3.25
CA HIS C 879 -4.79 -36.05 3.87
C HIS C 879 -4.52 -36.05 5.38
N THR C 880 -3.38 -35.46 5.79
CA THR C 880 -2.82 -35.58 7.13
C THR C 880 -3.83 -35.62 8.28
N LEU C 881 -4.79 -34.69 8.29
CA LEU C 881 -5.83 -34.69 9.31
C LEU C 881 -6.39 -36.10 9.52
N HIS C 882 -6.80 -36.75 8.42
CA HIS C 882 -7.35 -38.09 8.51
C HIS C 882 -6.32 -39.07 9.07
N GLN C 883 -5.08 -39.01 8.59
CA GLN C 883 -4.12 -39.99 9.07
C GLN C 883 -3.58 -39.66 10.44
N TRP C 884 -3.67 -38.40 10.89
CA TRP C 884 -3.37 -38.12 12.29
C TRP C 884 -4.45 -38.69 13.21
N LEU C 885 -5.72 -38.57 12.79
CA LEU C 885 -6.80 -39.17 13.57
C LEU C 885 -6.70 -40.70 13.56
N LYS C 886 -6.28 -41.27 12.42
CA LYS C 886 -6.09 -42.72 12.34
C LYS C 886 -4.87 -43.17 13.11
N ASP C 887 -3.85 -42.32 13.18
CA ASP C 887 -2.62 -42.60 13.91
C ASP C 887 -2.83 -42.48 15.41
N LYS C 888 -3.88 -41.79 15.84
CA LYS C 888 -4.19 -41.67 17.27
C LYS C 888 -5.33 -42.57 17.71
N ASN C 889 -6.04 -43.23 16.79
CA ASN C 889 -7.18 -44.07 17.14
C ASN C 889 -7.22 -45.29 16.23
N LYS C 890 -6.93 -46.47 16.79
CA LYS C 890 -6.96 -47.72 16.04
C LYS C 890 -7.95 -48.70 16.67
N GLY C 891 -8.22 -49.78 15.94
CA GLY C 891 -9.13 -50.81 16.43
C GLY C 891 -10.55 -50.33 16.50
N GLU C 892 -11.23 -50.68 17.59
CA GLU C 892 -12.61 -50.22 17.80
C GLU C 892 -12.66 -48.70 17.94
N ILE C 893 -11.68 -48.13 18.63
CA ILE C 893 -11.67 -46.69 18.91
C ILE C 893 -11.75 -45.89 17.61
N TYR C 894 -11.12 -46.40 16.54
CA TYR C 894 -11.13 -45.70 15.25
C TYR C 894 -12.54 -45.35 14.80
N ASP C 895 -13.40 -46.37 14.67
CA ASP C 895 -14.73 -46.14 14.11
C ASP C 895 -15.52 -45.13 14.93
N ALA C 896 -15.50 -45.29 16.26
CA ALA C 896 -16.24 -44.39 17.12
C ALA C 896 -15.66 -42.97 17.07
N ALA C 897 -14.35 -42.83 16.93
CA ALA C 897 -13.74 -41.50 16.86
C ALA C 897 -14.13 -40.81 15.55
N ILE C 898 -14.15 -41.55 14.45
CA ILE C 898 -14.65 -41.01 13.19
C ILE C 898 -16.09 -40.55 13.35
N ASP C 899 -16.91 -41.36 14.05
CA ASP C 899 -18.30 -40.98 14.30
C ASP C 899 -18.41 -39.67 15.07
N LEU C 900 -17.62 -39.54 16.15
CA LEU C 900 -17.63 -38.28 16.90
C LEU C 900 -17.25 -37.11 16.00
N PHE C 901 -16.16 -37.27 15.23
CA PHE C 901 -15.78 -36.21 14.30
C PHE C 901 -16.95 -35.84 13.41
N THR C 902 -17.61 -36.83 12.81
CA THR C 902 -18.69 -36.56 11.87
C THR C 902 -19.84 -35.83 12.55
N ARG C 903 -20.28 -36.31 13.71
CA ARG C 903 -21.42 -35.71 14.39
C ARG C 903 -21.14 -34.27 14.80
N SER C 904 -19.95 -34.02 15.36
CA SER C 904 -19.61 -32.69 15.81
C SER C 904 -19.39 -31.75 14.63
N CYS C 905 -18.65 -32.20 13.61
CA CYS C 905 -18.43 -31.41 12.41
C CYS C 905 -19.74 -31.02 11.76
N ALA C 906 -20.68 -31.96 11.66
CA ALA C 906 -21.98 -31.66 11.07
C ALA C 906 -22.70 -30.58 11.87
N GLY C 907 -22.79 -30.78 13.19
CA GLY C 907 -23.44 -29.78 14.03
C GLY C 907 -22.81 -28.40 13.89
N TYR C 908 -21.47 -28.35 13.89
CA TYR C 908 -20.77 -27.07 13.82
C TYR C 908 -20.92 -26.43 12.45
N CYS C 909 -20.92 -27.21 11.38
CA CYS C 909 -21.20 -26.66 10.06
C CYS C 909 -22.57 -26.01 10.03
N VAL C 910 -23.59 -26.72 10.51
CA VAL C 910 -24.95 -26.19 10.51
C VAL C 910 -25.02 -24.87 11.28
N ALA C 911 -24.42 -24.85 12.48
CA ALA C 911 -24.48 -23.64 13.30
C ALA C 911 -23.68 -22.51 12.68
N THR C 912 -22.51 -22.81 12.12
CA THR C 912 -21.67 -21.80 11.48
C THR C 912 -22.35 -21.21 10.25
N PHE C 913 -23.23 -21.98 9.60
CA PHE C 913 -23.97 -21.41 8.47
C PHE C 913 -25.14 -20.56 8.95
N ILE C 914 -25.97 -21.11 9.84
CA ILE C 914 -27.15 -20.38 10.33
C ILE C 914 -26.73 -19.04 10.94
N LEU C 915 -25.69 -19.06 11.76
CA LEU C 915 -25.14 -17.83 12.31
C LEU C 915 -24.14 -17.21 11.33
N GLY C 916 -24.13 -15.89 11.27
CA GLY C 916 -23.18 -15.21 10.39
C GLY C 916 -21.75 -15.37 10.83
N ILE C 917 -21.17 -16.54 10.57
CA ILE C 917 -19.77 -16.82 10.91
C ILE C 917 -19.05 -17.18 9.62
N GLY C 918 -18.12 -16.32 9.21
CA GLY C 918 -17.18 -16.64 8.16
C GLY C 918 -15.85 -16.86 8.81
N ASP C 919 -14.76 -16.65 8.08
CA ASP C 919 -13.41 -16.70 8.66
C ASP C 919 -13.13 -18.05 9.30
N ARG C 920 -13.51 -19.12 8.59
CA ARG C 920 -13.39 -20.49 9.11
C ARG C 920 -12.24 -21.18 8.37
N HIS C 921 -11.02 -20.99 8.87
CA HIS C 921 -9.85 -21.63 8.28
C HIS C 921 -9.13 -22.49 9.31
N ASN C 922 -7.88 -22.84 9.04
CA ASN C 922 -7.18 -23.82 9.86
C ASN C 922 -6.84 -23.33 11.26
N SER C 923 -7.14 -22.08 11.61
CA SER C 923 -6.84 -21.57 12.95
C SER C 923 -8.08 -21.31 13.78
N ASN C 924 -9.28 -21.60 13.26
CA ASN C 924 -10.51 -21.43 14.01
C ASN C 924 -11.23 -22.73 14.32
N ILE C 925 -10.91 -23.80 13.59
CA ILE C 925 -11.54 -25.10 13.79
C ILE C 925 -10.52 -26.02 14.43
N MET C 926 -10.93 -26.68 15.52
CA MET C 926 -10.06 -27.49 16.37
C MET C 926 -10.63 -28.90 16.50
N VAL C 927 -9.72 -29.86 16.69
CA VAL C 927 -10.03 -31.28 16.87
C VAL C 927 -9.36 -31.78 18.15
N LYS C 928 -10.09 -32.56 18.94
CA LYS C 928 -9.49 -33.22 20.09
C LYS C 928 -8.82 -34.53 19.66
N ASP C 929 -8.00 -35.07 20.56
CA ASP C 929 -7.29 -36.31 20.27
C ASP C 929 -8.27 -37.45 20.01
N ASP C 930 -9.40 -37.48 20.73
CA ASP C 930 -10.43 -38.45 20.42
C ASP C 930 -11.19 -38.11 19.15
N GLY C 931 -11.13 -36.86 18.70
CA GLY C 931 -11.71 -36.45 17.44
C GLY C 931 -12.92 -35.53 17.47
N GLN C 932 -13.24 -34.90 18.61
CA GLN C 932 -14.36 -33.98 18.65
C GLN C 932 -13.99 -32.66 17.99
N LEU C 933 -14.81 -32.21 17.04
CA LEU C 933 -14.60 -30.94 16.37
C LEU C 933 -15.29 -29.81 17.12
N PHE C 934 -14.70 -28.62 17.03
CA PHE C 934 -15.34 -27.43 17.57
C PHE C 934 -14.66 -26.18 17.02
N HIS C 935 -15.43 -25.11 16.90
CA HIS C 935 -14.93 -23.86 16.35
C HIS C 935 -14.65 -22.90 17.50
N ILE C 936 -13.72 -21.96 17.26
CA ILE C 936 -13.34 -20.96 18.25
C ILE C 936 -13.21 -19.60 17.56
N ASP C 937 -13.03 -18.58 18.40
CA ASP C 937 -12.75 -17.20 17.97
C ASP C 937 -13.90 -16.67 17.11
N PHE C 938 -15.05 -16.51 17.77
CA PHE C 938 -16.29 -16.05 17.14
C PHE C 938 -16.38 -14.52 17.23
N GLY C 939 -15.52 -13.86 16.46
CA GLY C 939 -15.37 -12.41 16.60
C GLY C 939 -16.39 -11.57 15.86
N HIS C 940 -17.06 -12.13 14.84
CA HIS C 940 -17.90 -11.33 13.96
C HIS C 940 -19.27 -11.95 13.79
N PHE C 941 -20.31 -11.12 13.93
CA PHE C 941 -21.70 -11.53 13.77
C PHE C 941 -22.25 -11.10 12.41
N LEU C 942 -23.01 -12.00 11.78
CA LEU C 942 -23.96 -11.66 10.72
C LEU C 942 -23.32 -10.85 9.59
N ASP C 943 -22.02 -11.01 9.40
CA ASP C 943 -21.28 -10.44 8.27
C ASP C 943 -21.29 -8.90 8.29
N HIS C 944 -20.60 -8.36 9.29
CA HIS C 944 -20.19 -6.95 9.37
C HIS C 944 -19.53 -6.67 10.72
N ARG C 953 -15.52 -13.03 -0.59
CA ARG C 953 -16.08 -11.84 -1.22
C ARG C 953 -17.57 -12.03 -1.49
N GLU C 954 -17.96 -12.06 -2.77
CA GLU C 954 -19.31 -12.45 -3.15
C GLU C 954 -19.68 -13.78 -2.50
N ARG C 955 -18.88 -14.81 -2.74
CA ARG C 955 -19.07 -16.11 -2.11
C ARG C 955 -17.71 -16.66 -1.73
N VAL C 956 -17.54 -17.01 -0.46
CA VAL C 956 -16.31 -17.59 0.06
C VAL C 956 -16.48 -19.11 0.05
N PRO C 957 -15.64 -19.85 -0.64
CA PRO C 957 -15.75 -21.31 -0.63
C PRO C 957 -14.96 -21.92 0.50
N PHE C 958 -15.65 -22.64 1.39
CA PHE C 958 -15.07 -23.26 2.57
C PHE C 958 -13.71 -23.90 2.27
N VAL C 959 -12.70 -23.49 3.03
CA VAL C 959 -11.31 -23.79 2.72
C VAL C 959 -11.01 -25.28 2.90
N LEU C 960 -11.51 -25.87 3.99
CA LEU C 960 -11.07 -27.20 4.44
C LEU C 960 -12.09 -28.30 4.14
N THR C 961 -12.90 -28.11 3.09
CA THR C 961 -13.94 -29.09 2.77
C THR C 961 -13.37 -30.47 2.43
N GLN C 962 -12.33 -30.50 1.60
CA GLN C 962 -11.74 -31.77 1.16
C GLN C 962 -11.13 -32.54 2.32
N ASP C 963 -10.34 -31.85 3.15
CA ASP C 963 -9.70 -32.49 4.30
C ASP C 963 -10.74 -33.17 5.19
N PHE C 964 -11.93 -32.58 5.30
CA PHE C 964 -12.98 -33.19 6.11
C PHE C 964 -13.64 -34.35 5.37
N LEU C 965 -13.88 -34.19 4.06
CA LEU C 965 -14.39 -35.29 3.25
C LEU C 965 -13.50 -36.52 3.36
N ILE C 966 -12.23 -36.35 3.68
CA ILE C 966 -11.38 -37.52 3.87
C ILE C 966 -11.67 -38.21 5.20
N VAL C 967 -11.86 -37.44 6.27
CA VAL C 967 -12.17 -38.04 7.57
C VAL C 967 -13.56 -38.64 7.57
N ILE C 968 -14.55 -37.85 7.16
CA ILE C 968 -15.92 -38.33 6.97
C ILE C 968 -15.90 -39.38 5.86
N SER C 969 -15.82 -40.66 6.26
CA SER C 969 -15.62 -41.80 5.37
C SER C 969 -14.17 -41.84 4.92
N LYS C 970 -13.41 -42.81 5.44
CA LYS C 970 -12.00 -42.92 5.13
C LYS C 970 -11.77 -43.16 3.64
N GLY C 971 -10.65 -42.64 3.12
CA GLY C 971 -10.16 -43.04 1.82
C GLY C 971 -11.19 -42.78 0.73
N ALA C 972 -11.47 -43.82 -0.04
CA ALA C 972 -12.50 -43.83 -1.09
C ALA C 972 -12.52 -42.52 -1.88
N GLN C 973 -11.43 -42.29 -2.61
CA GLN C 973 -11.17 -41.10 -3.43
C GLN C 973 -12.38 -40.25 -3.77
N GLU C 974 -13.32 -40.80 -4.53
CA GLU C 974 -14.55 -40.08 -4.85
C GLU C 974 -15.47 -40.29 -3.67
N CYS C 975 -15.29 -39.46 -2.65
CA CYS C 975 -16.13 -39.49 -1.45
C CYS C 975 -17.12 -38.33 -1.40
N THR C 976 -17.32 -37.62 -2.51
CA THR C 976 -18.48 -36.73 -2.62
C THR C 976 -19.76 -37.48 -2.32
N LYS C 977 -19.84 -38.75 -2.72
CA LYS C 977 -21.01 -39.60 -2.49
C LYS C 977 -20.53 -40.96 -2.02
N THR C 978 -20.66 -41.23 -0.73
CA THR C 978 -20.43 -42.56 -0.17
C THR C 978 -21.67 -42.96 0.63
N ARG C 979 -21.51 -43.89 1.56
CA ARG C 979 -22.57 -44.26 2.47
C ARG C 979 -22.48 -43.52 3.80
N GLU C 980 -21.45 -42.71 3.98
CA GLU C 980 -21.23 -41.93 5.19
C GLU C 980 -21.49 -40.45 4.97
N PHE C 981 -21.11 -39.93 3.81
CA PHE C 981 -21.41 -38.54 3.47
C PHE C 981 -22.91 -38.31 3.40
N GLU C 982 -23.67 -39.30 2.90
CA GLU C 982 -25.12 -39.20 2.89
C GLU C 982 -25.68 -39.10 4.31
N ARG C 983 -25.12 -39.89 5.23
CA ARG C 983 -25.54 -39.78 6.63
C ARG C 983 -25.13 -38.44 7.23
N PHE C 984 -23.93 -37.97 6.88
CA PHE C 984 -23.49 -36.63 7.28
C PHE C 984 -24.51 -35.59 6.84
N GLN C 985 -24.93 -35.68 5.58
CA GLN C 985 -25.94 -34.75 5.05
C GLN C 985 -27.22 -34.84 5.85
N GLU C 986 -27.78 -36.05 5.97
CA GLU C 986 -29.01 -36.26 6.74
C GLU C 986 -28.94 -35.60 8.12
N MET C 987 -27.81 -35.80 8.81
CA MET C 987 -27.60 -35.14 10.10
C MET C 987 -27.71 -33.62 9.96
N CYS C 988 -26.96 -33.04 9.01
CA CYS C 988 -26.96 -31.59 8.85
C CYS C 988 -28.36 -31.05 8.54
N TYR C 989 -29.10 -31.74 7.66
CA TYR C 989 -30.44 -31.31 7.30
C TYR C 989 -31.36 -31.33 8.51
N LYS C 990 -31.35 -32.45 9.25
CA LYS C 990 -32.16 -32.55 10.45
C LYS C 990 -31.83 -31.42 11.43
N ALA C 991 -30.54 -31.12 11.61
CA ALA C 991 -30.15 -30.05 12.54
C ALA C 991 -30.68 -28.70 12.09
N TYR C 992 -30.43 -28.35 10.83
CA TYR C 992 -30.92 -27.09 10.28
C TYR C 992 -32.42 -26.95 10.50
N LEU C 993 -33.20 -27.96 10.12
CA LEU C 993 -34.64 -27.88 10.27
C LEU C 993 -35.06 -27.81 11.74
N ALA C 994 -34.38 -28.55 12.61
CA ALA C 994 -34.70 -28.53 14.03
C ALA C 994 -34.51 -27.13 14.62
N ILE C 995 -33.42 -26.46 14.24
CA ILE C 995 -33.22 -25.08 14.69
C ILE C 995 -34.30 -24.18 14.10
N ARG C 996 -34.61 -24.35 12.81
CA ARG C 996 -35.64 -23.55 12.17
C ARG C 996 -36.98 -23.66 12.91
N GLN C 997 -37.29 -24.85 13.45
CA GLN C 997 -38.55 -25.03 14.15
C GLN C 997 -38.66 -24.15 15.39
N HIS C 998 -37.55 -23.84 16.05
CA HIS C 998 -37.52 -22.98 17.23
C HIS C 998 -37.09 -21.55 16.90
N ALA C 999 -36.93 -21.22 15.62
CA ALA C 999 -36.44 -19.93 15.15
C ALA C 999 -36.89 -18.75 16.02
N ASN C 1000 -38.17 -18.73 16.41
CA ASN C 1000 -38.67 -17.64 17.25
C ASN C 1000 -37.80 -17.40 18.48
N LEU C 1001 -37.37 -18.48 19.13
CA LEU C 1001 -36.50 -18.39 20.31
C LEU C 1001 -35.26 -17.56 20.03
N PHE C 1002 -34.51 -17.92 18.98
CA PHE C 1002 -33.24 -17.25 18.71
C PHE C 1002 -33.45 -15.80 18.26
N ILE C 1003 -34.52 -15.55 17.49
CA ILE C 1003 -34.90 -14.17 17.18
C ILE C 1003 -35.03 -13.37 18.47
N ASN C 1004 -35.77 -13.93 19.45
CA ASN C 1004 -35.98 -13.21 20.70
C ASN C 1004 -34.66 -13.00 21.44
N LEU C 1005 -33.82 -14.04 21.47
CA LEU C 1005 -32.52 -13.93 22.14
C LEU C 1005 -31.71 -12.77 21.56
N PHE C 1006 -31.54 -12.74 20.23
CA PHE C 1006 -30.81 -11.64 19.61
C PHE C 1006 -31.48 -10.30 19.88
N SER C 1007 -32.81 -10.26 19.83
CA SER C 1007 -33.53 -8.99 19.99
C SER C 1007 -33.37 -8.42 21.40
N MET C 1008 -33.20 -9.27 22.40
CA MET C 1008 -32.94 -8.76 23.74
C MET C 1008 -31.55 -8.17 23.85
N MET C 1009 -30.59 -8.66 23.06
CA MET C 1009 -29.21 -8.22 23.14
C MET C 1009 -28.97 -6.95 22.33
N LEU C 1010 -29.99 -6.12 22.16
CA LEU C 1010 -29.80 -4.81 21.56
C LEU C 1010 -29.48 -3.73 22.58
N GLY C 1011 -29.82 -3.95 23.86
CA GLY C 1011 -29.39 -3.05 24.91
C GLY C 1011 -27.88 -3.00 25.05
N SER C 1012 -27.23 -4.16 24.96
CA SER C 1012 -25.77 -4.19 24.98
C SER C 1012 -25.24 -3.50 23.74
N GLY C 1013 -24.36 -2.52 23.95
CA GLY C 1013 -23.76 -1.84 22.82
C GLY C 1013 -22.82 -2.71 22.03
N MET C 1014 -23.33 -3.81 21.49
CA MET C 1014 -22.48 -4.67 20.70
C MET C 1014 -22.25 -4.05 19.32
N PRO C 1015 -21.05 -4.25 18.75
CA PRO C 1015 -20.81 -3.74 17.38
C PRO C 1015 -21.89 -4.16 16.38
N GLU C 1016 -22.18 -5.45 16.29
CA GLU C 1016 -23.07 -5.98 15.27
C GLU C 1016 -24.46 -6.31 15.81
N LEU C 1017 -24.89 -5.68 16.91
CA LEU C 1017 -26.24 -5.96 17.42
C LEU C 1017 -26.79 -4.73 18.15
N GLN C 1018 -27.25 -3.76 17.38
CA GLN C 1018 -27.90 -2.58 17.93
C GLN C 1018 -29.24 -2.30 17.27
N SER C 1019 -29.36 -2.50 15.96
CA SER C 1019 -30.63 -2.33 15.26
C SER C 1019 -31.14 -3.67 14.76
N PHE C 1020 -32.44 -3.73 14.49
CA PHE C 1020 -33.06 -4.97 14.02
C PHE C 1020 -32.56 -5.40 12.64
N ASP C 1021 -32.16 -4.43 11.80
CA ASP C 1021 -31.58 -4.76 10.51
C ASP C 1021 -30.45 -5.76 10.66
N ASP C 1022 -29.68 -5.63 11.74
CA ASP C 1022 -28.63 -6.61 12.06
C ASP C 1022 -29.23 -8.00 12.17
N ILE C 1023 -30.16 -8.19 13.11
CA ILE C 1023 -30.78 -9.48 13.39
C ILE C 1023 -31.40 -10.10 12.15
N ALA C 1024 -31.85 -9.29 11.19
CA ALA C 1024 -32.58 -9.83 10.04
C ALA C 1024 -31.78 -10.86 9.22
N TYR C 1025 -30.51 -11.15 9.55
CA TYR C 1025 -29.72 -12.11 8.80
C TYR C 1025 -30.25 -13.53 8.97
N ILE C 1026 -30.46 -13.96 10.22
CA ILE C 1026 -30.95 -15.30 10.51
C ILE C 1026 -32.32 -15.57 9.88
N ARG C 1027 -33.09 -14.51 9.59
CA ARG C 1027 -34.32 -14.72 8.83
C ARG C 1027 -34.02 -15.23 7.43
N LYS C 1028 -32.90 -14.81 6.84
CA LYS C 1028 -32.55 -15.26 5.50
C LYS C 1028 -31.86 -16.62 5.53
N THR C 1029 -30.97 -16.85 6.51
CA THR C 1029 -30.30 -18.14 6.56
C THR C 1029 -31.27 -19.27 6.88
N LEU C 1030 -32.21 -19.04 7.81
CA LEU C 1030 -33.26 -20.02 8.06
C LEU C 1030 -34.34 -19.99 7.00
N ALA C 1031 -34.42 -18.90 6.23
CA ALA C 1031 -35.44 -18.72 5.20
C ALA C 1031 -36.84 -18.86 5.81
N LEU C 1032 -37.13 -17.97 6.75
CA LEU C 1032 -38.43 -17.99 7.41
C LEU C 1032 -39.56 -17.56 6.48
N ASP C 1033 -39.22 -16.87 5.40
CA ASP C 1033 -40.21 -16.46 4.42
C ASP C 1033 -40.61 -17.62 3.52
N LYS C 1034 -39.63 -18.39 3.06
CA LYS C 1034 -39.85 -19.51 2.17
C LYS C 1034 -40.31 -20.75 2.94
N THR C 1035 -41.10 -21.59 2.27
CA THR C 1035 -41.67 -22.77 2.91
C THR C 1035 -40.57 -23.79 3.21
N GLU C 1036 -40.83 -24.63 4.21
CA GLU C 1036 -39.86 -25.60 4.71
C GLU C 1036 -39.10 -26.34 3.61
N GLN C 1037 -39.82 -26.86 2.62
CA GLN C 1037 -39.16 -27.66 1.59
C GLN C 1037 -38.49 -26.81 0.52
N GLU C 1038 -38.84 -25.53 0.43
CA GLU C 1038 -38.05 -24.59 -0.37
C GLU C 1038 -36.78 -24.18 0.39
N ALA C 1039 -36.86 -24.07 1.73
CA ALA C 1039 -35.71 -23.65 2.53
C ALA C 1039 -34.67 -24.74 2.65
N LEU C 1040 -35.09 -26.01 2.67
CA LEU C 1040 -34.10 -27.08 2.65
C LEU C 1040 -33.32 -27.07 1.35
N GLU C 1041 -33.98 -26.71 0.24
CA GLU C 1041 -33.27 -26.53 -1.02
C GLU C 1041 -32.31 -25.37 -0.95
N TYR C 1042 -32.71 -24.28 -0.29
CA TYR C 1042 -31.77 -23.19 -0.02
C TYR C 1042 -30.49 -23.73 0.59
N PHE C 1043 -30.63 -24.51 1.66
CA PHE C 1043 -29.46 -25.02 2.39
C PHE C 1043 -28.61 -25.90 1.48
N MET C 1044 -29.26 -26.86 0.80
CA MET C 1044 -28.51 -27.76 -0.07
C MET C 1044 -27.73 -27.00 -1.11
N LYS C 1045 -28.32 -25.94 -1.67
CA LYS C 1045 -27.66 -25.17 -2.70
C LYS C 1045 -26.40 -24.49 -2.16
N GLN C 1046 -26.51 -23.81 -1.01
CA GLN C 1046 -25.33 -23.11 -0.50
C GLN C 1046 -24.23 -24.12 -0.18
N MET C 1047 -24.60 -25.29 0.35
CA MET C 1047 -23.58 -26.27 0.70
C MET C 1047 -22.88 -26.83 -0.55
N ASN C 1048 -23.65 -27.12 -1.61
CA ASN C 1048 -23.04 -27.55 -2.87
C ASN C 1048 -22.07 -26.49 -3.39
N ASP C 1049 -22.50 -25.22 -3.40
CA ASP C 1049 -21.63 -24.14 -3.85
C ASP C 1049 -20.31 -24.16 -3.10
N ALA C 1050 -20.37 -24.23 -1.78
CA ALA C 1050 -19.15 -24.21 -0.97
C ALA C 1050 -18.26 -25.41 -1.27
N ARG C 1051 -18.85 -26.61 -1.37
CA ARG C 1051 -18.08 -27.81 -1.67
C ARG C 1051 -17.31 -27.67 -2.98
N HIS C 1052 -17.99 -27.22 -4.03
CA HIS C 1052 -17.33 -27.09 -5.34
C HIS C 1052 -16.21 -26.05 -5.28
N GLY C 1053 -16.54 -24.85 -4.81
CA GLY C 1053 -15.58 -23.78 -4.72
C GLY C 1053 -14.35 -24.17 -3.94
N GLY C 1054 -14.56 -25.07 -2.98
CA GLY C 1054 -13.48 -25.56 -2.18
C GLY C 1054 -12.63 -26.55 -2.93
N TRP C 1055 -13.25 -27.48 -3.66
CA TRP C 1055 -12.46 -28.35 -4.55
C TRP C 1055 -11.51 -27.52 -5.42
N THR C 1056 -11.96 -26.34 -5.89
CA THR C 1056 -11.10 -25.57 -6.82
C THR C 1056 -10.02 -24.74 -6.12
N THR C 1057 -10.41 -23.83 -5.23
CA THR C 1057 -9.51 -22.78 -4.73
C THR C 1057 -8.28 -23.34 -4.02
N LYS C 1058 -7.28 -22.47 -3.83
CA LYS C 1058 -6.04 -22.79 -3.11
C LYS C 1058 -5.99 -22.02 -1.80
N MET C 1059 -5.16 -22.51 -0.87
CA MET C 1059 -5.21 -22.06 0.53
C MET C 1059 -4.26 -20.90 0.85
N ASP C 1060 -2.98 -21.05 0.53
CA ASP C 1060 -1.91 -20.19 1.08
C ASP C 1060 -1.94 -20.19 2.61
N TRP C 1061 -1.71 -21.39 3.16
CA TRP C 1061 -1.66 -21.71 4.58
C TRP C 1061 -1.51 -20.56 5.59
N ILE C 1062 -0.43 -19.80 5.50
CA ILE C 1062 -0.09 -18.83 6.56
C ILE C 1062 -1.03 -17.63 6.51
N PHE C 1063 -1.01 -16.89 5.39
CA PHE C 1063 -1.87 -15.72 5.27
C PHE C 1063 -3.31 -16.09 4.92
N HIS C 1064 -3.55 -17.33 4.53
CA HIS C 1064 -4.85 -17.85 4.11
C HIS C 1064 -5.65 -16.85 3.29
N THR C 1065 -5.06 -16.48 2.16
CA THR C 1065 -5.74 -15.84 1.06
C THR C 1065 -6.18 -16.92 0.07
N ILE C 1066 -7.24 -16.64 -0.67
CA ILE C 1066 -7.80 -17.60 -1.63
C ILE C 1066 -7.38 -17.07 -3.00
N LYS C 1067 -6.25 -17.57 -3.48
CA LYS C 1067 -5.76 -17.21 -4.80
C LYS C 1067 -6.39 -18.04 -5.91
N GLN C 1068 -6.93 -19.22 -5.57
CA GLN C 1068 -7.55 -20.11 -6.56
C GLN C 1068 -6.51 -20.53 -7.61
N MET D 5 -49.14 4.69 -16.79
CA MET D 5 -49.61 3.68 -15.84
C MET D 5 -49.34 2.27 -16.36
N SER D 6 -48.50 1.53 -15.65
CA SER D 6 -48.15 0.17 -16.06
C SER D 6 -47.80 -0.64 -14.82
N LEU D 7 -47.21 -1.83 -15.04
CA LEU D 7 -46.78 -2.67 -13.94
C LEU D 7 -45.47 -2.18 -13.34
N GLN D 8 -44.54 -1.73 -14.18
CA GLN D 8 -43.23 -1.25 -13.73
C GLN D 8 -42.97 0.07 -14.45
N ASP D 9 -43.14 1.19 -13.74
CA ASP D 9 -42.93 2.51 -14.31
C ASP D 9 -41.61 3.13 -13.92
N ALA D 10 -41.11 2.82 -12.72
CA ALA D 10 -39.91 3.44 -12.15
C ALA D 10 -40.14 4.90 -11.81
N GLU D 11 -41.39 5.27 -11.53
CA GLU D 11 -41.73 6.58 -10.98
C GLU D 11 -41.93 6.55 -9.47
N TRP D 12 -42.45 5.43 -8.94
CA TRP D 12 -42.52 5.19 -7.49
C TRP D 12 -42.50 3.69 -7.19
N TYR D 13 -41.91 2.91 -8.10
CA TYR D 13 -41.84 1.46 -8.01
C TYR D 13 -40.38 1.04 -7.98
N TRP D 14 -40.03 0.16 -7.05
CA TRP D 14 -38.72 -0.48 -6.97
C TRP D 14 -38.88 -1.99 -7.12
N GLY D 15 -37.76 -2.69 -7.17
CA GLY D 15 -37.78 -4.13 -7.36
C GLY D 15 -38.17 -4.90 -6.12
N ASP D 16 -37.34 -5.86 -5.72
CA ASP D 16 -37.54 -6.62 -4.49
C ASP D 16 -36.74 -6.06 -3.33
N ILE D 17 -36.58 -4.74 -3.28
CA ILE D 17 -35.81 -4.09 -2.22
C ILE D 17 -36.37 -4.50 -0.87
N SER D 18 -35.46 -4.88 0.04
CA SER D 18 -35.83 -5.40 1.34
C SER D 18 -36.37 -4.30 2.23
N ARG D 19 -36.83 -4.68 3.43
CA ARG D 19 -37.27 -3.71 4.41
C ARG D 19 -36.12 -2.85 4.91
N GLU D 20 -34.88 -3.35 4.81
CA GLU D 20 -33.72 -2.55 5.21
C GLU D 20 -33.52 -1.35 4.28
N GLU D 21 -33.93 -1.46 3.02
CA GLU D 21 -33.80 -0.36 2.07
C GLU D 21 -35.15 0.26 1.77
N VAL D 22 -35.92 0.57 2.82
CA VAL D 22 -37.21 1.22 2.70
C VAL D 22 -37.28 2.34 3.73
N ASN D 23 -37.09 2.00 5.01
CA ASN D 23 -37.00 3.01 6.06
C ASN D 23 -35.98 4.08 5.71
N GLU D 24 -34.88 3.67 5.07
CA GLU D 24 -33.80 4.58 4.72
C GLU D 24 -34.09 5.37 3.45
N LYS D 25 -35.06 4.93 2.64
CA LYS D 25 -35.49 5.67 1.46
C LYS D 25 -36.57 6.71 1.75
N LEU D 26 -37.11 6.75 2.97
CA LEU D 26 -38.10 7.75 3.35
C LEU D 26 -37.93 8.14 4.82
N ARG D 27 -36.69 8.31 5.26
CA ARG D 27 -36.41 8.62 6.66
C ARG D 27 -36.50 10.12 6.93
N ASP D 28 -37.14 10.45 8.06
CA ASP D 28 -37.35 11.83 8.50
C ASP D 28 -38.10 12.65 7.46
N THR D 29 -39.22 12.10 6.98
CA THR D 29 -40.05 12.76 5.98
C THR D 29 -41.46 12.99 6.50
N ALA D 30 -42.21 13.82 5.76
CA ALA D 30 -43.57 14.21 6.09
C ALA D 30 -44.57 13.13 5.67
N ASP D 31 -45.83 13.34 6.04
CA ASP D 31 -46.93 12.44 5.70
C ASP D 31 -47.17 12.40 4.20
N GLY D 32 -46.77 11.32 3.54
CA GLY D 32 -47.00 11.18 2.12
C GLY D 32 -46.11 10.17 1.44
N THR D 33 -44.78 10.34 1.59
CA THR D 33 -43.76 9.53 0.95
C THR D 33 -44.06 8.04 1.04
N PHE D 34 -44.28 7.40 -0.11
CA PHE D 34 -44.71 6.01 -0.16
C PHE D 34 -43.93 5.30 -1.26
N LEU D 35 -43.96 3.97 -1.25
CA LEU D 35 -43.36 3.24 -2.37
C LEU D 35 -43.95 1.84 -2.44
N VAL D 36 -43.77 1.22 -3.61
CA VAL D 36 -44.34 -0.07 -3.92
C VAL D 36 -43.24 -1.13 -3.90
N ARG D 37 -43.57 -2.30 -3.35
CA ARG D 37 -42.60 -3.36 -3.11
C ARG D 37 -43.17 -4.68 -3.64
N ASP D 38 -42.53 -5.80 -3.29
CA ASP D 38 -43.02 -7.12 -3.63
C ASP D 38 -43.19 -7.96 -2.36
N ALA D 39 -43.92 -9.06 -2.50
CA ALA D 39 -44.32 -9.93 -1.40
C ALA D 39 -43.75 -11.33 -1.59
N SER D 40 -44.03 -12.19 -0.62
CA SER D 40 -43.52 -13.54 -0.62
C SER D 40 -44.29 -14.43 -1.59
N ASP D 46 -48.12 -11.61 -5.03
CA ASP D 46 -48.64 -10.52 -4.22
C ASP D 46 -47.69 -9.32 -4.24
N TYR D 47 -48.19 -8.16 -3.86
CA TYR D 47 -47.38 -6.94 -3.79
C TYR D 47 -47.70 -6.21 -2.49
N THR D 48 -46.86 -5.22 -2.15
CA THR D 48 -46.99 -4.50 -0.90
C THR D 48 -46.81 -3.00 -1.12
N LEU D 49 -47.44 -2.20 -0.27
CA LEU D 49 -47.34 -0.75 -0.31
C LEU D 49 -46.85 -0.25 1.04
N THR D 50 -45.73 0.48 1.03
CA THR D 50 -45.21 1.13 2.22
C THR D 50 -45.65 2.59 2.24
N LEU D 51 -46.16 3.03 3.39
CA LEU D 51 -46.82 4.31 3.54
C LEU D 51 -46.35 4.96 4.83
N ARG D 52 -46.55 6.27 4.95
CA ARG D 52 -46.14 7.01 6.14
C ARG D 52 -47.26 7.92 6.62
N LYS D 53 -47.63 7.79 7.89
CA LYS D 53 -48.59 8.66 8.54
C LYS D 53 -48.64 8.30 10.03
N GLY D 54 -49.04 9.28 10.84
CA GLY D 54 -49.06 9.08 12.28
C GLY D 54 -47.69 8.99 12.92
N GLY D 55 -46.66 9.46 12.23
CA GLY D 55 -45.29 9.31 12.69
C GLY D 55 -44.77 7.89 12.69
N ASN D 56 -45.20 7.06 11.74
CA ASN D 56 -44.79 5.66 11.69
C ASN D 56 -44.62 5.23 10.24
N ASN D 57 -44.12 4.00 10.06
CA ASN D 57 -43.94 3.39 8.75
C ASN D 57 -44.94 2.24 8.68
N LYS D 58 -45.99 2.43 7.88
CA LYS D 58 -47.09 1.48 7.77
C LYS D 58 -46.94 0.61 6.52
N LEU D 59 -47.58 -0.56 6.58
CA LEU D 59 -47.44 -1.60 5.57
C LEU D 59 -48.83 -2.14 5.23
N ILE D 60 -49.22 -2.05 3.95
CA ILE D 60 -50.52 -2.57 3.51
C ILE D 60 -50.29 -3.51 2.32
N LYS D 61 -50.88 -4.70 2.39
CA LYS D 61 -50.71 -5.71 1.35
C LYS D 61 -51.77 -5.59 0.28
N ILE D 62 -51.41 -5.97 -0.95
CA ILE D 62 -52.32 -5.96 -2.10
C ILE D 62 -52.53 -7.41 -2.53
N PHE D 63 -53.72 -7.94 -2.26
CA PHE D 63 -54.07 -9.29 -2.64
C PHE D 63 -54.49 -9.36 -4.11
N HIS D 64 -53.83 -10.21 -4.88
CA HIS D 64 -54.17 -10.41 -6.29
C HIS D 64 -54.70 -11.84 -6.44
N ARG D 65 -56.03 -11.96 -6.55
CA ARG D 65 -56.69 -13.24 -6.73
C ARG D 65 -57.80 -13.12 -7.76
N ASP D 66 -57.83 -14.08 -8.70
CA ASP D 66 -58.84 -14.13 -9.77
C ASP D 66 -58.68 -12.94 -10.72
N GLY D 67 -57.44 -12.53 -10.98
CA GLY D 67 -57.14 -11.41 -11.87
C GLY D 67 -57.59 -10.04 -11.39
N LYS D 68 -57.37 -9.74 -10.12
CA LYS D 68 -57.82 -8.50 -9.52
C LYS D 68 -56.77 -7.96 -8.56
N TYR D 69 -56.84 -6.65 -8.30
CA TYR D 69 -55.97 -5.97 -7.35
C TYR D 69 -56.80 -5.03 -6.49
N GLY D 70 -56.45 -4.95 -5.21
CA GLY D 70 -57.18 -4.07 -4.30
C GLY D 70 -56.65 -4.21 -2.88
N PHE D 71 -57.24 -3.40 -2.00
CA PHE D 71 -56.95 -3.45 -0.56
C PHE D 71 -58.08 -4.10 0.23
N SER D 72 -59.24 -3.44 0.29
CA SER D 72 -60.30 -3.76 1.24
C SER D 72 -61.10 -5.00 0.85
N ASP D 73 -62.07 -5.35 1.69
CA ASP D 73 -63.00 -6.43 1.36
C ASP D 73 -63.81 -6.11 0.11
N PRO D 74 -64.48 -4.93 -0.02
CA PRO D 74 -65.14 -4.63 -1.30
C PRO D 74 -64.12 -4.19 -2.35
N LEU D 75 -63.78 -5.09 -3.27
CA LEU D 75 -62.85 -4.73 -4.32
C LEU D 75 -63.44 -3.61 -5.17
N THR D 76 -62.70 -2.50 -5.27
CA THR D 76 -63.13 -1.34 -6.05
C THR D 76 -62.06 -0.93 -7.05
N PHE D 77 -61.19 -1.86 -7.44
CA PHE D 77 -60.16 -1.62 -8.43
C PHE D 77 -59.96 -2.90 -9.23
N SER D 78 -59.41 -2.76 -10.43
CA SER D 78 -59.07 -3.92 -11.24
C SER D 78 -57.75 -3.69 -11.98
N SER D 79 -56.81 -3.04 -11.32
CA SER D 79 -55.51 -2.74 -11.91
C SER D 79 -54.56 -2.29 -10.80
N VAL D 80 -53.29 -2.14 -11.16
CA VAL D 80 -52.26 -1.82 -10.19
C VAL D 80 -52.22 -0.32 -9.92
N VAL D 81 -52.25 0.50 -10.97
CA VAL D 81 -52.00 1.93 -10.81
C VAL D 81 -53.26 2.71 -10.44
N GLU D 82 -54.44 2.13 -10.65
CA GLU D 82 -55.67 2.77 -10.20
C GLU D 82 -55.81 2.68 -8.68
N LEU D 83 -55.32 1.57 -8.11
CA LEU D 83 -55.30 1.39 -6.67
C LEU D 83 -54.56 2.53 -5.98
N ILE D 84 -53.42 2.94 -6.53
CA ILE D 84 -52.62 4.00 -5.92
C ILE D 84 -53.32 5.35 -6.08
N ASN D 85 -53.80 5.64 -7.29
CA ASN D 85 -54.36 6.94 -7.62
C ASN D 85 -55.70 7.21 -6.94
N HIS D 86 -56.45 6.17 -6.54
CA HIS D 86 -57.76 6.40 -5.93
C HIS D 86 -57.67 7.30 -4.70
N TYR D 87 -56.96 6.85 -3.67
CA TYR D 87 -56.87 7.64 -2.45
C TYR D 87 -56.02 8.88 -2.64
N ARG D 88 -55.20 8.91 -3.69
CA ARG D 88 -54.35 10.06 -3.98
C ARG D 88 -55.19 11.31 -4.22
N ASN D 89 -56.31 11.17 -4.94
CA ASN D 89 -57.20 12.29 -5.19
C ASN D 89 -58.24 12.41 -4.07
N LEU D 99 -59.31 6.93 8.68
CA LEU D 99 -58.43 8.05 8.36
C LEU D 99 -57.65 7.73 7.09
N ASP D 100 -58.33 7.76 5.94
CA ASP D 100 -57.72 7.44 4.65
C ASP D 100 -57.18 8.75 4.04
N VAL D 101 -56.04 9.18 4.54
CA VAL D 101 -55.40 10.41 4.12
C VAL D 101 -54.62 10.17 2.83
N LYS D 102 -54.50 11.22 2.00
CA LYS D 102 -53.99 11.12 0.65
C LYS D 102 -52.46 10.93 0.63
N LEU D 103 -51.97 10.47 -0.53
CA LEU D 103 -50.54 10.33 -0.79
C LEU D 103 -50.00 11.62 -1.42
N LEU D 104 -48.74 11.93 -1.10
CA LEU D 104 -48.12 13.17 -1.57
C LEU D 104 -46.93 12.94 -2.51
N TYR D 105 -45.75 12.62 -1.94
CA TYR D 105 -44.47 12.64 -2.67
C TYR D 105 -44.16 11.26 -3.23
N PRO D 106 -43.87 11.14 -4.52
CA PRO D 106 -43.44 9.85 -5.06
C PRO D 106 -41.93 9.69 -4.92
N VAL D 107 -41.52 8.44 -4.71
CA VAL D 107 -40.10 8.10 -4.54
C VAL D 107 -39.56 7.69 -5.90
N SER D 108 -38.77 8.58 -6.52
CA SER D 108 -38.26 8.35 -7.86
C SER D 108 -37.17 7.27 -7.87
N LYS D 109 -37.01 6.63 -9.02
CA LYS D 109 -35.95 5.65 -9.26
C LYS D 109 -34.78 6.22 -10.03
N TYR D 110 -35.06 7.04 -11.05
CA TYR D 110 -34.01 7.67 -11.85
C TYR D 110 -33.77 9.05 -11.25
N GLN D 111 -32.99 9.07 -10.16
CA GLN D 111 -32.67 10.30 -9.44
C GLN D 111 -31.17 10.49 -9.60
N GLN D 112 -30.78 11.23 -10.63
CA GLN D 112 -29.38 11.41 -11.01
C GLN D 112 -28.70 10.07 -11.30
N GLU D 122 -22.24 10.81 -22.23
CA GLU D 122 -23.13 9.76 -22.74
C GLU D 122 -23.60 8.81 -21.66
N ALA D 123 -22.66 8.24 -20.90
CA ALA D 123 -22.98 7.30 -19.84
C ALA D 123 -22.31 7.72 -18.53
N VAL D 124 -22.85 7.20 -17.43
CA VAL D 124 -22.44 7.61 -16.09
C VAL D 124 -21.93 6.39 -15.33
N GLY D 125 -20.68 6.01 -15.59
CA GLY D 125 -20.08 4.88 -14.92
C GLY D 125 -18.69 5.15 -14.37
N LYS D 126 -17.83 5.82 -15.15
CA LYS D 126 -16.50 6.15 -14.64
C LYS D 126 -16.56 7.19 -13.53
N LYS D 127 -17.56 8.06 -13.54
CA LYS D 127 -17.72 9.07 -12.49
C LYS D 127 -17.94 8.44 -11.13
N LEU D 128 -18.26 7.15 -11.08
CA LEU D 128 -18.57 6.45 -9.84
C LEU D 128 -17.32 6.04 -9.06
N HIS D 129 -16.13 6.55 -9.38
CA HIS D 129 -14.98 6.30 -8.54
C HIS D 129 -14.55 7.49 -7.69
N GLU D 130 -14.31 8.66 -8.29
CA GLU D 130 -13.82 9.80 -7.52
C GLU D 130 -14.89 10.39 -6.59
N TYR D 131 -16.17 10.18 -6.87
CA TYR D 131 -17.16 10.56 -5.87
C TYR D 131 -17.10 9.65 -4.65
N ASN D 132 -16.53 8.45 -4.81
CA ASN D 132 -16.33 7.55 -3.68
C ASN D 132 -15.07 7.89 -2.91
N THR D 133 -14.07 8.45 -3.59
CA THR D 133 -12.85 8.85 -2.91
C THR D 133 -13.12 9.89 -1.83
N GLN D 134 -14.09 10.79 -2.09
CA GLN D 134 -14.48 11.77 -1.08
C GLN D 134 -15.11 11.10 0.13
N PHE D 135 -16.08 10.22 -0.11
CA PHE D 135 -16.81 9.55 0.96
C PHE D 135 -15.86 8.83 1.91
N GLN D 136 -15.09 7.89 1.37
CA GLN D 136 -14.15 7.11 2.18
C GLN D 136 -13.09 7.99 2.84
N GLU D 137 -12.57 9.00 2.14
CA GLU D 137 -11.50 9.79 2.75
C GLU D 137 -12.01 10.66 3.89
N LYS D 138 -13.18 11.29 3.71
CA LYS D 138 -13.74 12.04 4.82
C LYS D 138 -14.20 11.11 5.93
N SER D 139 -14.51 9.85 5.61
CA SER D 139 -14.83 8.89 6.66
C SER D 139 -13.59 8.55 7.48
N ARG D 140 -12.45 8.33 6.82
CA ARG D 140 -11.20 8.14 7.58
C ARG D 140 -10.87 9.36 8.43
N GLU D 141 -11.02 10.56 7.89
CA GLU D 141 -10.70 11.74 8.70
C GLU D 141 -11.65 11.88 9.89
N TYR D 142 -12.91 11.45 9.72
CA TYR D 142 -13.83 11.44 10.85
C TYR D 142 -13.47 10.36 11.86
N ASP D 143 -12.97 9.21 11.38
CA ASP D 143 -12.54 8.16 12.28
C ASP D 143 -11.29 8.56 13.07
N ARG D 144 -10.39 9.34 12.45
CA ARG D 144 -9.24 9.86 13.20
C ARG D 144 -9.69 10.87 14.24
N LEU D 145 -10.65 11.74 13.87
CA LEU D 145 -11.18 12.68 14.84
C LEU D 145 -11.86 11.97 16.00
N TYR D 146 -12.64 10.92 15.72
CA TYR D 146 -13.30 10.16 16.77
C TYR D 146 -12.30 9.41 17.65
N GLU D 147 -11.20 8.90 17.07
CA GLU D 147 -10.12 8.34 17.87
C GLU D 147 -9.57 9.36 18.84
N GLU D 148 -9.26 10.56 18.37
CA GLU D 148 -8.77 11.58 19.28
C GLU D 148 -9.90 12.31 20.02
N TYR D 149 -11.13 11.83 19.90
CA TYR D 149 -12.27 12.29 20.67
C TYR D 149 -12.58 11.40 21.87
N THR D 150 -12.74 10.10 21.65
CA THR D 150 -13.00 9.18 22.77
C THR D 150 -11.89 9.24 23.81
N ARG D 151 -10.64 9.10 23.36
CA ARG D 151 -9.49 9.17 24.26
C ARG D 151 -9.43 10.51 24.98
N THR D 152 -9.73 11.60 24.28
CA THR D 152 -9.74 12.92 24.92
C THR D 152 -10.77 12.98 26.03
N SER D 153 -12.00 12.55 25.73
CA SER D 153 -13.07 12.57 26.72
C SER D 153 -12.67 11.79 27.98
N GLN D 154 -12.17 10.57 27.77
CA GLN D 154 -11.80 9.74 28.92
C GLN D 154 -10.64 10.35 29.71
N GLU D 155 -9.67 10.94 29.01
CA GLU D 155 -8.58 11.62 29.72
C GLU D 155 -9.12 12.76 30.56
N ILE D 156 -10.16 13.43 30.08
CA ILE D 156 -10.75 14.52 30.87
C ILE D 156 -11.43 13.95 32.12
N GLN D 157 -12.16 12.84 31.97
CA GLN D 157 -12.76 12.20 33.13
C GLN D 157 -11.69 11.83 34.15
N MET D 158 -10.59 11.26 33.67
CA MET D 158 -9.41 10.95 34.50
C MET D 158 -8.97 12.18 35.28
N LYS D 159 -8.71 13.27 34.57
CA LYS D 159 -8.18 14.46 35.23
C LYS D 159 -9.16 15.01 36.26
N ARG D 160 -10.45 15.00 35.94
CA ARG D 160 -11.47 15.46 36.87
C ARG D 160 -11.43 14.67 38.18
N THR D 161 -11.38 13.34 38.07
CA THR D 161 -11.38 12.52 39.28
C THR D 161 -10.09 12.70 40.07
N ALA D 162 -8.96 12.85 39.36
CA ALA D 162 -7.69 13.10 40.02
C ALA D 162 -7.71 14.41 40.79
N ILE D 163 -8.41 15.42 40.24
CA ILE D 163 -8.58 16.69 40.96
C ILE D 163 -9.35 16.47 42.25
N GLU D 164 -10.46 15.71 42.19
CA GLU D 164 -11.19 15.39 43.42
C GLU D 164 -10.26 14.74 44.45
N ALA D 165 -9.39 13.83 43.99
CA ALA D 165 -8.44 13.17 44.87
C ALA D 165 -7.51 14.18 45.52
N PHE D 166 -6.91 15.05 44.71
CA PHE D 166 -6.05 16.11 45.22
C PHE D 166 -6.76 16.93 46.29
N ASN D 167 -8.02 17.29 46.03
CA ASN D 167 -8.81 18.05 47.01
C ASN D 167 -8.82 17.33 48.35
N GLU D 168 -9.17 16.05 48.35
CA GLU D 168 -9.23 15.34 49.64
C GLU D 168 -7.86 15.19 50.28
N THR D 169 -6.82 14.97 49.48
CA THR D 169 -5.46 14.92 50.00
C THR D 169 -5.08 16.21 50.70
N ILE D 170 -5.37 17.34 50.07
CA ILE D 170 -5.09 18.65 50.66
C ILE D 170 -5.83 18.79 51.98
N LYS D 171 -7.11 18.38 52.00
CA LYS D 171 -7.89 18.45 53.24
C LYS D 171 -7.22 17.66 54.36
N ILE D 172 -6.69 16.48 54.03
CA ILE D 172 -6.02 15.65 55.04
C ILE D 172 -4.77 16.35 55.57
N PHE D 173 -3.93 16.86 54.66
CA PHE D 173 -2.72 17.55 55.12
C PHE D 173 -3.06 18.81 55.92
N GLU D 174 -4.13 19.52 55.57
CA GLU D 174 -4.54 20.68 56.35
C GLU D 174 -5.01 20.27 57.74
N GLU D 175 -5.67 19.12 57.86
CA GLU D 175 -6.04 18.65 59.19
C GLU D 175 -4.80 18.25 59.98
N GLN D 176 -3.80 17.68 59.31
CA GLN D 176 -2.53 17.42 60.00
C GLN D 176 -1.88 18.70 60.47
N CYS D 177 -1.94 19.77 59.67
CA CYS D 177 -1.42 21.06 60.10
C CYS D 177 -2.20 21.62 61.29
N GLN D 178 -3.51 21.45 61.29
CA GLN D 178 -4.30 21.88 62.45
C GLN D 178 -3.88 21.10 63.69
N THR D 179 -3.69 19.79 63.53
CA THR D 179 -3.23 18.96 64.64
C THR D 179 -1.83 19.38 65.09
N GLN D 180 -0.99 19.78 64.15
CA GLN D 180 0.36 20.25 64.47
C GLN D 180 0.31 21.55 65.26
N GLU D 181 -0.24 22.60 64.67
CA GLU D 181 -0.32 23.88 65.36
C GLU D 181 -1.06 23.77 66.70
N ARG D 182 -1.87 22.72 66.88
CA ARG D 182 -2.55 22.51 68.15
C ARG D 182 -1.66 21.81 69.19
N TYR D 183 -1.21 20.59 68.88
CA TYR D 183 -0.41 19.80 69.81
C TYR D 183 0.97 20.41 70.02
N SER D 184 1.57 20.94 68.96
CA SER D 184 2.94 21.46 69.02
C SER D 184 3.01 22.68 69.94
N LYS D 185 2.01 23.56 69.89
CA LYS D 185 2.02 24.75 70.74
C LYS D 185 2.10 24.38 72.22
N GLU D 186 1.33 23.37 72.64
CA GLU D 186 1.28 22.96 74.04
C GLU D 186 2.64 22.52 74.58
N TYR D 187 3.56 22.09 73.71
CA TYR D 187 4.91 21.72 74.13
C TYR D 187 5.95 22.79 73.84
N ILE D 188 5.89 23.40 72.66
CA ILE D 188 6.76 24.53 72.32
C ILE D 188 6.72 25.59 73.42
N GLU D 189 5.51 25.93 73.89
CA GLU D 189 5.36 26.90 74.96
C GLU D 189 5.64 26.28 76.33
N LYS D 190 6.57 25.33 76.39
CA LYS D 190 7.02 24.83 77.69
C LYS D 190 8.54 24.93 77.74
N PHE D 191 9.17 24.80 76.58
CA PHE D 191 10.60 25.10 76.47
C PHE D 191 10.85 26.59 76.32
N LYS D 192 9.86 27.35 75.85
CA LYS D 192 9.96 28.81 75.86
C LYS D 192 10.14 29.32 77.28
N ARG D 193 9.48 28.68 78.24
CA ARG D 193 9.68 28.98 79.66
C ARG D 193 10.89 28.26 80.24
N GLU D 194 11.33 27.17 79.61
CA GLU D 194 12.41 26.35 80.15
C GLU D 194 13.40 26.12 79.01
N GLY D 195 14.12 27.19 78.70
CA GLY D 195 15.24 27.30 77.78
C GLY D 195 15.66 26.12 76.93
N ASN D 196 15.05 25.96 75.76
CA ASN D 196 15.48 24.89 74.86
C ASN D 196 15.15 25.21 73.41
N GLU D 197 16.00 26.02 72.78
CA GLU D 197 15.78 26.47 71.40
C GLU D 197 15.83 25.29 70.43
N LYS D 198 16.92 24.54 70.46
CA LYS D 198 17.20 23.46 69.51
C LYS D 198 16.33 22.25 69.72
N GLU D 199 15.31 22.38 70.58
CA GLU D 199 14.19 21.45 70.64
C GLU D 199 13.00 21.91 69.82
N ILE D 200 12.63 23.20 69.95
CA ILE D 200 11.57 23.75 69.11
C ILE D 200 12.03 23.81 67.67
N GLN D 201 13.34 23.89 67.45
CA GLN D 201 13.85 23.92 66.08
C GLN D 201 13.58 22.60 65.35
N ARG D 202 13.57 21.48 66.07
CA ARG D 202 13.19 20.21 65.45
C ARG D 202 11.73 20.19 65.04
N ILE D 203 10.85 20.66 65.93
CA ILE D 203 9.42 20.70 65.62
C ILE D 203 9.16 21.63 64.44
N MET D 204 9.89 22.74 64.37
CA MET D 204 9.72 23.66 63.25
C MET D 204 10.31 23.09 61.97
N HIS D 205 11.42 22.36 62.05
CA HIS D 205 11.95 21.65 60.89
C HIS D 205 10.93 20.65 60.34
N ASN D 206 10.26 19.91 61.23
CA ASN D 206 9.22 18.99 60.81
C ASN D 206 8.05 19.72 60.17
N TYR D 207 7.55 20.76 60.85
CA TYR D 207 6.48 21.59 60.28
C TYR D 207 6.88 22.18 58.94
N ASP D 208 8.16 22.53 58.75
CA ASP D 208 8.61 23.05 57.47
C ASP D 208 8.51 21.99 56.39
N LYS D 209 8.90 20.75 56.71
CA LYS D 209 8.76 19.66 55.76
C LYS D 209 7.30 19.49 55.36
N LEU D 210 6.41 19.63 56.34
CA LEU D 210 4.98 19.50 56.10
C LEU D 210 4.46 20.61 55.20
N LYS D 211 4.78 21.86 55.53
CA LYS D 211 4.31 23.02 54.76
C LYS D 211 4.86 23.00 53.34
N SER D 212 6.12 22.58 53.18
CA SER D 212 6.71 22.47 51.86
C SER D 212 5.99 21.41 51.02
N ARG D 213 5.73 20.24 51.62
CA ARG D 213 5.03 19.21 50.85
C ARG D 213 3.58 19.59 50.56
N ILE D 214 3.04 20.55 51.33
CA ILE D 214 1.68 21.00 51.07
C ILE D 214 1.66 21.97 49.89
N SER D 215 2.59 22.92 49.89
CA SER D 215 2.67 23.84 48.76
C SER D 215 2.98 23.09 47.47
N GLU D 216 3.81 22.04 47.54
CA GLU D 216 4.09 21.28 46.32
C GLU D 216 2.86 20.52 45.84
N ILE D 217 2.06 19.97 46.76
CA ILE D 217 0.84 19.29 46.32
C ILE D 217 -0.15 20.28 45.70
N ILE D 218 -0.30 21.45 46.33
CA ILE D 218 -1.16 22.49 45.77
C ILE D 218 -0.71 22.86 44.35
N ASP D 219 0.61 22.98 44.17
CA ASP D 219 1.16 23.29 42.86
C ASP D 219 0.80 22.21 41.84
N SER D 220 0.95 20.94 42.23
CA SER D 220 0.60 19.85 41.32
C SER D 220 -0.89 19.87 40.97
N ARG D 221 -1.74 20.26 41.92
CA ARG D 221 -3.17 20.30 41.65
C ARG D 221 -3.52 21.41 40.67
N ARG D 222 -2.93 22.59 40.86
CA ARG D 222 -3.17 23.68 39.92
C ARG D 222 -2.62 23.35 38.52
N ARG D 223 -1.47 22.67 38.47
CA ARG D 223 -0.92 22.22 37.18
C ARG D 223 -1.86 21.24 36.48
N LEU D 224 -2.51 20.35 37.26
CA LEU D 224 -3.45 19.42 36.67
C LEU D 224 -4.71 20.13 36.19
N GLU D 225 -5.05 21.26 36.80
CA GLU D 225 -6.17 22.05 36.26
C GLU D 225 -5.77 22.76 34.98
N GLU D 226 -4.50 23.18 34.86
CA GLU D 226 -4.03 23.72 33.59
C GLU D 226 -4.16 22.70 32.46
N ASP D 227 -3.69 21.47 32.71
CA ASP D 227 -3.85 20.42 31.70
C ASP D 227 -5.32 20.10 31.46
N LEU D 228 -6.14 20.20 32.51
CA LEU D 228 -7.58 19.99 32.40
C LEU D 228 -8.19 20.94 31.38
N LYS D 229 -7.88 22.23 31.48
CA LYS D 229 -8.48 23.18 30.56
C LYS D 229 -7.86 23.11 29.17
N LYS D 230 -6.58 22.75 29.06
CA LYS D 230 -6.02 22.47 27.74
C LYS D 230 -6.84 21.41 27.00
N GLN D 231 -7.10 20.29 27.68
CA GLN D 231 -7.84 19.24 26.99
C GLN D 231 -9.33 19.55 26.90
N ALA D 232 -9.86 20.42 27.77
CA ALA D 232 -11.25 20.83 27.66
C ALA D 232 -11.49 21.73 26.46
N ALA D 233 -10.46 22.46 26.04
CA ALA D 233 -10.58 23.21 24.78
C ALA D 233 -10.39 22.29 23.57
N GLU D 234 -9.37 21.42 23.63
CA GLU D 234 -9.16 20.49 22.51
C GLU D 234 -10.38 19.63 22.24
N TYR D 235 -11.09 19.23 23.31
CA TYR D 235 -12.32 18.44 23.18
C TYR D 235 -13.34 19.16 22.30
N ARG D 236 -13.59 20.44 22.60
CA ARG D 236 -14.59 21.19 21.84
C ARG D 236 -14.13 21.39 20.39
N GLU D 237 -12.81 21.53 20.17
CA GLU D 237 -12.32 21.61 18.80
C GLU D 237 -12.62 20.34 18.01
N ILE D 238 -12.38 19.18 18.62
CA ILE D 238 -12.66 17.91 17.95
C ILE D 238 -14.15 17.78 17.64
N ASP D 239 -15.00 18.19 18.58
CA ASP D 239 -16.45 18.09 18.36
C ASP D 239 -16.88 18.99 17.20
N LYS D 240 -16.31 20.20 17.12
CA LYS D 240 -16.63 21.11 16.03
C LYS D 240 -16.27 20.50 14.68
N ARG D 241 -15.04 19.95 14.57
CA ARG D 241 -14.61 19.36 13.31
C ARG D 241 -15.50 18.17 12.91
N MET D 242 -15.90 17.34 13.89
CA MET D 242 -16.80 16.23 13.58
C MET D 242 -18.16 16.73 13.08
N ASN D 243 -18.69 17.77 13.74
CA ASN D 243 -19.98 18.33 13.33
C ASN D 243 -19.89 18.95 11.96
N SER D 244 -18.69 19.39 11.55
CA SER D 244 -18.54 19.91 10.20
C SER D 244 -18.52 18.78 9.17
N ILE D 245 -17.83 17.68 9.46
CA ILE D 245 -17.68 16.65 8.43
C ILE D 245 -18.97 15.85 8.23
N LYS D 246 -19.71 15.54 9.30
CA LYS D 246 -20.81 14.58 9.18
C LYS D 246 -21.89 14.96 8.17
N PRO D 247 -22.47 16.17 8.19
CA PRO D 247 -23.58 16.48 7.26
C PRO D 247 -23.22 16.28 5.80
N ASP D 248 -21.96 16.48 5.40
CA ASP D 248 -21.61 16.24 4.01
C ASP D 248 -21.58 14.76 3.71
N LEU D 249 -21.00 13.96 4.61
CA LEU D 249 -20.93 12.51 4.42
C LEU D 249 -22.31 11.89 4.27
N ILE D 250 -23.31 12.43 4.97
CA ILE D 250 -24.65 11.83 4.84
C ILE D 250 -25.17 11.98 3.41
N GLN D 251 -24.85 13.11 2.74
CA GLN D 251 -25.23 13.28 1.34
C GLN D 251 -24.28 12.55 0.40
N LEU D 252 -23.02 12.36 0.81
CA LEU D 252 -22.11 11.53 0.03
C LEU D 252 -22.51 10.07 0.08
N ARG D 253 -23.39 9.69 1.01
CA ARG D 253 -24.01 8.38 0.95
C ARG D 253 -25.04 8.35 -0.18
N LYS D 254 -25.77 9.46 -0.39
CA LYS D 254 -26.78 9.52 -1.45
C LYS D 254 -26.15 9.66 -2.82
N THR D 255 -24.92 10.17 -2.89
CA THR D 255 -24.18 10.22 -4.15
C THR D 255 -23.66 8.83 -4.52
N ARG D 256 -23.63 7.91 -3.55
CA ARG D 256 -23.09 6.57 -3.73
C ARG D 256 -24.19 5.53 -3.99
N ASP D 257 -25.33 5.99 -4.51
CA ASP D 257 -26.42 5.14 -4.95
C ASP D 257 -26.77 5.37 -6.42
N GLN D 258 -25.94 6.13 -7.14
CA GLN D 258 -26.22 6.55 -8.51
C GLN D 258 -25.76 5.47 -9.47
N TYR D 259 -26.69 4.59 -9.88
CA TYR D 259 -26.34 3.46 -10.72
C TYR D 259 -27.44 3.19 -11.73
N LEU D 260 -27.16 2.22 -12.62
CA LEU D 260 -28.17 1.60 -13.46
C LEU D 260 -28.30 0.17 -12.94
N MET D 261 -27.76 -0.83 -13.63
CA MET D 261 -27.85 -2.23 -13.23
C MET D 261 -26.65 -3.01 -13.77
N TRP D 262 -25.44 -2.55 -13.47
CA TRP D 262 -24.21 -3.25 -13.83
C TRP D 262 -23.54 -3.79 -12.56
N LEU D 263 -23.44 -5.12 -12.48
CA LEU D 263 -23.04 -5.77 -11.24
C LEU D 263 -21.54 -5.66 -10.97
N THR D 264 -20.71 -5.79 -12.01
CA THR D 264 -19.27 -5.67 -11.83
C THR D 264 -18.89 -4.23 -11.56
N GLN D 265 -18.03 -4.01 -10.55
CA GLN D 265 -17.62 -2.68 -10.13
C GLN D 265 -16.13 -2.48 -10.39
N LYS D 266 -15.64 -1.31 -9.99
CA LYS D 266 -14.22 -0.96 -10.04
C LYS D 266 -13.54 -1.35 -11.36
C10 YO4 E . 23.91 32.42 -13.47
C14 YO4 E . 25.30 30.52 -12.60
C19 YO4 E . 21.05 31.23 -8.49
C20 YO4 E . 20.43 31.42 -7.26
C22 YO4 E . 20.32 32.49 -5.01
C23 YO4 E . 22.16 32.92 -6.65
C1 YO4 E . 26.38 35.03 -4.59
C11 YO4 E . 25.04 31.44 -13.79
C12 YO4 E . 26.32 32.23 -14.09
C13 YO4 E . 24.68 30.59 -15.01
C15 YO4 E . 24.01 29.75 -12.31
C16 YO4 E . 21.11 30.15 -10.72
C17 YO4 E . 20.54 29.24 -11.76
C18 YO4 E . 20.45 30.32 -9.49
C2 YO4 E . 26.28 33.60 -4.90
C21 YO4 E . 20.98 32.27 -6.34
C24 YO4 E . 25.44 31.72 -6.12
C25 YO4 E . 26.20 30.88 -5.34
C26 YO4 E . 27.01 31.38 -4.34
C27 YO4 E . 27.04 32.73 -4.12
C3 YO4 E . 25.45 33.10 -5.93
C4 YO4 E . 24.10 33.56 -8.03
C5 YO4 E . 23.78 34.73 -8.96
C6 YO4 E . 22.80 32.76 -7.85
C7 YO4 E . 22.24 31.89 -8.80
C8 YO4 E . 22.26 30.84 -10.92
C9 YO4 E . 22.64 31.63 -13.21
N1 YO4 E . 24.67 33.95 -6.73
N2 YO4 E . 22.95 30.74 -12.10
O1 YO4 E . 26.58 35.39 -3.45
O2 YO4 E . 26.30 35.93 -5.58
O3 YO4 E . 22.79 31.66 -10.00
O4 YO4 E . 19.42 29.72 -9.26
C13 YNZ F . 10.44 20.09 -21.25
C17 YNZ F . 9.06 20.52 -23.27
C16 YNZ F . 11.55 20.59 -23.41
C15 YNZ F . 10.34 22.39 -22.19
C11 YNZ F . 9.75 19.23 -19.28
C12 YNZ F . 10.98 18.66 -19.33
C1 YNZ F . 1.25 20.75 -14.58
C10 YNZ F . 10.17 17.93 -16.38
C14 YNZ F . 10.34 20.90 -22.52
C2 YNZ F . 1.54 19.30 -14.12
C3 YNZ F . 3.05 19.16 -14.43
C4 YNZ F . 2.16 20.92 -15.81
C5 YNZ F . 2.59 22.37 -15.97
C6 YNZ F . 4.49 20.01 -16.31
C7 YNZ F . 6.72 19.05 -16.67
C8 YNZ F . 8.76 19.07 -18.17
C9 YNZ F . 8.90 18.53 -16.94
N1 YNZ F . 3.33 20.03 -15.59
N2 YNZ F . 3.47 22.91 -15.10
N3 YNZ F . 5.49 19.14 -16.00
N4 YNZ F . 7.81 18.54 -16.19
N5 YNZ F . 9.50 20.00 -20.35
O1 YNZ F . 2.15 23.05 -16.88
O2 YNZ F . 4.60 20.78 -17.25
S1 YNZ F . 7.09 19.61 -18.31
S2 YNZ F . 11.80 19.16 -20.82
C10 YO4 G . -19.13 -22.89 5.21
C14 YO4 G . -21.12 -23.21 6.64
C19 YO4 G . -18.18 -28.68 6.49
C20 YO4 G . -17.85 -30.02 6.34
C22 YO4 G . -17.96 -32.14 5.03
C23 YO4 G . -19.05 -30.05 4.28
C1 YO4 G . -22.31 -30.59 0.40
C11 YO4 G . -20.15 -22.17 6.09
C12 YO4 G . -20.93 -21.15 5.27
C13 YO4 G . -19.43 -21.45 7.23
C15 YO4 G . -20.37 -24.21 7.52
C16 YO4 G . -18.07 -26.58 7.76
C17 YO4 G . -17.60 -25.82 8.97
C18 YO4 G . -17.72 -27.93 7.66
C2 YO4 G . -22.77 -30.52 1.80
C21 YO4 G . -18.29 -30.69 5.23
C24 YO4 G . -22.55 -29.82 4.08
C25 YO4 G . -23.74 -30.44 4.39
C26 YO4 G . -24.45 -31.11 3.41
C27 YO4 G . -23.98 -31.14 2.12
C3 YO4 G . -22.03 -29.84 2.78
C4 YO4 G . -20.23 -28.12 3.28
C5 YO4 G . -19.33 -27.15 2.50
C6 YO4 G . -19.38 -28.72 4.40
C7 YO4 G . -18.95 -28.02 5.52
C8 YO4 G . -18.83 -26.03 6.78
C9 YO4 G . -18.30 -23.76 6.13
N1 YO4 G . -20.83 -29.21 2.47
N2 YO4 G . -19.18 -24.71 6.82
O1 YO4 G . -23.04 -30.22 -0.50
O2 YO4 G . -21.10 -31.09 0.12
O3 YO4 G . -19.24 -26.71 5.71
O4 YO4 G . -17.05 -28.46 8.53
C13 YNZ H . -8.96 -18.84 21.69
C17 YNZ H . -6.71 -17.74 21.78
C16 YNZ H . -8.76 -16.37 21.59
C15 YNZ H . -7.97 -17.78 19.66
C11 YNZ H . -9.33 -20.90 22.51
C12 YNZ H . -10.62 -20.50 22.44
C1 YNZ H . -2.50 -27.80 23.84
C10 YNZ H . -10.94 -23.28 23.90
C14 YNZ H . -8.12 -17.70 21.18
C2 YNZ H . -3.50 -28.21 24.95
C3 YNZ H . -4.81 -27.55 24.42
C4 YNZ H . -2.95 -26.37 23.51
C5 YNZ H . -2.66 -26.05 22.06
C6 YNZ H . -5.20 -25.25 23.52
C7 YNZ H . -7.45 -24.26 23.58
C8 YNZ H . -8.82 -22.22 22.98
C9 YNZ H . -9.47 -23.26 23.58
N1 YNZ H . -4.39 -26.29 23.79
N2 YNZ H . -3.44 -26.56 21.10
N3 YNZ H . -6.53 -25.30 23.84
N4 YNZ H . -8.72 -24.31 23.87
N5 YNZ H . -8.48 -19.97 22.09
O1 YNZ H . -1.74 -25.32 21.77
O2 YNZ H . -4.72 -24.27 23.00
S1 YNZ H . -7.14 -22.70 22.83
S2 YNZ H . -10.67 -18.84 21.81
#